data_6BUP
#
_entry.id   6BUP
#
_cell.length_a   81.070
_cell.length_b   89.420
_cell.length_c   198.550
_cell.angle_alpha   90.00
_cell.angle_beta   90.00
_cell.angle_gamma   90.00
#
_symmetry.space_group_name_H-M   'P 21 21 21'
#
loop_
_entity.id
_entity.type
_entity.pdbx_description
1 polymer 'Cyanuric acid amidohydrolase'
2 non-polymer 'MALONATE ION'
3 non-polymer 'CALCIUM ION'
4 non-polymer 1,3-PROPANDIOL
5 non-polymer DI(HYDROXYETHYL)ETHER
6 non-polymer 1,3,5-triazine-2,4,6-triol
7 non-polymer 'CHLORIDE ION'
8 water water
#
_entity_poly.entity_id   1
_entity_poly.type   'polypeptide(L)'
_entity_poly.pdbx_seq_one_letter_code
;HMQKVEVFRIPTASPDDISGLATLIDSGKINPAEIVAILGKTEGNGCVNDFTRGFATQSLAMYLAEKLGISREEVVKKVA
FIMSGGTEGVMTPHITVFVRKDVAAPAAPGKRLAVGVAFTRDFLPEELGRMEQVNEVARAVKEAMKDAQIDDPRDVHFVQ
IKCPLLTAERIEDAKRRGKDVVVNDTYKSMAYSRGASALGVALALGEISADKISNEAICHDWNLYSSVASTSAGVELLND
EIIVVGNSTNSASDLVIGHSVMKDAIDADAVRAALKDAGIRSDDEMDRIVNVLAKAEAASSGTVRGRRNTMLDDSDINHT
RSARAVVNAVIASVVGDPMVYVSGGAEHQGPDGGGPIAVIARV
;
_entity_poly.pdbx_strand_id   A,B,C,D
#
# COMPACT_ATOMS: atom_id res chain seq x y z
N HIS A 1 -11.91 -2.51 -50.46
CA HIS A 1 -11.26 -1.19 -50.27
C HIS A 1 -12.03 -0.36 -49.24
N MET A 2 -13.30 -0.72 -49.02
CA MET A 2 -14.14 -0.05 -48.03
C MET A 2 -14.18 -0.90 -46.76
N GLN A 3 -13.85 -0.29 -45.63
CA GLN A 3 -13.78 -1.00 -44.36
C GLN A 3 -14.83 -0.43 -43.43
N LYS A 4 -15.40 -1.29 -42.58
CA LYS A 4 -16.38 -0.89 -41.60
C LYS A 4 -15.88 -1.34 -40.25
N VAL A 5 -15.83 -0.42 -39.29
CA VAL A 5 -15.33 -0.73 -37.95
C VAL A 5 -16.51 -0.73 -36.97
N GLU A 6 -16.60 -1.79 -36.16
CA GLU A 6 -17.58 -1.90 -35.09
C GLU A 6 -16.81 -2.04 -33.80
N VAL A 7 -17.31 -1.41 -32.76
CA VAL A 7 -16.60 -1.32 -31.48
C VAL A 7 -17.58 -1.68 -30.38
N PHE A 8 -17.20 -2.64 -29.53
CA PHE A 8 -18.04 -3.19 -28.47
C PHE A 8 -17.35 -2.94 -27.13
N ARG A 9 -18.00 -2.17 -26.25
CA ARG A 9 -17.50 -1.97 -24.90
C ARG A 9 -18.22 -2.98 -24.00
N ILE A 10 -17.47 -3.87 -23.37
CA ILE A 10 -17.96 -5.07 -22.71
C ILE A 10 -17.55 -5.07 -21.25
N PRO A 11 -18.49 -5.05 -20.30
CA PRO A 11 -18.09 -5.18 -18.90
C PRO A 11 -17.50 -6.55 -18.63
N THR A 12 -16.50 -6.58 -17.73
CA THR A 12 -15.87 -7.82 -17.29
C THR A 12 -16.04 -8.01 -15.80
N ALA A 13 -16.13 -9.27 -15.38
CA ALA A 13 -16.25 -9.62 -13.98
C ALA A 13 -14.91 -9.92 -13.30
N SER A 14 -13.85 -10.11 -14.08
CA SER A 14 -12.51 -10.47 -13.58
C SER A 14 -11.57 -10.34 -14.77
N PRO A 15 -10.25 -10.36 -14.55
CA PRO A 15 -9.34 -10.20 -15.69
C PRO A 15 -9.52 -11.27 -16.75
N ASP A 16 -9.87 -12.48 -16.35
CA ASP A 16 -9.97 -13.65 -17.22
C ASP A 16 -11.40 -13.85 -17.74
N ASP A 17 -12.28 -12.88 -17.55
CA ASP A 17 -13.66 -13.05 -17.94
C ASP A 17 -13.79 -12.83 -19.45
N ILE A 18 -14.09 -13.89 -20.19
CA ILE A 18 -14.33 -13.78 -21.61
C ILE A 18 -15.82 -13.90 -21.98
N SER A 19 -16.70 -13.98 -20.97
CA SER A 19 -18.10 -14.38 -21.19
C SER A 19 -18.85 -13.35 -22.01
N GLY A 20 -18.58 -12.06 -21.80
CA GLY A 20 -19.30 -11.04 -22.58
C GLY A 20 -18.93 -11.09 -24.05
N LEU A 21 -17.65 -11.30 -24.32
CA LEU A 21 -17.23 -11.46 -25.70
C LEU A 21 -17.81 -12.73 -26.29
N ALA A 22 -17.76 -13.82 -25.54
CA ALA A 22 -18.33 -15.06 -26.08
C ALA A 22 -19.80 -14.90 -26.38
N THR A 23 -20.53 -14.14 -25.56
CA THR A 23 -21.95 -13.93 -25.82
C THR A 23 -22.16 -13.22 -27.15
N LEU A 24 -21.39 -12.17 -27.41
CA LEU A 24 -21.48 -11.46 -28.69
C LEU A 24 -21.09 -12.33 -29.86
N ILE A 25 -20.15 -13.26 -29.67
CA ILE A 25 -19.79 -14.17 -30.75
C ILE A 25 -20.88 -15.20 -30.96
N ASP A 26 -21.35 -15.81 -29.88
CA ASP A 26 -22.38 -16.83 -29.97
C ASP A 26 -23.72 -16.28 -30.46
N SER A 27 -23.99 -14.99 -30.26
CA SER A 27 -25.19 -14.39 -30.79
C SER A 27 -25.04 -13.96 -32.24
N GLY A 28 -23.84 -14.07 -32.80
CA GLY A 28 -23.63 -13.66 -34.19
C GLY A 28 -23.38 -12.19 -34.39
N LYS A 29 -23.21 -11.43 -33.32
CA LYS A 29 -22.88 -10.02 -33.47
C LYS A 29 -21.42 -9.81 -33.85
N ILE A 30 -20.52 -10.69 -33.41
CA ILE A 30 -19.10 -10.59 -33.72
C ILE A 30 -18.67 -11.88 -34.41
N ASN A 31 -18.07 -11.73 -35.61
CA ASN A 31 -17.30 -12.79 -36.27
C ASN A 31 -15.90 -12.70 -35.70
N PRO A 32 -15.45 -13.69 -34.93
CA PRO A 32 -14.17 -13.53 -34.24
C PRO A 32 -12.99 -13.34 -35.20
N ALA A 33 -13.11 -13.79 -36.44
CA ALA A 33 -12.04 -13.62 -37.40
C ALA A 33 -11.84 -12.18 -37.82
N GLU A 34 -12.80 -11.32 -37.52
CA GLU A 34 -12.77 -9.91 -37.89
C GLU A 34 -12.26 -9.02 -36.75
N ILE A 35 -12.00 -9.59 -35.58
CA ILE A 35 -11.43 -8.86 -34.46
C ILE A 35 -10.01 -8.46 -34.82
N VAL A 36 -9.68 -7.18 -34.64
CA VAL A 36 -8.33 -6.70 -34.93
C VAL A 36 -7.62 -6.17 -33.70
N ALA A 37 -8.36 -5.80 -32.65
CA ALA A 37 -7.73 -5.26 -31.45
C ALA A 37 -8.68 -5.37 -30.26
N ILE A 38 -8.09 -5.56 -29.07
CA ILE A 38 -8.85 -5.46 -27.83
C ILE A 38 -8.08 -4.58 -26.86
N LEU A 39 -8.75 -3.57 -26.34
CA LEU A 39 -8.21 -2.60 -25.39
C LEU A 39 -8.92 -2.79 -24.05
N GLY A 40 -8.20 -3.24 -23.03
CA GLY A 40 -8.84 -3.53 -21.75
C GLY A 40 -8.43 -2.60 -20.62
N LYS A 41 -9.32 -2.49 -19.63
CA LYS A 41 -9.01 -2.01 -18.29
C LYS A 41 -9.10 -3.24 -17.41
N THR A 42 -7.98 -3.65 -16.83
CA THR A 42 -7.94 -4.82 -15.96
C THR A 42 -7.64 -4.38 -14.53
N GLU A 43 -8.14 -5.15 -13.57
CA GLU A 43 -8.24 -4.64 -12.21
C GLU A 43 -7.02 -4.93 -11.34
N GLY A 44 -5.83 -5.06 -11.91
CA GLY A 44 -4.60 -5.06 -11.13
C GLY A 44 -4.19 -3.66 -10.74
N ASN A 45 -2.98 -3.55 -10.19
CA ASN A 45 -2.58 -2.22 -9.69
C ASN A 45 -2.08 -1.28 -10.79
N GLY A 46 -2.00 -1.71 -12.06
CA GLY A 46 -1.60 -0.82 -13.13
C GLY A 46 -0.12 -0.40 -13.09
N CYS A 47 0.68 -0.98 -12.20
CA CYS A 47 2.09 -0.59 -12.08
C CYS A 47 3.02 -1.71 -12.58
N VAL A 48 4.12 -1.94 -11.89
CA VAL A 48 5.09 -2.91 -12.41
C VAL A 48 4.55 -4.33 -12.25
N ASN A 49 4.22 -4.70 -11.02
CA ASN A 49 3.81 -6.06 -10.67
C ASN A 49 2.30 -6.25 -10.84
N ASP A 50 1.77 -5.88 -11.99
CA ASP A 50 0.37 -6.09 -12.33
C ASP A 50 0.34 -7.25 -13.33
N PHE A 51 -0.07 -8.42 -12.86
CA PHE A 51 -0.20 -9.61 -13.69
C PHE A 51 -1.62 -9.83 -14.23
N THR A 52 -2.54 -8.92 -13.91
CA THR A 52 -3.87 -9.04 -14.48
C THR A 52 -3.85 -8.72 -15.96
N ARG A 53 -2.88 -7.92 -16.40
CA ARG A 53 -2.79 -7.58 -17.81
C ARG A 53 -2.47 -8.82 -18.63
N GLY A 54 -1.44 -9.57 -18.20
CA GLY A 54 -1.05 -10.80 -18.86
C GLY A 54 -2.09 -11.89 -18.75
N PHE A 55 -2.74 -11.99 -17.58
CA PHE A 55 -3.82 -12.95 -17.37
C PHE A 55 -4.98 -12.69 -18.35
N ALA A 56 -5.34 -11.44 -18.51
CA ALA A 56 -6.42 -11.12 -19.44
C ALA A 56 -6.04 -11.46 -20.87
N THR A 57 -4.82 -11.08 -21.28
CA THR A 57 -4.41 -11.37 -22.64
C THR A 57 -4.38 -12.87 -22.88
N GLN A 58 -3.80 -13.61 -21.93
CA GLN A 58 -3.73 -15.05 -22.09
C GLN A 58 -5.13 -15.64 -22.24
N SER A 59 -6.06 -15.18 -21.41
CA SER A 59 -7.41 -15.75 -21.43
C SER A 59 -8.11 -15.46 -22.76
N LEU A 60 -7.95 -14.24 -23.25
CA LEU A 60 -8.58 -13.87 -24.53
C LEU A 60 -7.95 -14.61 -25.70
N ALA A 61 -6.63 -14.73 -25.69
CA ALA A 61 -5.91 -15.43 -26.75
C ALA A 61 -6.27 -16.91 -26.77
N MET A 62 -6.34 -17.55 -25.61
CA MET A 62 -6.73 -18.97 -25.54
C MET A 62 -8.15 -19.14 -26.09
N TYR A 63 -9.05 -18.26 -25.69
CA TYR A 63 -10.44 -18.36 -26.11
C TYR A 63 -10.58 -18.16 -27.62
N LEU A 64 -9.96 -17.10 -28.14
CA LEU A 64 -10.05 -16.82 -29.57
C LEU A 64 -9.37 -17.89 -30.40
N ALA A 65 -8.23 -18.40 -29.93
CA ALA A 65 -7.56 -19.43 -30.68
C ALA A 65 -8.44 -20.67 -30.83
N GLU A 66 -9.12 -21.06 -29.76
CA GLU A 66 -10.02 -22.19 -29.81
C GLU A 66 -11.20 -21.91 -30.72
N LYS A 67 -11.73 -20.69 -30.67
CA LYS A 67 -12.86 -20.33 -31.51
C LYS A 67 -12.45 -20.33 -32.96
N LEU A 68 -11.23 -19.89 -33.25
CA LEU A 68 -10.78 -19.74 -34.63
C LEU A 68 -10.06 -20.97 -35.17
N GLY A 69 -9.75 -21.95 -34.34
CA GLY A 69 -9.08 -23.13 -34.82
C GLY A 69 -7.63 -22.89 -35.17
N ILE A 70 -6.98 -21.97 -34.48
CA ILE A 70 -5.59 -21.64 -34.73
C ILE A 70 -4.87 -21.61 -33.38
N SER A 71 -3.55 -21.49 -33.43
CA SER A 71 -2.74 -21.48 -32.21
C SER A 71 -2.82 -20.12 -31.52
N ARG A 72 -2.54 -20.13 -30.22
CA ARG A 72 -2.49 -18.89 -29.46
C ARG A 72 -1.43 -17.96 -30.04
N GLU A 73 -0.30 -18.53 -30.44
CA GLU A 73 0.79 -17.73 -31.01
C GLU A 73 0.31 -16.97 -32.25
N GLU A 74 -0.47 -17.64 -33.11
CA GLU A 74 -0.98 -16.97 -34.30
C GLU A 74 -1.98 -15.89 -33.93
N VAL A 75 -2.77 -16.11 -32.87
CA VAL A 75 -3.73 -15.10 -32.46
C VAL A 75 -3.00 -13.84 -32.04
N VAL A 76 -1.93 -14.00 -31.25
CA VAL A 76 -1.23 -12.82 -30.75
C VAL A 76 -0.40 -12.17 -31.85
N LYS A 77 -0.10 -12.88 -32.92
CA LYS A 77 0.47 -12.21 -34.08
C LYS A 77 -0.57 -11.43 -34.88
N LYS A 78 -1.84 -11.81 -34.80
CA LYS A 78 -2.88 -11.24 -35.64
C LYS A 78 -3.66 -10.12 -34.96
N VAL A 79 -3.85 -10.19 -33.65
CA VAL A 79 -4.74 -9.29 -32.92
C VAL A 79 -3.95 -8.50 -31.88
N ALA A 80 -4.14 -7.18 -31.83
CA ALA A 80 -3.52 -6.38 -30.77
C ALA A 80 -4.26 -6.61 -29.48
N PHE A 81 -3.52 -6.92 -28.41
CA PHE A 81 -4.06 -7.06 -27.06
C PHE A 81 -3.34 -6.04 -26.19
N ILE A 82 -4.05 -5.00 -25.78
CA ILE A 82 -3.48 -3.89 -25.01
C ILE A 82 -4.31 -3.82 -23.73
N MET A 83 -3.73 -4.27 -22.63
CA MET A 83 -4.43 -4.33 -21.36
C MET A 83 -3.81 -3.28 -20.45
N SER A 84 -4.61 -2.27 -20.09
CA SER A 84 -4.20 -1.21 -19.17
C SER A 84 -4.70 -1.57 -17.79
N GLY A 85 -3.76 -1.79 -16.85
CA GLY A 85 -4.16 -2.12 -15.51
C GLY A 85 -4.57 -0.89 -14.72
N GLY A 86 -5.07 -1.16 -13.54
CA GLY A 86 -5.44 -0.10 -12.62
C GLY A 86 -6.89 0.32 -12.85
N THR A 87 -7.81 -0.13 -12.00
CA THR A 87 -9.18 0.34 -12.03
C THR A 87 -9.53 0.94 -10.69
N GLU A 88 -8.90 2.06 -10.39
CA GLU A 88 -9.03 2.72 -9.13
C GLU A 88 -10.30 3.55 -9.09
N GLY A 89 -10.66 3.97 -7.89
CA GLY A 89 -11.87 4.76 -7.70
C GLY A 89 -13.09 3.98 -8.11
N VAL A 90 -13.94 4.59 -8.94
CA VAL A 90 -15.14 3.92 -9.41
C VAL A 90 -14.94 3.35 -10.82
N MET A 91 -13.71 3.34 -11.33
CA MET A 91 -13.54 2.96 -12.73
C MET A 91 -13.86 1.48 -12.90
N THR A 92 -14.59 1.15 -13.97
CA THR A 92 -15.19 -0.17 -14.11
C THR A 92 -14.40 -1.03 -15.06
N PRO A 93 -13.89 -2.19 -14.63
CA PRO A 93 -13.18 -3.06 -15.57
C PRO A 93 -14.04 -3.42 -16.78
N HIS A 94 -13.41 -3.45 -17.95
CA HIS A 94 -14.14 -3.76 -19.17
C HIS A 94 -13.10 -4.00 -20.25
N ILE A 95 -13.55 -4.47 -21.41
CA ILE A 95 -12.72 -4.49 -22.60
C ILE A 95 -13.46 -3.78 -23.73
N THR A 96 -12.70 -3.19 -24.66
CA THR A 96 -13.23 -2.58 -25.89
C THR A 96 -12.69 -3.39 -27.06
N VAL A 97 -13.58 -3.99 -27.83
CA VAL A 97 -13.23 -4.89 -28.92
C VAL A 97 -13.45 -4.16 -30.24
N PHE A 98 -12.40 -4.10 -31.06
CA PHE A 98 -12.45 -3.47 -32.38
C PHE A 98 -12.58 -4.57 -33.43
N VAL A 99 -13.64 -4.49 -34.21
CA VAL A 99 -13.90 -5.44 -35.29
C VAL A 99 -13.84 -4.67 -36.60
N ARG A 100 -13.16 -5.22 -37.60
CA ARG A 100 -13.01 -4.54 -38.87
C ARG A 100 -13.35 -5.53 -39.96
N LYS A 101 -14.30 -5.17 -40.83
CA LYS A 101 -14.66 -6.01 -41.95
C LYS A 101 -14.65 -5.24 -43.26
N ASP A 102 -14.41 -5.97 -44.34
CA ASP A 102 -14.50 -5.44 -45.69
C ASP A 102 -15.95 -5.46 -46.13
N VAL A 103 -16.43 -4.35 -46.69
CA VAL A 103 -17.81 -4.23 -47.16
C VAL A 103 -17.81 -3.47 -48.48
N ALA A 104 -18.97 -3.50 -49.14
CA ALA A 104 -19.10 -2.92 -50.46
C ALA A 104 -19.93 -1.66 -50.50
N ALA A 105 -20.50 -1.23 -49.38
CA ALA A 105 -21.28 0.01 -49.35
C ALA A 105 -20.48 1.13 -50.00
N PRO A 106 -21.14 2.24 -50.38
CA PRO A 106 -20.42 3.37 -51.00
C PRO A 106 -19.68 4.25 -49.99
N PRO A 109 -20.18 9.36 -48.00
CA PRO A 109 -19.57 10.68 -47.92
C PRO A 109 -19.14 10.98 -46.49
N GLY A 110 -18.21 11.90 -46.32
CA GLY A 110 -17.73 12.22 -45.00
C GLY A 110 -16.87 11.12 -44.44
N LYS A 111 -16.13 11.43 -43.37
CA LYS A 111 -15.17 10.49 -42.82
C LYS A 111 -15.79 9.76 -41.64
N ARG A 112 -15.41 8.49 -41.49
CA ARG A 112 -15.98 7.63 -40.46
C ARG A 112 -14.86 6.78 -39.85
N LEU A 113 -15.14 6.21 -38.68
CA LEU A 113 -14.11 5.55 -37.87
C LEU A 113 -13.29 4.54 -38.68
N ALA A 114 -11.98 4.59 -38.47
CA ALA A 114 -11.00 3.76 -39.14
C ALA A 114 -10.03 3.31 -38.07
N VAL A 115 -9.53 2.08 -38.16
CA VAL A 115 -8.59 1.56 -37.18
C VAL A 115 -7.47 0.82 -37.91
N GLY A 116 -6.26 0.94 -37.37
CA GLY A 116 -5.10 0.23 -37.91
C GLY A 116 -4.22 -0.26 -36.78
N VAL A 117 -3.50 -1.33 -37.03
CA VAL A 117 -2.68 -1.97 -36.00
C VAL A 117 -1.28 -2.21 -36.56
N ALA A 118 -0.27 -2.05 -35.71
CA ALA A 118 1.09 -2.43 -36.08
C ALA A 118 1.86 -2.77 -34.82
N PHE A 119 2.86 -3.65 -34.97
CA PHE A 119 3.72 -4.03 -33.85
C PHE A 119 5.17 -3.67 -34.14
N THR A 120 5.91 -3.32 -33.10
CA THR A 120 7.35 -3.17 -33.26
C THR A 120 8.08 -4.49 -32.96
N ARG A 121 9.35 -4.49 -33.29
CA ARG A 121 10.26 -5.51 -32.80
C ARG A 121 10.34 -5.46 -31.26
N ASP A 122 10.80 -6.56 -30.67
CA ASP A 122 11.13 -6.54 -29.25
C ASP A 122 12.32 -5.60 -28.99
N PHE A 123 12.30 -4.97 -27.83
CA PHE A 123 13.37 -4.07 -27.38
C PHE A 123 14.23 -4.72 -26.30
N LEU A 124 15.51 -4.42 -26.36
CA LEU A 124 16.40 -4.75 -25.26
C LEU A 124 16.11 -3.81 -24.09
N PRO A 125 16.29 -4.27 -22.85
CA PRO A 125 16.01 -3.37 -21.71
C PRO A 125 16.69 -2.03 -21.82
N GLU A 126 17.94 -1.99 -22.31
CA GLU A 126 18.72 -0.76 -22.42
C GLU A 126 18.24 0.17 -23.53
N GLU A 127 17.27 -0.24 -24.33
CA GLU A 127 16.66 0.62 -25.34
C GLU A 127 15.42 1.35 -24.84
N LEU A 128 14.79 0.91 -23.76
CA LEU A 128 13.58 1.57 -23.32
C LEU A 128 13.90 2.99 -22.90
N GLY A 129 12.99 3.91 -23.22
CA GLY A 129 13.18 5.30 -22.89
C GLY A 129 14.24 6.03 -23.69
N ARG A 130 14.67 5.48 -24.82
CA ARG A 130 15.73 6.07 -25.63
C ARG A 130 15.29 6.11 -27.09
N MET A 131 16.16 6.70 -27.93
CA MET A 131 15.75 7.07 -29.27
C MET A 131 15.41 5.85 -30.12
N GLU A 132 15.99 4.69 -29.83
CA GLU A 132 15.64 3.48 -30.58
C GLU A 132 14.17 3.13 -30.43
N GLN A 133 13.63 3.28 -29.21
CA GLN A 133 12.21 3.06 -29.01
C GLN A 133 11.39 4.14 -29.71
N VAL A 134 11.81 5.40 -29.60
CA VAL A 134 11.10 6.48 -30.28
C VAL A 134 11.00 6.15 -31.77
N ASN A 135 12.14 5.86 -32.38
CA ASN A 135 12.19 5.72 -33.83
C ASN A 135 11.45 4.47 -34.30
N GLU A 136 11.56 3.36 -33.58
CA GLU A 136 10.83 2.16 -33.99
C GLU A 136 9.32 2.35 -33.83
N VAL A 137 8.89 2.99 -32.74
CA VAL A 137 7.49 3.31 -32.59
C VAL A 137 7.01 4.18 -33.73
N ALA A 138 7.76 5.23 -34.07
CA ALA A 138 7.36 6.10 -35.17
C ALA A 138 7.15 5.31 -36.46
N ARG A 139 8.07 4.40 -36.77
CA ARG A 139 7.87 3.57 -37.96
C ARG A 139 6.55 2.79 -37.85
N ALA A 140 6.27 2.18 -36.68
CA ALA A 140 5.08 1.36 -36.56
C ALA A 140 3.81 2.20 -36.61
N VAL A 141 3.84 3.42 -36.09
CA VAL A 141 2.67 4.27 -36.20
C VAL A 141 2.34 4.54 -37.65
N LYS A 142 3.36 4.79 -38.49
CA LYS A 142 3.07 5.07 -39.89
C LYS A 142 2.48 3.85 -40.56
N GLU A 143 2.94 2.65 -40.15
CA GLU A 143 2.37 1.44 -40.72
C GLU A 143 0.91 1.29 -40.30
N ALA A 144 0.62 1.57 -39.03
CA ALA A 144 -0.74 1.46 -38.55
C ALA A 144 -1.66 2.46 -39.24
N MET A 145 -1.16 3.66 -39.50
CA MET A 145 -1.94 4.62 -40.29
C MET A 145 -2.31 4.07 -41.66
N LYS A 146 -1.35 3.45 -42.36
CA LYS A 146 -1.67 2.85 -43.65
C LYS A 146 -2.70 1.74 -43.49
N ASP A 147 -2.53 0.88 -42.48
CA ASP A 147 -3.52 -0.14 -42.16
C ASP A 147 -4.90 0.48 -41.94
N ALA A 148 -4.94 1.68 -41.37
CA ALA A 148 -6.21 2.36 -41.16
C ALA A 148 -6.72 3.10 -42.38
N GLN A 149 -5.95 3.13 -43.45
CA GLN A 149 -6.27 3.95 -44.63
C GLN A 149 -6.51 5.40 -44.25
N ILE A 150 -5.64 5.92 -43.39
CA ILE A 150 -5.59 7.33 -43.04
C ILE A 150 -4.28 7.89 -43.55
N ASP A 151 -4.34 8.89 -44.44
CA ASP A 151 -3.14 9.53 -44.95
C ASP A 151 -2.87 10.89 -44.31
N ASP A 152 -3.89 11.56 -43.78
CA ASP A 152 -3.74 12.88 -43.19
C ASP A 152 -3.62 12.75 -41.68
N PRO A 153 -2.52 13.19 -41.07
CA PRO A 153 -2.39 13.06 -39.61
C PRO A 153 -3.44 13.81 -38.83
N ARG A 154 -4.10 14.81 -39.41
CA ARG A 154 -5.15 15.53 -38.70
C ARG A 154 -6.39 14.68 -38.51
N ASP A 155 -6.48 13.55 -39.20
CA ASP A 155 -7.57 12.61 -39.07
C ASP A 155 -7.28 11.47 -38.10
N VAL A 156 -6.12 11.47 -37.43
CA VAL A 156 -5.83 10.55 -36.34
C VAL A 156 -6.25 11.21 -35.05
N HIS A 157 -7.07 10.52 -34.24
CA HIS A 157 -7.58 11.13 -33.03
C HIS A 157 -7.12 10.44 -31.75
N PHE A 158 -6.54 9.26 -31.87
CA PHE A 158 -6.06 8.54 -30.70
C PHE A 158 -5.10 7.45 -31.17
N VAL A 159 -3.93 7.41 -30.58
CA VAL A 159 -2.94 6.40 -30.91
C VAL A 159 -2.61 5.71 -29.60
N GLN A 160 -3.13 4.50 -29.44
CA GLN A 160 -3.01 3.72 -28.23
C GLN A 160 -1.88 2.72 -28.38
N ILE A 161 -0.99 2.70 -27.40
CA ILE A 161 0.23 1.89 -27.43
C ILE A 161 0.34 1.11 -26.13
N LYS A 162 0.78 -0.15 -26.23
CA LYS A 162 1.27 -0.91 -25.08
C LYS A 162 2.78 -1.03 -25.24
N CYS A 163 3.53 -0.77 -24.17
CA CYS A 163 4.99 -0.77 -24.26
C CYS A 163 5.59 -1.50 -23.04
N PRO A 164 6.88 -1.82 -23.12
CA PRO A 164 7.47 -2.67 -22.06
C PRO A 164 7.89 -1.84 -20.85
N LEU A 165 8.44 -2.53 -19.87
CA LEU A 165 9.01 -1.85 -18.70
C LEU A 165 10.20 -2.66 -18.22
N LEU A 166 10.92 -2.10 -17.24
CA LEU A 166 12.04 -2.78 -16.63
C LEU A 166 11.63 -3.40 -15.31
N THR A 167 12.16 -4.58 -15.03
CA THR A 167 12.14 -5.21 -13.73
C THR A 167 13.57 -5.31 -13.25
N ALA A 168 13.72 -5.63 -11.96
CA ALA A 168 15.05 -5.82 -11.41
C ALA A 168 15.79 -6.92 -12.16
N GLU A 169 15.09 -8.01 -12.52
CA GLU A 169 15.73 -9.10 -13.24
C GLU A 169 16.25 -8.63 -14.60
N ARG A 170 15.47 -7.79 -15.31
CA ARG A 170 15.89 -7.34 -16.63
C ARG A 170 17.01 -6.32 -16.53
N ILE A 171 17.01 -5.51 -15.49
CA ILE A 171 18.14 -4.61 -15.27
C ILE A 171 19.41 -5.42 -15.04
N GLU A 172 19.31 -6.51 -14.28
CA GLU A 172 20.47 -7.36 -14.05
C GLU A 172 20.97 -8.03 -15.34
N ASP A 173 20.04 -8.44 -16.21
CA ASP A 173 20.44 -8.98 -17.51
C ASP A 173 21.26 -7.96 -18.29
N ALA A 174 20.80 -6.71 -18.28
CA ALA A 174 21.48 -5.64 -19.00
C ALA A 174 22.87 -5.41 -18.45
N LYS A 175 23.00 -5.35 -17.13
CA LYS A 175 24.29 -5.17 -16.50
C LYS A 175 25.23 -6.30 -16.85
N ARG A 176 24.74 -7.53 -16.83
CA ARG A 176 25.60 -8.65 -17.17
C ARG A 176 26.07 -8.60 -18.61
N ARG A 177 25.32 -7.96 -19.48
CA ARG A 177 25.75 -7.75 -20.85
C ARG A 177 26.58 -6.46 -21.03
N GLY A 178 26.87 -5.73 -19.96
CA GLY A 178 27.70 -4.54 -20.04
C GLY A 178 26.94 -3.28 -20.41
N LYS A 179 25.63 -3.24 -20.14
CA LYS A 179 24.79 -2.14 -20.56
C LYS A 179 24.15 -1.41 -19.39
N ASP A 180 23.93 -0.12 -19.57
CA ASP A 180 23.25 0.70 -18.58
C ASP A 180 21.86 1.03 -19.09
N VAL A 181 20.88 0.91 -18.20
CA VAL A 181 19.49 1.18 -18.56
C VAL A 181 19.22 2.64 -18.31
N VAL A 182 18.07 3.11 -18.79
CA VAL A 182 17.80 4.54 -18.74
C VAL A 182 17.54 4.98 -17.30
N VAL A 183 16.99 4.11 -16.46
CA VAL A 183 16.74 4.44 -15.06
C VAL A 183 16.71 3.13 -14.29
N ASN A 184 17.15 3.16 -13.04
CA ASN A 184 17.18 1.90 -12.30
C ASN A 184 15.94 1.62 -11.46
N ASP A 185 15.01 2.53 -11.40
CA ASP A 185 13.78 2.37 -10.63
C ASP A 185 12.72 1.77 -11.54
N THR A 186 12.19 0.59 -11.18
CA THR A 186 11.29 -0.13 -12.09
C THR A 186 10.01 0.66 -12.34
N TYR A 187 9.50 1.35 -11.34
CA TYR A 187 8.31 2.17 -11.58
C TYR A 187 8.61 3.34 -12.49
N LYS A 188 9.73 4.03 -12.28
CA LYS A 188 10.08 5.13 -13.19
C LYS A 188 10.35 4.63 -14.61
N SER A 189 10.78 3.37 -14.76
CA SER A 189 11.01 2.84 -16.12
C SER A 189 9.72 2.84 -16.94
N MET A 190 8.56 2.67 -16.30
CA MET A 190 7.30 2.77 -17.01
C MET A 190 7.10 4.14 -17.65
N ALA A 191 7.52 5.21 -16.94
CA ALA A 191 7.40 6.57 -17.43
C ALA A 191 8.29 6.78 -18.66
N TYR A 192 9.51 6.26 -18.63
CA TYR A 192 10.41 6.43 -19.76
C TYR A 192 9.91 5.65 -20.97
N SER A 193 9.38 4.45 -20.75
CA SER A 193 8.84 3.68 -21.87
C SER A 193 7.60 4.34 -22.45
N ARG A 194 6.70 4.80 -21.57
CA ARG A 194 5.52 5.54 -22.02
C ARG A 194 5.93 6.80 -22.79
N GLY A 195 6.92 7.52 -22.24
CA GLY A 195 7.29 8.80 -22.83
C GLY A 195 7.98 8.69 -24.17
N ALA A 196 8.93 7.78 -24.29
CA ALA A 196 9.57 7.53 -25.57
C ALA A 196 8.57 7.04 -26.60
N SER A 197 7.63 6.18 -26.18
CA SER A 197 6.61 5.71 -27.11
C SER A 197 5.73 6.86 -27.58
N ALA A 198 5.39 7.77 -26.69
CA ALA A 198 4.53 8.89 -27.06
C ALA A 198 5.25 9.84 -27.99
N LEU A 199 6.55 10.09 -27.76
CA LEU A 199 7.32 10.91 -28.69
C LEU A 199 7.41 10.25 -30.06
N GLY A 200 7.45 8.92 -30.11
CA GLY A 200 7.40 8.24 -31.39
C GLY A 200 6.13 8.53 -32.16
N VAL A 201 5.00 8.61 -31.45
CA VAL A 201 3.76 9.02 -32.09
C VAL A 201 3.90 10.42 -32.64
N ALA A 202 4.37 11.36 -31.81
CA ALA A 202 4.45 12.75 -32.24
C ALA A 202 5.38 12.88 -33.43
N LEU A 203 6.49 12.14 -33.43
CA LEU A 203 7.38 12.15 -34.59
C LEU A 203 6.65 11.66 -35.84
N ALA A 204 5.94 10.54 -35.72
CA ALA A 204 5.30 9.96 -36.90
C ALA A 204 4.22 10.87 -37.46
N LEU A 205 3.50 11.56 -36.60
CA LEU A 205 2.38 12.37 -37.04
C LEU A 205 2.80 13.77 -37.39
N GLY A 206 4.07 14.11 -37.23
CA GLY A 206 4.46 15.45 -37.56
C GLY A 206 4.13 16.46 -36.49
N GLU A 207 3.76 16.01 -35.28
CA GLU A 207 3.44 16.94 -34.19
C GLU A 207 4.70 17.61 -33.67
N ILE A 208 5.83 16.93 -33.75
CA ILE A 208 7.13 17.45 -33.33
C ILE A 208 8.16 17.07 -34.39
N SER A 209 9.09 17.96 -34.68
CA SER A 209 10.14 17.60 -35.63
C SER A 209 11.21 16.74 -34.98
N ALA A 210 11.83 15.88 -35.80
CA ALA A 210 12.85 14.97 -35.31
C ALA A 210 14.02 15.71 -34.67
N ASP A 211 14.38 16.87 -35.17
CA ASP A 211 15.53 17.57 -34.61
C ASP A 211 15.30 18.02 -33.17
N LYS A 212 14.07 17.97 -32.69
CA LYS A 212 13.78 18.35 -31.32
C LYS A 212 13.80 17.17 -30.34
N ILE A 213 13.89 15.94 -30.82
CA ILE A 213 13.82 14.78 -29.96
C ILE A 213 15.23 14.20 -29.82
N SER A 214 15.65 13.99 -28.56
CA SER A 214 16.93 13.39 -28.21
C SER A 214 16.75 12.66 -26.89
N ASN A 215 17.69 11.77 -26.57
CA ASN A 215 17.59 11.04 -25.30
C ASN A 215 17.44 12.00 -24.13
N GLU A 216 18.14 13.13 -24.17
CA GLU A 216 18.12 14.07 -23.05
C GLU A 216 16.76 14.74 -22.88
N ALA A 217 15.96 14.82 -23.94
CA ALA A 217 14.64 15.41 -23.82
C ALA A 217 13.63 14.43 -23.23
N ILE A 218 13.85 13.12 -23.34
CA ILE A 218 12.82 12.16 -22.98
C ILE A 218 12.59 12.21 -21.47
N CYS A 219 11.35 12.44 -21.09
CA CYS A 219 10.93 12.65 -19.70
C CYS A 219 11.64 13.82 -19.04
N HIS A 220 12.08 14.79 -19.83
CA HIS A 220 12.57 16.03 -19.23
C HIS A 220 11.91 17.27 -19.80
N ASP A 221 11.68 17.33 -21.10
CA ASP A 221 11.12 18.53 -21.74
C ASP A 221 9.63 18.29 -21.95
N TRP A 222 8.83 18.71 -20.97
CA TRP A 222 7.40 18.42 -21.00
C TRP A 222 6.64 19.28 -22.01
N ASN A 223 7.29 20.26 -22.58
CA ASN A 223 6.67 21.03 -23.66
C ASN A 223 6.68 20.28 -24.99
N LEU A 224 7.38 19.15 -25.05
CA LEU A 224 7.30 18.26 -26.20
C LEU A 224 6.18 17.26 -25.95
N TYR A 225 5.15 17.27 -26.78
CA TYR A 225 4.17 16.22 -26.58
C TYR A 225 3.31 16.01 -27.81
N SER A 226 2.75 14.81 -27.90
CA SER A 226 1.65 14.47 -28.79
C SER A 226 0.30 14.81 -28.14
N SER A 227 -0.65 15.24 -28.96
CA SER A 227 -2.01 15.49 -28.48
C SER A 227 -2.96 14.33 -28.70
N VAL A 228 -2.47 13.21 -29.24
CA VAL A 228 -3.33 12.06 -29.46
C VAL A 228 -2.73 10.77 -28.92
N ALA A 229 -1.50 10.81 -28.47
CA ALA A 229 -0.85 9.59 -28.00
C ALA A 229 -1.37 9.18 -26.62
N SER A 230 -1.56 7.87 -26.45
CA SER A 230 -2.03 7.25 -25.21
C SER A 230 -1.22 5.98 -25.02
N THR A 231 -0.29 5.97 -24.07
CA THR A 231 0.66 4.86 -23.95
C THR A 231 0.58 4.25 -22.56
N SER A 232 0.82 2.94 -22.49
CA SER A 232 0.53 2.11 -21.34
C SER A 232 1.64 1.08 -21.26
N ALA A 233 2.21 0.88 -20.09
CA ALA A 233 3.35 -0.04 -19.94
C ALA A 233 2.95 -1.29 -19.17
N GLY A 234 3.64 -2.40 -19.42
CA GLY A 234 3.35 -3.63 -18.72
C GLY A 234 4.47 -4.62 -18.81
N VAL A 235 4.55 -5.48 -17.80
CA VAL A 235 5.55 -6.53 -17.76
C VAL A 235 5.31 -7.62 -18.76
N GLU A 236 4.12 -7.69 -19.35
CA GLU A 236 3.71 -8.85 -20.11
C GLU A 236 4.12 -8.79 -21.57
N LEU A 237 4.84 -7.79 -22.01
CA LEU A 237 5.28 -7.79 -23.40
C LEU A 237 6.65 -7.11 -23.45
N LEU A 238 7.39 -7.42 -24.51
CA LEU A 238 8.74 -6.90 -24.71
C LEU A 238 8.85 -5.97 -25.90
N ASN A 239 7.76 -5.74 -26.65
CA ASN A 239 7.73 -4.85 -27.81
C ASN A 239 6.70 -3.77 -27.54
N ASP A 240 6.39 -2.96 -28.55
CA ASP A 240 5.28 -2.02 -28.52
C ASP A 240 4.18 -2.50 -29.47
N GLU A 241 2.93 -2.43 -29.03
CA GLU A 241 1.78 -2.66 -29.89
C GLU A 241 1.04 -1.34 -30.10
N ILE A 242 0.67 -1.04 -31.34
CA ILE A 242 0.05 0.22 -31.71
C ILE A 242 -1.36 -0.01 -32.27
N ILE A 243 -2.32 0.81 -31.83
CA ILE A 243 -3.66 0.90 -32.42
C ILE A 243 -3.86 2.37 -32.79
N VAL A 244 -3.94 2.65 -34.07
CA VAL A 244 -4.29 3.98 -34.57
C VAL A 244 -5.80 4.05 -34.80
N VAL A 245 -6.45 5.05 -34.21
CA VAL A 245 -7.89 5.26 -34.35
C VAL A 245 -8.14 6.65 -34.91
N GLY A 246 -8.88 6.74 -35.99
CA GLY A 246 -9.15 8.01 -36.62
C GLY A 246 -10.37 7.86 -37.50
N ASN A 247 -10.54 8.83 -38.40
CA ASN A 247 -11.61 8.78 -39.39
C ASN A 247 -11.03 8.83 -40.79
N SER A 248 -11.69 8.13 -41.70
CA SER A 248 -11.20 7.99 -43.07
C SER A 248 -12.34 8.15 -44.05
N THR A 249 -12.04 8.66 -45.24
CA THR A 249 -13.07 8.65 -46.27
C THR A 249 -13.32 7.25 -46.83
N ASN A 250 -12.43 6.29 -46.59
CA ASN A 250 -12.63 4.92 -47.08
C ASN A 250 -13.29 4.02 -46.04
N SER A 251 -14.16 4.57 -45.23
CA SER A 251 -14.76 3.86 -44.12
C SER A 251 -16.28 3.91 -44.26
N ALA A 252 -16.93 2.76 -43.99
CA ALA A 252 -18.37 2.68 -43.94
C ALA A 252 -18.88 2.54 -42.51
N SER A 253 -18.07 2.91 -41.53
CA SER A 253 -18.49 2.74 -40.15
C SER A 253 -19.66 3.68 -39.85
N ASP A 254 -20.55 3.22 -38.95
CA ASP A 254 -21.58 4.04 -38.34
C ASP A 254 -21.07 4.78 -37.11
N LEU A 255 -19.75 4.90 -36.95
CA LEU A 255 -19.15 5.52 -35.80
C LEU A 255 -18.15 6.57 -36.26
N VAL A 256 -17.83 7.51 -35.37
CA VAL A 256 -16.74 8.47 -35.58
C VAL A 256 -15.97 8.59 -34.28
N ILE A 257 -14.77 9.17 -34.37
CA ILE A 257 -13.98 9.47 -33.18
C ILE A 257 -13.62 10.95 -33.20
N GLY A 258 -13.67 11.56 -32.00
CA GLY A 258 -13.25 12.94 -31.83
C GLY A 258 -12.38 13.02 -30.59
N HIS A 259 -11.69 14.15 -30.42
CA HIS A 259 -10.84 14.21 -29.25
C HIS A 259 -10.64 15.66 -28.84
N SER A 260 -10.12 15.81 -27.62
CA SER A 260 -9.57 17.07 -27.15
C SER A 260 -8.38 16.75 -26.26
N VAL A 261 -7.91 17.75 -25.51
CA VAL A 261 -6.80 17.52 -24.57
C VAL A 261 -7.16 18.14 -23.25
N MET A 262 -7.16 17.34 -22.19
CA MET A 262 -7.35 17.89 -20.84
C MET A 262 -6.12 18.68 -20.45
N LYS A 263 -6.31 19.95 -20.08
CA LYS A 263 -5.18 20.74 -19.66
C LYS A 263 -4.74 20.37 -18.27
N ASP A 264 -5.62 19.77 -17.48
CA ASP A 264 -5.27 19.26 -16.15
C ASP A 264 -6.29 18.19 -15.78
N ALA A 265 -6.08 17.57 -14.61
CA ALA A 265 -6.87 16.42 -14.21
C ALA A 265 -8.33 16.73 -13.87
N ILE A 266 -8.73 18.00 -13.72
CA ILE A 266 -10.10 18.35 -13.41
C ILE A 266 -10.78 19.10 -14.55
N ASP A 267 -10.24 18.96 -15.76
CA ASP A 267 -10.66 19.78 -16.90
C ASP A 267 -11.88 19.15 -17.56
N ALA A 268 -13.03 19.30 -16.90
CA ALA A 268 -14.28 18.78 -17.46
C ALA A 268 -14.64 19.48 -18.76
N ASP A 269 -14.29 20.75 -18.93
CA ASP A 269 -14.51 21.41 -20.22
C ASP A 269 -13.92 20.61 -21.38
N ALA A 270 -12.71 20.03 -21.19
CA ALA A 270 -12.08 19.24 -22.24
C ALA A 270 -12.85 17.97 -22.54
N VAL A 271 -13.42 17.35 -21.50
CA VAL A 271 -14.32 16.23 -21.69
C VAL A 271 -15.49 16.63 -22.57
N ARG A 272 -16.15 17.75 -22.24
CA ARG A 272 -17.26 18.21 -23.07
C ARG A 272 -16.81 18.57 -24.49
N ALA A 273 -15.59 19.09 -24.66
CA ALA A 273 -15.10 19.40 -26.00
C ALA A 273 -14.81 18.14 -26.81
N ALA A 274 -14.31 17.10 -26.17
CA ALA A 274 -14.09 15.84 -26.87
C ALA A 274 -15.41 15.23 -27.32
N LEU A 275 -16.44 15.27 -26.47
CA LEU A 275 -17.78 14.81 -26.86
C LEU A 275 -18.28 15.57 -28.07
N LYS A 276 -18.22 16.90 -28.00
CA LYS A 276 -18.68 17.71 -29.13
C LYS A 276 -17.89 17.41 -30.40
N ASP A 277 -16.58 17.16 -30.28
CA ASP A 277 -15.77 16.83 -31.46
C ASP A 277 -16.20 15.52 -32.09
N ALA A 278 -16.79 14.62 -31.29
CA ALA A 278 -17.32 13.34 -31.75
C ALA A 278 -18.80 13.42 -32.11
N GLY A 279 -19.37 14.62 -32.20
CA GLY A 279 -20.74 14.80 -32.64
C GLY A 279 -21.78 14.77 -31.54
N ILE A 280 -21.38 14.62 -30.28
CA ILE A 280 -22.30 14.63 -29.14
C ILE A 280 -22.38 16.07 -28.64
N ARG A 281 -23.48 16.73 -28.98
CA ARG A 281 -23.61 18.18 -28.77
C ARG A 281 -24.30 18.56 -27.46
N SER A 282 -24.90 17.60 -26.75
CA SER A 282 -25.57 17.92 -25.49
C SER A 282 -25.68 16.68 -24.61
N ASP A 283 -26.03 16.92 -23.35
CA ASP A 283 -26.26 15.80 -22.44
C ASP A 283 -27.27 14.83 -23.03
N ASP A 284 -28.25 15.33 -23.75
CA ASP A 284 -29.31 14.48 -24.28
C ASP A 284 -28.82 13.47 -25.28
N GLU A 285 -27.62 13.63 -25.81
CA GLU A 285 -27.09 12.73 -26.82
C GLU A 285 -26.03 11.79 -26.27
N MET A 286 -25.83 11.77 -24.95
CA MET A 286 -24.74 10.97 -24.38
C MET A 286 -24.91 9.49 -24.66
N ASP A 287 -26.13 9.08 -25.01
CA ASP A 287 -26.37 7.66 -25.26
C ASP A 287 -25.66 7.17 -26.53
N ARG A 288 -25.11 8.08 -27.34
CA ARG A 288 -24.36 7.64 -28.50
C ARG A 288 -22.89 7.35 -28.21
N ILE A 289 -22.44 7.58 -26.99
CA ILE A 289 -21.07 7.21 -26.63
C ILE A 289 -20.89 5.70 -26.72
N VAL A 290 -19.83 5.28 -27.38
CA VAL A 290 -19.35 3.89 -27.32
C VAL A 290 -18.31 3.70 -26.22
N ASN A 291 -17.32 4.58 -26.19
CA ASN A 291 -16.42 4.64 -25.04
C ASN A 291 -15.75 6.00 -25.05
N VAL A 292 -15.20 6.36 -23.91
CA VAL A 292 -14.35 7.53 -23.73
C VAL A 292 -12.98 6.99 -23.33
N LEU A 293 -11.91 7.52 -23.93
CA LEU A 293 -10.56 7.03 -23.71
C LEU A 293 -9.66 8.20 -23.35
N ALA A 294 -8.98 8.13 -22.20
CA ALA A 294 -8.29 9.29 -21.72
C ALA A 294 -7.00 8.93 -20.98
N LYS A 295 -6.05 9.85 -21.03
CA LYS A 295 -4.83 9.80 -20.24
C LYS A 295 -4.91 10.75 -19.06
N ALA A 296 -4.36 10.32 -17.93
CA ALA A 296 -4.38 11.08 -16.67
C ALA A 296 -2.99 11.11 -16.06
N GLU A 297 -2.67 12.17 -15.31
CA GLU A 297 -1.38 12.15 -14.61
C GLU A 297 -1.30 13.22 -13.53
N ALA A 298 -0.37 12.98 -12.60
CA ALA A 298 0.09 13.98 -11.65
C ALA A 298 0.95 15.00 -12.37
N ALA A 299 0.70 16.28 -12.11
CA ALA A 299 1.54 17.33 -12.65
C ALA A 299 2.89 17.37 -11.94
N SER A 300 3.96 17.68 -12.70
CA SER A 300 5.29 17.69 -12.10
C SER A 300 5.42 18.77 -11.04
N SER A 301 4.61 19.82 -11.11
CA SER A 301 4.65 20.88 -10.11
C SER A 301 4.03 20.46 -8.77
N GLY A 302 3.41 19.29 -8.70
CA GLY A 302 2.74 18.91 -7.47
C GLY A 302 1.50 19.71 -7.17
N THR A 303 0.89 20.33 -8.17
CA THR A 303 -0.29 21.14 -7.93
C THR A 303 -1.31 20.95 -9.03
N VAL A 304 -2.52 21.43 -8.76
CA VAL A 304 -3.59 21.61 -9.76
C VAL A 304 -4.19 22.98 -9.53
N ARG A 305 -4.15 23.85 -10.55
CA ARG A 305 -4.64 25.23 -10.45
C ARG A 305 -4.14 25.90 -9.17
N GLY A 306 -2.84 25.76 -8.95
CA GLY A 306 -2.18 26.42 -7.83
C GLY A 306 -2.43 25.77 -6.48
N ARG A 307 -3.16 24.67 -6.44
CA ARG A 307 -3.49 23.99 -5.18
C ARG A 307 -2.65 22.73 -5.04
N ARG A 308 -1.95 22.62 -3.91
CA ARG A 308 -1.05 21.50 -3.69
C ARG A 308 -1.79 20.17 -3.54
N ASN A 309 -1.19 19.09 -4.07
CA ASN A 309 -1.66 17.75 -3.68
C ASN A 309 -0.45 16.89 -3.37
N THR A 310 -0.71 15.70 -2.82
CA THR A 310 0.35 14.83 -2.35
C THR A 310 0.64 13.65 -3.28
N MET A 311 0.17 13.69 -4.53
CA MET A 311 0.32 12.50 -5.36
C MET A 311 1.78 12.13 -5.55
N LEU A 312 2.64 13.11 -5.71
CA LEU A 312 4.04 12.75 -5.99
C LEU A 312 4.82 12.41 -4.72
N ASP A 313 4.25 12.69 -3.55
CA ASP A 313 4.93 12.45 -2.29
C ASP A 313 4.44 11.22 -1.56
N ASP A 314 3.42 10.55 -2.07
CA ASP A 314 2.72 9.51 -1.32
C ASP A 314 3.45 8.17 -1.54
N SER A 315 4.19 7.73 -0.52
CA SER A 315 4.92 6.47 -0.62
C SER A 315 4.02 5.26 -0.48
N ASP A 316 2.74 5.44 -0.15
CA ASP A 316 1.84 4.30 0.00
C ASP A 316 1.08 3.98 -1.28
N ILE A 317 0.86 4.97 -2.13
CA ILE A 317 0.04 4.82 -3.33
C ILE A 317 0.73 5.57 -4.46
N ASN A 318 1.12 4.88 -5.51
CA ASN A 318 1.84 5.53 -6.59
C ASN A 318 0.94 6.49 -7.34
N HIS A 319 1.55 7.54 -7.89
CA HIS A 319 0.77 8.64 -8.41
C HIS A 319 -0.06 8.25 -9.63
N THR A 320 0.38 7.29 -10.44
CA THR A 320 -0.49 6.92 -11.58
C THR A 320 -1.81 6.29 -11.09
N ARG A 321 -1.81 5.63 -9.95
CA ARG A 321 -3.06 5.07 -9.40
C ARG A 321 -4.03 6.20 -9.04
N SER A 322 -3.53 7.23 -8.37
CA SER A 322 -4.39 8.36 -7.98
C SER A 322 -4.88 9.12 -9.20
N ALA A 323 -3.99 9.34 -10.16
CA ALA A 323 -4.39 10.10 -11.31
C ALA A 323 -5.52 9.40 -12.05
N ARG A 324 -5.48 8.06 -12.14
CA ARG A 324 -6.54 7.32 -12.80
C ARG A 324 -7.88 7.46 -12.05
N ALA A 325 -7.85 7.33 -10.73
CA ALA A 325 -9.09 7.54 -9.99
C ALA A 325 -9.67 8.91 -10.25
N VAL A 326 -8.83 9.95 -10.22
CA VAL A 326 -9.31 11.33 -10.37
C VAL A 326 -9.96 11.55 -11.73
N VAL A 327 -9.25 11.20 -12.81
CA VAL A 327 -9.76 11.55 -14.13
C VAL A 327 -10.94 10.69 -14.51
N ASN A 328 -10.93 9.41 -14.10
CA ASN A 328 -12.11 8.61 -14.32
C ASN A 328 -13.32 9.23 -13.64
N ALA A 329 -13.15 9.68 -12.39
CA ALA A 329 -14.27 10.30 -11.67
C ALA A 329 -14.79 11.53 -12.42
N VAL A 330 -13.88 12.37 -12.91
CA VAL A 330 -14.28 13.59 -13.61
C VAL A 330 -15.07 13.23 -14.85
N ILE A 331 -14.54 12.30 -15.65
CA ILE A 331 -15.24 11.87 -16.86
C ILE A 331 -16.60 11.28 -16.51
N ALA A 332 -16.62 10.39 -15.50
CA ALA A 332 -17.86 9.73 -15.15
C ALA A 332 -18.91 10.74 -14.76
N SER A 333 -18.52 11.82 -14.06
CA SER A 333 -19.47 12.80 -13.60
C SER A 333 -20.04 13.63 -14.75
N VAL A 334 -19.30 13.73 -15.86
CA VAL A 334 -19.80 14.40 -17.05
C VAL A 334 -20.71 13.49 -17.85
N VAL A 335 -20.31 12.22 -18.08
CA VAL A 335 -21.07 11.32 -18.96
C VAL A 335 -22.01 10.39 -18.22
N GLY A 336 -21.96 10.35 -16.89
CA GLY A 336 -22.91 9.55 -16.15
C GLY A 336 -22.56 8.07 -16.10
N ASP A 337 -21.29 7.71 -16.34
CA ASP A 337 -20.91 6.32 -16.51
C ASP A 337 -19.44 6.13 -16.17
N PRO A 338 -19.09 5.36 -15.14
CA PRO A 338 -17.67 5.17 -14.80
C PRO A 338 -16.97 4.12 -15.65
N MET A 339 -17.68 3.47 -16.56
CA MET A 339 -17.07 2.39 -17.38
C MET A 339 -16.50 3.03 -18.64
N VAL A 340 -15.41 3.76 -18.43
CA VAL A 340 -14.66 4.45 -19.48
C VAL A 340 -13.19 4.14 -19.26
N TYR A 341 -12.42 4.24 -20.33
CA TYR A 341 -10.99 3.88 -20.33
C TYR A 341 -10.16 5.06 -19.83
N VAL A 342 -9.48 4.91 -18.69
CA VAL A 342 -8.55 5.94 -18.24
C VAL A 342 -7.24 5.23 -17.89
N SER A 343 -6.16 5.74 -18.44
CA SER A 343 -4.83 5.20 -18.27
C SER A 343 -3.95 6.29 -17.66
N GLY A 344 -3.11 5.93 -16.70
CA GLY A 344 -2.26 6.90 -16.03
C GLY A 344 -0.84 6.98 -16.57
N GLY A 345 -0.22 8.13 -16.32
CA GLY A 345 1.15 8.37 -16.73
C GLY A 345 1.11 9.00 -18.11
N ALA A 346 1.15 10.34 -18.21
CA ALA A 346 0.98 10.97 -19.52
C ALA A 346 2.18 11.76 -19.98
N GLU A 347 3.34 11.15 -19.82
CA GLU A 347 4.60 11.73 -20.25
C GLU A 347 4.57 11.97 -21.75
N HIS A 348 4.77 13.22 -22.14
CA HIS A 348 4.73 13.60 -23.55
C HIS A 348 3.40 13.23 -24.24
N GLN A 349 2.35 13.14 -23.44
CA GLN A 349 0.98 12.92 -23.91
C GLN A 349 0.19 14.08 -23.34
N GLY A 350 -0.12 15.08 -24.16
CA GLY A 350 -0.67 16.33 -23.63
C GLY A 350 0.32 17.04 -22.72
N PRO A 351 -0.04 18.24 -22.28
CA PRO A 351 0.88 19.01 -21.42
C PRO A 351 1.13 18.34 -20.07
N ASP A 352 2.05 18.92 -19.29
CA ASP A 352 2.44 18.42 -17.97
C ASP A 352 1.23 18.53 -17.04
N GLY A 353 0.67 17.40 -16.61
CA GLY A 353 -0.55 17.42 -15.82
C GLY A 353 -1.84 17.14 -16.57
N GLY A 354 -1.77 17.10 -17.90
CA GLY A 354 -2.92 16.81 -18.71
C GLY A 354 -2.65 15.63 -19.66
N GLY A 355 -3.63 15.36 -20.48
CA GLY A 355 -3.55 14.22 -21.36
C GLY A 355 -4.65 14.23 -22.40
N PRO A 356 -4.42 13.54 -23.51
CA PRO A 356 -5.45 13.48 -24.55
C PRO A 356 -6.69 12.76 -24.07
N ILE A 357 -7.83 13.12 -24.66
CA ILE A 357 -9.08 12.41 -24.38
C ILE A 357 -9.86 12.31 -25.68
N ALA A 358 -10.26 11.09 -26.03
CA ALA A 358 -11.01 10.80 -27.24
C ALA A 358 -12.35 10.17 -26.91
N VAL A 359 -13.28 10.34 -27.82
CA VAL A 359 -14.62 9.78 -27.68
C VAL A 359 -14.95 9.07 -28.97
N ILE A 360 -15.38 7.80 -28.87
CA ILE A 360 -15.95 7.07 -29.99
C ILE A 360 -17.46 7.08 -29.82
N ALA A 361 -18.17 7.48 -30.85
CA ALA A 361 -19.58 7.76 -30.78
C ALA A 361 -20.28 7.26 -32.04
N ARG A 362 -21.52 6.83 -31.87
CA ARG A 362 -22.40 6.58 -33.00
C ARG A 362 -22.75 7.90 -33.67
N VAL A 363 -22.88 7.86 -34.99
CA VAL A 363 -23.14 9.10 -35.72
C VAL A 363 -24.58 9.54 -35.49
N HIS B 1 2.17 -51.43 -7.98
CA HIS B 1 3.13 -52.09 -7.04
C HIS B 1 3.44 -51.21 -5.82
N MET B 2 4.22 -50.12 -5.99
CA MET B 2 4.73 -49.39 -4.85
C MET B 2 4.80 -47.90 -5.12
N GLN B 3 4.24 -47.11 -4.20
CA GLN B 3 4.28 -45.67 -4.36
C GLN B 3 5.68 -45.14 -4.08
N LYS B 4 6.15 -44.25 -4.93
CA LYS B 4 7.36 -43.49 -4.69
C LYS B 4 7.03 -42.04 -4.99
N VAL B 5 7.25 -41.17 -4.01
CA VAL B 5 6.91 -39.76 -4.18
C VAL B 5 8.21 -38.98 -4.38
N GLU B 6 8.24 -38.20 -5.45
CA GLU B 6 9.33 -37.26 -5.73
C GLU B 6 8.74 -35.87 -5.65
N VAL B 7 9.51 -34.93 -5.08
CA VAL B 7 9.07 -33.55 -4.85
C VAL B 7 10.13 -32.62 -5.42
N PHE B 8 9.70 -31.72 -6.29
CA PHE B 8 10.59 -30.78 -6.96
C PHE B 8 10.18 -29.37 -6.57
N ARG B 9 11.10 -28.64 -5.94
CA ARG B 9 10.90 -27.22 -5.65
C ARG B 9 11.55 -26.44 -6.79
N ILE B 10 10.73 -25.68 -7.51
CA ILE B 10 11.12 -25.10 -8.79
C ILE B 10 10.99 -23.58 -8.69
N PRO B 11 12.08 -22.83 -8.86
CA PRO B 11 11.96 -21.37 -8.87
C PRO B 11 11.14 -20.92 -10.06
N THR B 12 10.35 -19.86 -9.89
CA THR B 12 9.55 -19.30 -10.97
C THR B 12 9.93 -17.84 -11.21
N ALA B 13 9.84 -17.42 -12.47
CA ALA B 13 10.17 -16.04 -12.84
C ALA B 13 8.96 -15.11 -12.85
N SER B 14 7.75 -15.65 -12.80
CA SER B 14 6.48 -14.95 -12.93
C SER B 14 5.38 -15.96 -12.62
N PRO B 15 4.14 -15.50 -12.37
CA PRO B 15 3.08 -16.47 -12.04
C PRO B 15 2.87 -17.47 -13.14
N ASP B 16 3.06 -17.05 -14.39
CA ASP B 16 2.78 -17.89 -15.53
C ASP B 16 3.98 -18.70 -16.01
N ASP B 17 5.08 -18.73 -15.27
CA ASP B 17 6.33 -19.33 -15.75
C ASP B 17 6.27 -20.83 -15.56
N ILE B 18 6.20 -21.58 -16.66
CA ILE B 18 6.23 -23.02 -16.56
C ILE B 18 7.58 -23.59 -16.99
N SER B 19 8.60 -22.74 -17.18
CA SER B 19 9.81 -23.18 -17.87
C SER B 19 10.59 -24.20 -17.04
N GLY B 20 10.67 -24.00 -15.72
CA GLY B 20 11.41 -24.94 -14.88
C GLY B 20 10.76 -26.32 -14.81
N LEU B 21 9.44 -26.37 -14.75
CA LEU B 21 8.72 -27.64 -14.85
C LEU B 21 8.93 -28.28 -16.21
N ALA B 22 8.91 -27.48 -17.27
CA ALA B 22 9.12 -28.03 -18.61
C ALA B 22 10.53 -28.62 -18.76
N THR B 23 11.53 -27.96 -18.18
CA THR B 23 12.89 -28.49 -18.24
C THR B 23 12.95 -29.89 -17.62
N LEU B 24 12.31 -30.07 -16.46
CA LEU B 24 12.33 -31.37 -15.78
C LEU B 24 11.55 -32.42 -16.56
N ILE B 25 10.43 -32.05 -17.18
CA ILE B 25 9.70 -32.99 -18.03
C ILE B 25 10.54 -33.33 -19.26
N ASP B 26 11.08 -32.32 -19.93
CA ASP B 26 11.84 -32.53 -21.16
C ASP B 26 13.07 -33.41 -20.93
N SER B 27 13.68 -33.32 -19.74
CA SER B 27 14.86 -34.11 -19.45
C SER B 27 14.50 -35.54 -19.03
N GLY B 28 13.20 -35.84 -18.87
CA GLY B 28 12.79 -37.18 -18.47
C GLY B 28 12.70 -37.38 -16.98
N LYS B 29 12.98 -36.37 -16.19
CA LYS B 29 13.00 -36.48 -14.73
C LYS B 29 11.59 -36.50 -14.14
N ILE B 30 10.62 -35.87 -14.81
CA ILE B 30 9.20 -35.91 -14.40
C ILE B 30 8.37 -36.47 -15.54
N ASN B 31 7.62 -37.54 -15.29
CA ASN B 31 6.55 -37.95 -16.19
C ASN B 31 5.31 -37.14 -15.83
N PRO B 32 4.84 -36.26 -16.72
CA PRO B 32 3.72 -35.40 -16.33
C PRO B 32 2.45 -36.17 -15.95
N ALA B 33 2.27 -37.38 -16.44
CA ALA B 33 1.10 -38.16 -16.02
C ALA B 33 1.18 -38.60 -14.56
N GLU B 34 2.34 -38.45 -13.91
CA GLU B 34 2.51 -38.85 -12.52
C GLU B 34 2.44 -37.67 -11.58
N ILE B 35 2.26 -36.45 -12.10
CA ILE B 35 2.04 -35.31 -11.21
C ILE B 35 0.69 -35.45 -10.54
N VAL B 36 0.64 -35.31 -9.21
CA VAL B 36 -0.62 -35.35 -8.48
C VAL B 36 -0.98 -34.03 -7.83
N ALA B 37 -0.04 -33.13 -7.63
CA ALA B 37 -0.32 -31.87 -6.96
C ALA B 37 0.78 -30.88 -7.23
N ILE B 38 0.40 -29.61 -7.30
CA ILE B 38 1.37 -28.52 -7.37
C ILE B 38 0.97 -27.46 -6.34
N LEU B 39 1.93 -27.08 -5.51
CA LEU B 39 1.74 -26.09 -4.44
C LEU B 39 2.62 -24.89 -4.76
N GLY B 40 2.01 -23.74 -5.02
CA GLY B 40 2.75 -22.58 -5.48
C GLY B 40 2.77 -21.47 -4.45
N LYS B 41 3.85 -20.67 -4.51
CA LYS B 41 3.87 -19.31 -3.96
C LYS B 41 3.91 -18.36 -5.14
N THR B 42 2.85 -17.57 -5.33
CA THR B 42 2.71 -16.68 -6.46
C THR B 42 2.76 -15.24 -5.97
N GLU B 43 3.26 -14.32 -6.82
CA GLU B 43 3.73 -13.04 -6.32
C GLU B 43 2.66 -11.95 -6.29
N GLY B 44 1.38 -12.32 -6.24
CA GLY B 44 0.31 -11.38 -5.98
C GLY B 44 0.27 -10.99 -4.52
N ASN B 45 -0.79 -10.26 -4.14
CA ASN B 45 -0.81 -9.71 -2.79
C ASN B 45 -1.30 -10.72 -1.77
N GLY B 46 -1.71 -11.91 -2.20
CA GLY B 46 -2.09 -12.98 -1.29
C GLY B 46 -3.36 -12.68 -0.49
N CYS B 47 -4.10 -11.66 -0.87
CA CYS B 47 -5.32 -11.29 -0.18
C CYS B 47 -6.54 -11.50 -1.07
N VAL B 48 -7.46 -10.55 -1.08
CA VAL B 48 -8.68 -10.80 -1.84
C VAL B 48 -8.43 -10.65 -3.34
N ASN B 49 -7.90 -9.50 -3.77
CA ASN B 49 -7.73 -9.22 -5.20
C ASN B 49 -6.35 -9.66 -5.66
N ASP B 50 -6.08 -10.95 -5.51
CA ASP B 50 -4.86 -11.58 -6.02
C ASP B 50 -5.25 -12.48 -7.19
N PHE B 51 -4.92 -12.04 -8.40
CA PHE B 51 -5.19 -12.84 -9.58
C PHE B 51 -4.00 -13.64 -10.05
N THR B 52 -2.86 -13.55 -9.37
CA THR B 52 -1.73 -14.40 -9.74
C THR B 52 -2.02 -15.86 -9.43
N ARG B 53 -2.85 -16.14 -8.42
CA ARG B 53 -3.23 -17.51 -8.10
C ARG B 53 -3.92 -18.18 -9.29
N GLY B 54 -4.97 -17.55 -9.82
CA GLY B 54 -5.65 -18.09 -10.98
C GLY B 54 -4.77 -18.12 -12.22
N PHE B 55 -4.00 -17.08 -12.44
CA PHE B 55 -3.11 -17.01 -13.61
C PHE B 55 -2.11 -18.17 -13.58
N ALA B 56 -1.59 -18.49 -12.41
CA ALA B 56 -0.62 -19.56 -12.30
C ALA B 56 -1.29 -20.91 -12.56
N THR B 57 -2.48 -21.13 -12.00
CA THR B 57 -3.19 -22.38 -12.24
C THR B 57 -3.55 -22.54 -13.70
N GLN B 58 -4.09 -21.48 -14.32
CA GLN B 58 -4.45 -21.58 -15.73
C GLN B 58 -3.23 -21.91 -16.58
N SER B 59 -2.10 -21.26 -16.31
CA SER B 59 -0.91 -21.50 -17.08
C SER B 59 -0.41 -22.93 -16.92
N LEU B 60 -0.38 -23.43 -15.69
CA LEU B 60 0.09 -24.80 -15.51
C LEU B 60 -0.88 -25.80 -16.11
N ALA B 61 -2.18 -25.56 -15.99
CA ALA B 61 -3.18 -26.49 -16.51
C ALA B 61 -3.15 -26.53 -18.03
N MET B 62 -3.02 -25.37 -18.67
CA MET B 62 -2.87 -25.31 -20.12
C MET B 62 -1.62 -26.08 -20.58
N TYR B 63 -0.48 -25.84 -19.92
CA TYR B 63 0.76 -26.54 -20.28
C TYR B 63 0.61 -28.04 -20.10
N LEU B 64 0.11 -28.47 -18.96
CA LEU B 64 0.06 -29.92 -18.73
C LEU B 64 -0.98 -30.59 -19.63
N ALA B 65 -2.08 -29.90 -19.94
CA ALA B 65 -3.08 -30.45 -20.84
C ALA B 65 -2.50 -30.71 -22.23
N GLU B 66 -1.76 -29.74 -22.75
CA GLU B 66 -1.06 -29.95 -24.01
C GLU B 66 -0.07 -31.09 -23.92
N LYS B 67 0.69 -31.19 -22.82
CA LYS B 67 1.67 -32.27 -22.72
C LYS B 67 0.97 -33.63 -22.65
N LEU B 68 -0.15 -33.70 -21.95
CA LEU B 68 -0.86 -34.95 -21.71
C LEU B 68 -1.88 -35.28 -22.77
N GLY B 69 -2.12 -34.39 -23.73
CA GLY B 69 -3.14 -34.64 -24.74
C GLY B 69 -4.53 -34.76 -24.16
N ILE B 70 -4.85 -34.00 -23.12
CA ILE B 70 -6.18 -33.99 -22.53
C ILE B 70 -6.61 -32.54 -22.36
N SER B 71 -7.87 -32.35 -21.98
CA SER B 71 -8.38 -31.00 -21.81
C SER B 71 -7.90 -30.39 -20.50
N ARG B 72 -7.91 -29.05 -20.46
CA ARG B 72 -7.61 -28.36 -19.21
C ARG B 72 -8.55 -28.77 -18.11
N GLU B 73 -9.83 -28.99 -18.44
CA GLU B 73 -10.79 -29.37 -17.42
C GLU B 73 -10.48 -30.75 -16.84
N GLU B 74 -10.00 -31.68 -17.65
CA GLU B 74 -9.58 -32.96 -17.09
C GLU B 74 -8.34 -32.80 -16.22
N VAL B 75 -7.43 -31.91 -16.61
CA VAL B 75 -6.22 -31.74 -15.81
C VAL B 75 -6.60 -31.25 -14.42
N VAL B 76 -7.54 -30.30 -14.34
CA VAL B 76 -7.87 -29.72 -13.05
C VAL B 76 -8.71 -30.69 -12.22
N LYS B 77 -9.41 -31.63 -12.85
CA LYS B 77 -10.06 -32.70 -12.11
C LYS B 77 -9.05 -33.73 -11.56
N LYS B 78 -7.87 -33.84 -12.15
CA LYS B 78 -6.91 -34.89 -11.80
C LYS B 78 -5.80 -34.43 -10.87
N VAL B 79 -5.36 -33.18 -10.99
CA VAL B 79 -4.21 -32.63 -10.27
C VAL B 79 -4.69 -31.52 -9.34
N ALA B 80 -4.21 -31.54 -8.09
CA ALA B 80 -4.49 -30.44 -7.16
C ALA B 80 -3.60 -29.26 -7.56
N PHE B 81 -4.19 -28.09 -7.76
CA PHE B 81 -3.47 -26.85 -8.01
C PHE B 81 -3.78 -25.93 -6.82
N ILE B 82 -2.79 -25.73 -5.93
CA ILE B 82 -2.97 -24.94 -4.71
C ILE B 82 -1.96 -23.79 -4.80
N MET B 83 -2.43 -22.59 -5.12
CA MET B 83 -1.55 -21.44 -5.33
C MET B 83 -1.81 -20.45 -4.18
N SER B 84 -0.79 -20.28 -3.36
CA SER B 84 -0.80 -19.37 -2.21
C SER B 84 -0.14 -18.07 -2.65
N GLY B 85 -0.91 -16.98 -2.74
CA GLY B 85 -0.35 -15.70 -3.10
C GLY B 85 0.39 -15.04 -1.96
N GLY B 86 1.15 -14.01 -2.31
CA GLY B 86 1.87 -13.25 -1.34
C GLY B 86 3.30 -13.74 -1.18
N THR B 87 4.24 -13.03 -1.79
CA THR B 87 5.66 -13.36 -1.67
C THR B 87 6.37 -12.09 -1.17
N GLU B 88 6.09 -11.72 0.06
CA GLU B 88 6.55 -10.48 0.66
C GLU B 88 7.94 -10.69 1.25
N GLY B 89 8.57 -9.58 1.63
CA GLY B 89 9.89 -9.68 2.20
C GLY B 89 10.88 -10.21 1.15
N VAL B 90 11.67 -11.21 1.55
CA VAL B 90 12.59 -11.86 0.62
C VAL B 90 12.02 -13.17 0.10
N MET B 91 10.75 -13.48 0.38
CA MET B 91 10.23 -14.79 0.02
C MET B 91 10.23 -14.96 -1.50
N THR B 92 10.76 -16.06 -1.96
CA THR B 92 10.99 -16.26 -3.40
C THR B 92 9.83 -17.02 -4.07
N PRO B 93 9.25 -16.49 -5.15
CA PRO B 93 8.20 -17.24 -5.86
C PRO B 93 8.73 -18.57 -6.40
N HIS B 94 7.88 -19.59 -6.34
CA HIS B 94 8.30 -20.93 -6.71
C HIS B 94 7.07 -21.83 -6.71
N ILE B 95 7.21 -23.00 -7.34
CA ILE B 95 6.20 -24.05 -7.19
C ILE B 95 6.86 -25.33 -6.67
N THR B 96 6.07 -26.11 -5.91
CA THR B 96 6.50 -27.42 -5.44
C THR B 96 5.61 -28.47 -6.09
N VAL B 97 6.21 -29.33 -6.90
CA VAL B 97 5.53 -30.31 -7.74
C VAL B 97 5.65 -31.67 -7.07
N PHE B 98 4.50 -32.31 -6.82
CA PHE B 98 4.43 -33.62 -6.16
C PHE B 98 4.17 -34.66 -7.23
N VAL B 99 5.08 -35.63 -7.37
CA VAL B 99 4.98 -36.68 -8.37
C VAL B 99 4.86 -38.00 -7.63
N ARG B 100 3.87 -38.80 -7.99
CA ARG B 100 3.69 -40.12 -7.38
C ARG B 100 3.85 -41.13 -8.48
N LYS B 101 4.98 -41.82 -8.49
CA LYS B 101 5.28 -42.90 -9.40
C LYS B 101 4.82 -44.24 -8.82
N ASP B 102 4.50 -45.16 -9.72
CA ASP B 102 4.30 -46.56 -9.39
C ASP B 102 5.58 -47.29 -9.80
N VAL B 103 6.35 -47.77 -8.81
CA VAL B 103 7.62 -48.43 -9.07
C VAL B 103 7.53 -49.91 -8.76
N ALA B 104 8.49 -50.66 -9.29
CA ALA B 104 8.55 -52.09 -9.04
C ALA B 104 9.15 -52.40 -7.69
N ALA B 105 10.02 -51.54 -7.19
CA ALA B 105 10.81 -51.77 -6.01
C ALA B 105 9.98 -52.09 -4.76
N PRO B 106 10.59 -52.71 -3.75
CA PRO B 106 9.92 -52.84 -2.45
C PRO B 106 9.88 -51.49 -1.75
N ALA B 107 9.08 -51.44 -0.69
CA ALA B 107 9.07 -50.27 0.16
C ALA B 107 10.44 -50.10 0.83
N ALA B 108 10.88 -48.86 0.99
CA ALA B 108 12.09 -48.59 1.75
C ALA B 108 11.86 -48.98 3.22
N PRO B 109 12.93 -49.31 3.96
CA PRO B 109 12.74 -49.62 5.39
C PRO B 109 12.21 -48.41 6.16
N GLY B 110 11.34 -48.69 7.12
CA GLY B 110 10.76 -47.62 7.92
C GLY B 110 9.65 -46.92 7.17
N LYS B 111 9.40 -45.68 7.55
CA LYS B 111 8.32 -44.87 7.00
C LYS B 111 8.93 -43.81 6.09
N ARG B 112 8.40 -43.71 4.87
CA ARG B 112 8.90 -42.73 3.92
C ARG B 112 7.74 -41.92 3.35
N LEU B 113 8.09 -40.80 2.74
CA LEU B 113 7.10 -39.80 2.32
C LEU B 113 5.99 -40.41 1.48
N ALA B 114 4.76 -39.99 1.77
CA ALA B 114 3.56 -40.42 1.09
C ALA B 114 2.62 -39.23 0.99
N VAL B 115 1.91 -39.13 -0.12
CA VAL B 115 1.00 -38.03 -0.34
C VAL B 115 -0.33 -38.59 -0.84
N GLY B 116 -1.41 -37.96 -0.40
CA GLY B 116 -2.73 -38.26 -0.92
C GLY B 116 -3.43 -36.96 -1.25
N VAL B 117 -4.36 -37.05 -2.19
CA VAL B 117 -5.10 -35.89 -2.67
C VAL B 117 -6.59 -36.22 -2.64
N ALA B 118 -7.40 -35.25 -2.20
CA ALA B 118 -8.84 -35.41 -2.23
C ALA B 118 -9.46 -34.04 -2.46
N PHE B 119 -10.60 -34.01 -3.17
CA PHE B 119 -11.35 -32.77 -3.37
C PHE B 119 -12.72 -32.87 -2.72
N THR B 120 -13.21 -31.78 -2.12
CA THR B 120 -14.57 -31.79 -1.61
C THR B 120 -15.55 -31.42 -2.70
N ARG B 121 -16.85 -31.58 -2.41
CA ARG B 121 -17.87 -30.94 -3.21
C ARG B 121 -17.71 -29.43 -3.14
N ASP B 122 -18.34 -28.73 -4.10
CA ASP B 122 -18.43 -27.27 -4.05
C ASP B 122 -19.29 -26.88 -2.86
N PHE B 123 -18.96 -25.76 -2.23
CA PHE B 123 -19.71 -25.28 -1.07
C PHE B 123 -20.63 -24.15 -1.48
N LEU B 124 -21.86 -24.24 -1.02
CA LEU B 124 -22.72 -23.07 -1.07
C LEU B 124 -22.09 -21.97 -0.23
N PRO B 125 -22.27 -20.72 -0.62
CA PRO B 125 -21.70 -19.61 0.17
C PRO B 125 -22.06 -19.67 1.65
N GLU B 126 -23.28 -20.08 2.02
CA GLU B 126 -23.70 -20.13 3.41
C GLU B 126 -23.07 -21.27 4.19
N GLU B 127 -22.31 -22.12 3.53
CA GLU B 127 -21.60 -23.19 4.22
C GLU B 127 -20.20 -22.77 4.62
N LEU B 128 -19.65 -21.73 4.00
CA LEU B 128 -18.28 -21.34 4.29
C LEU B 128 -18.16 -20.86 5.73
N GLY B 129 -17.11 -21.30 6.40
CA GLY B 129 -16.94 -20.94 7.79
C GLY B 129 -17.91 -21.58 8.75
N ARG B 130 -18.56 -22.68 8.36
CA ARG B 130 -19.51 -23.37 9.21
C ARG B 130 -19.29 -24.87 9.16
N MET B 131 -20.11 -25.60 9.94
CA MET B 131 -19.85 -27.02 10.17
C MET B 131 -19.93 -27.82 8.89
N GLU B 132 -20.72 -27.38 7.91
CA GLU B 132 -20.76 -28.10 6.64
C GLU B 132 -19.37 -28.14 5.99
N GLN B 133 -18.63 -27.03 6.03
CA GLN B 133 -17.27 -27.05 5.52
C GLN B 133 -16.38 -27.93 6.39
N VAL B 134 -16.47 -27.76 7.71
CA VAL B 134 -15.68 -28.56 8.64
C VAL B 134 -15.85 -30.05 8.35
N ASN B 135 -17.10 -30.50 8.29
CA ASN B 135 -17.34 -31.94 8.21
C ASN B 135 -16.95 -32.51 6.85
N GLU B 136 -17.25 -31.77 5.78
CA GLU B 136 -16.87 -32.21 4.45
C GLU B 136 -15.36 -32.22 4.26
N VAL B 137 -14.66 -31.24 4.82
CA VAL B 137 -13.20 -31.29 4.79
C VAL B 137 -12.70 -32.50 5.56
N ALA B 138 -13.27 -32.77 6.74
CA ALA B 138 -12.83 -33.91 7.51
C ALA B 138 -12.92 -35.19 6.68
N ARG B 139 -14.06 -35.40 6.03
CA ARG B 139 -14.26 -36.58 5.18
C ARG B 139 -13.18 -36.67 4.11
N ALA B 140 -12.88 -35.54 3.46
CA ALA B 140 -11.88 -35.53 2.40
C ALA B 140 -10.48 -35.80 2.93
N VAL B 141 -10.19 -35.34 4.14
CA VAL B 141 -8.87 -35.59 4.71
C VAL B 141 -8.67 -37.08 4.94
N LYS B 142 -9.67 -37.75 5.51
CA LYS B 142 -9.59 -39.19 5.67
C LYS B 142 -9.44 -39.90 4.33
N GLU B 143 -10.16 -39.46 3.31
CA GLU B 143 -9.97 -40.04 1.99
C GLU B 143 -8.52 -39.88 1.51
N ALA B 144 -7.93 -38.68 1.66
CA ALA B 144 -6.58 -38.48 1.18
C ALA B 144 -5.55 -39.29 1.97
N MET B 145 -5.77 -39.45 3.30
CA MET B 145 -4.90 -40.32 4.08
C MET B 145 -4.88 -41.73 3.49
N LYS B 146 -6.06 -42.23 3.10
CA LYS B 146 -6.14 -43.55 2.50
C LYS B 146 -5.42 -43.58 1.15
N ASP B 147 -5.62 -42.56 0.32
N ASP B 147 -5.59 -42.55 0.33
CA ASP B 147 -4.86 -42.41 -0.92
CA ASP B 147 -4.83 -42.50 -0.91
C ASP B 147 -3.36 -42.53 -0.65
C ASP B 147 -3.34 -42.54 -0.65
N ALA B 148 -2.89 -41.97 0.46
CA ALA B 148 -1.46 -41.97 0.79
C ALA B 148 -1.02 -43.25 1.47
N GLN B 149 -1.95 -44.12 1.87
CA GLN B 149 -1.61 -45.35 2.58
C GLN B 149 -0.99 -45.04 3.94
N ILE B 150 -1.50 -43.99 4.57
CA ILE B 150 -1.18 -43.65 5.94
C ILE B 150 -2.39 -44.05 6.79
N ASP B 151 -2.17 -45.01 7.70
CA ASP B 151 -3.17 -45.47 8.65
C ASP B 151 -3.18 -44.63 9.92
N ASP B 152 -2.00 -44.27 10.43
CA ASP B 152 -1.88 -43.65 11.73
C ASP B 152 -1.88 -42.13 11.59
N PRO B 153 -2.85 -41.40 12.17
CA PRO B 153 -2.85 -39.93 12.04
C PRO B 153 -1.57 -39.29 12.54
N ARG B 154 -0.86 -39.92 13.45
CA ARG B 154 0.39 -39.32 13.91
C ARG B 154 1.45 -39.33 12.82
N ASP B 155 1.26 -40.09 11.75
CA ASP B 155 2.17 -40.08 10.62
C ASP B 155 1.79 -39.04 9.57
N VAL B 156 0.79 -38.20 9.85
CA VAL B 156 0.45 -37.08 8.98
C VAL B 156 1.14 -35.84 9.53
N HIS B 157 1.91 -35.17 8.70
CA HIS B 157 2.71 -34.05 9.15
C HIS B 157 2.37 -32.71 8.53
N PHE B 158 1.63 -32.68 7.44
CA PHE B 158 1.21 -31.40 6.86
C PHE B 158 -0.03 -31.70 6.05
N VAL B 159 -1.09 -30.93 6.26
CA VAL B 159 -2.29 -31.07 5.44
C VAL B 159 -2.54 -29.71 4.80
N GLN B 160 -2.34 -29.64 3.49
CA GLN B 160 -2.42 -28.37 2.78
C GLN B 160 -3.75 -28.30 2.04
N ILE B 161 -4.47 -27.19 2.20
CA ILE B 161 -5.80 -27.06 1.66
C ILE B 161 -5.89 -25.75 0.90
N LYS B 162 -6.53 -25.78 -0.26
CA LYS B 162 -7.02 -24.55 -0.88
C LYS B 162 -8.52 -24.50 -0.63
N CYS B 163 -9.00 -23.35 -0.20
CA CYS B 163 -10.41 -23.19 0.08
C CYS B 163 -11.03 -21.91 -0.50
N PRO B 164 -12.35 -21.83 -0.52
CA PRO B 164 -12.98 -20.69 -1.19
C PRO B 164 -13.09 -19.45 -0.33
N LEU B 165 -13.62 -18.38 -0.91
CA LEU B 165 -13.95 -17.17 -0.16
C LEU B 165 -15.31 -16.69 -0.68
N LEU B 166 -15.86 -15.71 0.02
CA LEU B 166 -17.14 -15.11 -0.33
C LEU B 166 -16.84 -13.91 -1.20
N THR B 167 -17.40 -13.89 -2.41
CA THR B 167 -17.48 -12.71 -3.24
C THR B 167 -18.82 -12.04 -2.98
N ALA B 168 -18.88 -10.75 -3.26
CA ALA B 168 -20.16 -10.04 -3.28
C ALA B 168 -21.26 -10.80 -4.03
N GLU B 169 -20.93 -11.39 -5.17
CA GLU B 169 -21.96 -12.06 -5.97
C GLU B 169 -22.43 -13.33 -5.28
N ARG B 170 -21.51 -14.06 -4.64
CA ARG B 170 -21.89 -15.29 -3.95
C ARG B 170 -22.75 -14.98 -2.74
N ILE B 171 -22.42 -13.90 -2.00
CA ILE B 171 -23.24 -13.49 -0.87
C ILE B 171 -24.66 -13.19 -1.34
N GLU B 172 -24.77 -12.47 -2.45
CA GLU B 172 -26.06 -12.13 -3.02
C GLU B 172 -26.83 -13.38 -3.45
N ASP B 173 -26.13 -14.39 -3.94
CA ASP B 173 -26.82 -15.63 -4.32
C ASP B 173 -27.37 -16.35 -3.11
N ALA B 174 -26.66 -16.30 -1.97
CA ALA B 174 -27.15 -16.91 -0.75
C ALA B 174 -28.38 -16.17 -0.21
N LYS B 175 -28.36 -14.83 -0.21
CA LYS B 175 -29.51 -14.12 0.33
C LYS B 175 -30.72 -14.23 -0.60
N ARG B 176 -30.51 -14.21 -1.91
CA ARG B 176 -31.59 -14.51 -2.84
C ARG B 176 -32.26 -15.84 -2.52
N ARG B 177 -31.49 -16.81 -2.02
CA ARG B 177 -32.03 -18.11 -1.64
C ARG B 177 -32.50 -18.16 -0.18
N GLY B 178 -32.61 -17.00 0.48
CA GLY B 178 -33.06 -16.97 1.84
C GLY B 178 -32.02 -17.37 2.86
N LYS B 179 -30.74 -17.28 2.50
CA LYS B 179 -29.65 -17.71 3.38
C LYS B 179 -28.75 -16.54 3.76
N ASP B 180 -28.19 -16.61 4.98
CA ASP B 180 -27.23 -15.64 5.47
C ASP B 180 -25.83 -16.26 5.42
N VAL B 181 -24.83 -15.41 5.33
CA VAL B 181 -23.44 -15.87 5.24
C VAL B 181 -22.75 -15.61 6.57
N VAL B 182 -21.65 -16.34 6.79
CA VAL B 182 -20.99 -16.26 8.09
C VAL B 182 -20.51 -14.85 8.36
N VAL B 183 -20.11 -14.12 7.33
CA VAL B 183 -19.63 -12.76 7.50
C VAL B 183 -19.80 -12.03 6.17
N ASN B 184 -20.29 -10.80 6.25
CA ASN B 184 -20.57 -9.96 5.09
C ASN B 184 -19.34 -9.11 4.71
N ASP B 185 -18.25 -9.81 4.41
CA ASP B 185 -16.97 -9.18 4.17
C ASP B 185 -16.01 -10.15 3.48
N THR B 186 -15.49 -9.82 2.29
CA THR B 186 -14.78 -10.83 1.52
C THR B 186 -13.46 -11.20 2.19
N TYR B 187 -12.74 -10.21 2.70
CA TYR B 187 -11.45 -10.48 3.32
C TYR B 187 -11.59 -11.31 4.59
N LYS B 188 -12.57 -10.95 5.45
CA LYS B 188 -12.80 -11.75 6.64
C LYS B 188 -13.31 -13.15 6.29
N SER B 189 -13.97 -13.30 5.14
CA SER B 189 -14.45 -14.63 4.78
C SER B 189 -13.29 -15.58 4.52
N MET B 190 -12.16 -15.03 4.08
CA MET B 190 -10.96 -15.86 3.95
C MET B 190 -10.58 -16.51 5.28
N ALA B 191 -10.64 -15.76 6.38
CA ALA B 191 -10.26 -16.30 7.70
C ALA B 191 -11.25 -17.37 8.17
N TYR B 192 -12.56 -17.16 7.94
CA TYR B 192 -13.55 -18.17 8.27
C TYR B 192 -13.38 -19.42 7.42
N SER B 193 -13.18 -19.25 6.12
CA SER B 193 -12.95 -20.42 5.27
C SER B 193 -11.69 -21.17 5.69
N ARG B 194 -10.58 -20.44 5.86
CA ARG B 194 -9.35 -21.05 6.36
C ARG B 194 -9.59 -21.77 7.67
N GLY B 195 -10.30 -21.12 8.59
CA GLY B 195 -10.47 -21.65 9.94
C GLY B 195 -11.36 -22.88 9.98
N ALA B 196 -12.48 -22.85 9.27
CA ALA B 196 -13.35 -24.02 9.21
C ALA B 196 -12.61 -25.19 8.56
N SER B 197 -11.83 -24.92 7.51
CA SER B 197 -11.09 -25.98 6.86
C SER B 197 -10.05 -26.58 7.80
N ALA B 198 -9.37 -25.74 8.58
CA ALA B 198 -8.37 -26.25 9.51
C ALA B 198 -9.01 -27.12 10.60
N LEU B 199 -10.18 -26.72 11.08
CA LEU B 199 -10.86 -27.53 12.09
C LEU B 199 -11.29 -28.88 11.51
N GLY B 200 -11.57 -28.94 10.22
CA GLY B 200 -11.92 -30.21 9.61
C GLY B 200 -10.73 -31.15 9.60
N VAL B 201 -9.54 -30.60 9.36
CA VAL B 201 -8.33 -31.39 9.49
C VAL B 201 -8.20 -31.94 10.91
N ALA B 202 -8.38 -31.05 11.90
CA ALA B 202 -8.26 -31.44 13.30
C ALA B 202 -9.24 -32.53 13.66
N LEU B 203 -10.47 -32.45 13.14
CA LEU B 203 -11.47 -33.45 13.45
C LEU B 203 -11.10 -34.78 12.81
N ALA B 204 -10.68 -34.74 11.55
CA ALA B 204 -10.34 -35.96 10.82
C ALA B 204 -9.17 -36.70 11.48
N LEU B 205 -8.20 -35.96 12.02
CA LEU B 205 -7.00 -36.56 12.60
C LEU B 205 -7.14 -36.89 14.08
N GLY B 206 -8.24 -36.54 14.72
CA GLY B 206 -8.33 -36.82 16.13
C GLY B 206 -7.53 -35.86 16.98
N GLU B 207 -7.14 -34.73 16.43
CA GLU B 207 -6.49 -33.69 17.22
C GLU B 207 -7.49 -32.99 18.12
N ILE B 208 -8.75 -32.90 17.69
CA ILE B 208 -9.83 -32.33 18.49
C ILE B 208 -11.05 -33.23 18.40
N SER B 209 -11.73 -33.43 19.51
CA SER B 209 -12.94 -34.23 19.47
C SER B 209 -14.10 -33.43 18.86
N ALA B 210 -15.02 -34.16 18.23
CA ALA B 210 -16.10 -33.54 17.46
C ALA B 210 -17.01 -32.70 18.34
N ASP B 211 -17.24 -33.11 19.59
CA ASP B 211 -18.20 -32.38 20.41
C ASP B 211 -17.65 -31.03 20.88
N LYS B 212 -16.41 -30.67 20.58
CA LYS B 212 -15.89 -29.36 20.93
C LYS B 212 -15.99 -28.36 19.78
N ILE B 213 -16.41 -28.81 18.60
CA ILE B 213 -16.43 -27.98 17.40
C ILE B 213 -17.87 -27.63 17.06
N SER B 214 -18.17 -26.34 17.03
CA SER B 214 -19.48 -25.84 16.65
C SER B 214 -19.30 -24.57 15.83
N ASN B 215 -20.39 -24.11 15.23
CA ASN B 215 -20.34 -22.86 14.44
C ASN B 215 -19.82 -21.69 15.28
N GLU B 216 -20.30 -21.58 16.52
CA GLU B 216 -19.89 -20.49 17.39
C GLU B 216 -18.41 -20.56 17.77
N ALA B 217 -17.77 -21.72 17.68
CA ALA B 217 -16.36 -21.81 18.01
C ALA B 217 -15.46 -21.38 16.84
N ILE B 218 -15.96 -21.38 15.61
CA ILE B 218 -15.11 -21.13 14.45
C ILE B 218 -14.67 -19.67 14.45
N CYS B 219 -13.36 -19.47 14.38
CA CYS B 219 -12.70 -18.17 14.48
C CYS B 219 -13.05 -17.41 15.75
N HIS B 220 -13.34 -18.16 16.82
CA HIS B 220 -13.50 -17.57 18.14
C HIS B 220 -12.69 -18.31 19.22
N ASP B 221 -12.73 -19.64 19.27
CA ASP B 221 -12.01 -20.39 20.32
C ASP B 221 -10.65 -20.79 19.79
N TRP B 222 -9.65 -19.93 20.06
CA TRP B 222 -8.31 -20.21 19.57
C TRP B 222 -7.60 -21.32 20.34
N ASN B 223 -8.18 -21.82 21.42
CA ASN B 223 -7.67 -23.03 22.07
C ASN B 223 -7.80 -24.24 21.17
N LEU B 224 -8.64 -24.15 20.15
CA LEU B 224 -8.88 -25.27 19.24
C LEU B 224 -7.98 -25.10 18.03
N TYR B 225 -7.07 -26.06 17.82
CA TYR B 225 -6.31 -25.95 16.59
C TYR B 225 -5.69 -27.28 16.19
N SER B 226 -5.46 -27.38 14.88
CA SER B 226 -4.67 -28.44 14.29
C SER B 226 -3.19 -28.04 14.31
N SER B 227 -2.33 -29.03 14.53
CA SER B 227 -0.88 -28.87 14.52
C SER B 227 -0.26 -29.19 13.17
N VAL B 228 -1.06 -29.55 12.17
CA VAL B 228 -0.53 -29.86 10.86
C VAL B 228 -1.31 -29.21 9.72
N ALA B 229 -2.44 -28.57 10.01
CA ALA B 229 -3.22 -27.96 8.94
C ALA B 229 -2.58 -26.68 8.43
N SER B 230 -2.63 -26.50 7.12
CA SER B 230 -2.15 -25.32 6.44
C SER B 230 -3.20 -24.97 5.40
N THR B 231 -3.97 -23.91 5.60
CA THR B 231 -5.06 -23.64 4.67
C THR B 231 -4.92 -22.24 4.04
N SER B 232 -5.42 -22.12 2.81
CA SER B 232 -5.15 -20.96 1.95
C SER B 232 -6.42 -20.70 1.15
N ALA B 233 -6.89 -19.46 1.11
CA ALA B 233 -8.15 -19.14 0.46
C ALA B 233 -7.88 -18.42 -0.86
N GLY B 234 -8.82 -18.56 -1.79
CA GLY B 234 -8.70 -17.88 -3.06
C GLY B 234 -10.02 -17.77 -3.77
N VAL B 235 -10.07 -16.87 -4.74
CA VAL B 235 -11.30 -16.64 -5.49
C VAL B 235 -11.48 -17.68 -6.57
N GLU B 236 -10.43 -18.42 -6.88
CA GLU B 236 -10.39 -19.16 -8.12
C GLU B 236 -10.98 -20.56 -8.00
N LEU B 237 -11.58 -20.91 -6.87
CA LEU B 237 -12.26 -22.19 -6.75
C LEU B 237 -13.44 -22.05 -5.81
N LEU B 238 -14.33 -23.07 -5.87
CA LEU B 238 -15.54 -23.09 -5.06
C LEU B 238 -15.61 -24.26 -4.08
N ASN B 239 -14.64 -25.19 -4.12
CA ASN B 239 -14.57 -26.28 -3.17
C ASN B 239 -13.28 -26.18 -2.35
N ASP B 240 -12.95 -27.23 -1.60
CA ASP B 240 -11.65 -27.37 -0.94
C ASP B 240 -10.83 -28.46 -1.66
N GLU B 241 -9.56 -28.16 -1.94
CA GLU B 241 -8.61 -29.16 -2.42
C GLU B 241 -7.66 -29.52 -1.29
N ILE B 242 -7.43 -30.82 -1.07
CA ILE B 242 -6.65 -31.30 0.07
C ILE B 242 -5.45 -32.09 -0.41
N ILE B 243 -4.25 -31.75 0.11
CA ILE B 243 -3.08 -32.61 -0.01
C ILE B 243 -2.64 -33.04 1.39
N VAL B 244 -2.70 -34.34 1.66
CA VAL B 244 -2.18 -34.92 2.89
C VAL B 244 -0.74 -35.33 2.63
N VAL B 245 0.19 -34.89 3.48
CA VAL B 245 1.59 -35.25 3.33
C VAL B 245 2.06 -35.88 4.64
N GLY B 246 2.65 -37.06 4.54
CA GLY B 246 3.04 -37.78 5.74
C GLY B 246 4.03 -38.86 5.38
N ASN B 247 4.19 -39.81 6.29
CA ASN B 247 5.08 -40.96 6.03
C ASN B 247 4.29 -42.24 6.17
N SER B 248 4.59 -43.19 5.30
CA SER B 248 3.89 -44.47 5.21
C SER B 248 4.90 -45.58 5.36
N THR B 249 4.50 -46.69 6.01
CA THR B 249 5.34 -47.87 5.98
C THR B 249 5.32 -48.58 4.64
N ASN B 250 4.53 -48.10 3.67
CA ASN B 250 4.47 -48.75 2.37
C ASN B 250 4.91 -47.77 1.30
N SER B 251 6.13 -47.23 1.42
CA SER B 251 6.60 -46.21 0.50
C SER B 251 8.04 -46.43 0.10
N ALA B 252 8.34 -46.17 -1.17
CA ALA B 252 9.69 -46.27 -1.69
C ALA B 252 10.35 -44.91 -1.84
N SER B 253 9.75 -43.86 -1.28
CA SER B 253 10.31 -42.54 -1.44
C SER B 253 11.68 -42.46 -0.76
N ASP B 254 12.59 -41.72 -1.41
CA ASP B 254 13.85 -41.30 -0.83
C ASP B 254 13.70 -40.05 0.02
N LEU B 255 12.48 -39.74 0.46
CA LEU B 255 12.19 -38.55 1.22
C LEU B 255 11.37 -38.90 2.47
N VAL B 256 11.41 -37.99 3.43
CA VAL B 256 10.57 -38.06 4.63
C VAL B 256 10.03 -36.66 4.91
N ILE B 257 9.01 -36.58 5.75
CA ILE B 257 8.55 -35.29 6.23
C ILE B 257 8.52 -35.30 7.76
N GLY B 258 8.80 -34.12 8.33
CA GLY B 258 8.69 -33.92 9.76
C GLY B 258 8.07 -32.56 10.03
N HIS B 259 7.68 -32.32 11.28
CA HIS B 259 7.05 -31.03 11.53
C HIS B 259 7.19 -30.61 12.98
N SER B 260 6.91 -29.33 13.20
CA SER B 260 6.75 -28.76 14.54
C SER B 260 5.66 -27.69 14.43
N VAL B 261 5.51 -26.89 15.48
CA VAL B 261 4.55 -25.79 15.51
C VAL B 261 5.28 -24.54 16.00
N MET B 262 5.27 -23.50 15.20
CA MET B 262 5.79 -22.23 15.68
C MET B 262 4.83 -21.66 16.73
N LYS B 263 5.36 -21.36 17.93
CA LYS B 263 4.49 -20.80 18.96
C LYS B 263 4.18 -19.33 18.70
N ASP B 264 5.02 -18.65 17.92
CA ASP B 264 4.79 -17.27 17.53
C ASP B 264 5.64 -17.03 16.29
N ALA B 265 5.54 -15.81 15.76
CA ALA B 265 6.13 -15.53 14.45
C ALA B 265 7.66 -15.51 14.45
N ILE B 266 8.31 -15.45 15.60
CA ILE B 266 9.77 -15.41 15.60
C ILE B 266 10.35 -16.66 16.26
N ASP B 267 9.59 -17.75 16.26
CA ASP B 267 10.01 -18.97 16.94
C ASP B 267 10.95 -19.77 16.04
N ALA B 268 12.22 -19.35 15.98
CA ALA B 268 13.25 -20.11 15.27
C ALA B 268 13.47 -21.50 15.87
N ASP B 269 13.31 -21.64 17.18
CA ASP B 269 13.45 -22.94 17.80
C ASP B 269 12.52 -23.97 17.15
N ALA B 270 11.32 -23.56 16.78
CA ALA B 270 10.38 -24.47 16.12
C ALA B 270 10.86 -24.84 14.73
N VAL B 271 11.54 -23.91 14.06
CA VAL B 271 12.09 -24.24 12.75
C VAL B 271 13.15 -25.33 12.90
N ARG B 272 14.05 -25.16 13.88
CA ARG B 272 15.05 -26.20 14.08
C ARG B 272 14.41 -27.51 14.52
N ALA B 273 13.32 -27.45 15.29
CA ALA B 273 12.68 -28.67 15.74
C ALA B 273 12.05 -29.41 14.57
N ALA B 274 11.45 -28.67 13.63
CA ALA B 274 10.88 -29.31 12.45
C ALA B 274 11.99 -29.91 11.57
N LEU B 275 13.12 -29.25 11.45
CA LEU B 275 14.23 -29.84 10.71
C LEU B 275 14.71 -31.14 11.36
N LYS B 276 14.87 -31.13 12.69
CA LYS B 276 15.29 -32.32 13.40
C LYS B 276 14.30 -33.47 13.20
N ASP B 277 13.00 -33.16 13.24
CA ASP B 277 11.97 -34.17 13.07
C ASP B 277 12.01 -34.78 11.67
N ALA B 278 12.57 -34.07 10.69
CA ALA B 278 12.76 -34.57 9.33
C ALA B 278 14.14 -35.17 9.11
N GLY B 279 14.92 -35.39 10.17
CA GLY B 279 16.19 -36.05 10.07
C GLY B 279 17.37 -35.13 9.85
N ILE B 280 17.16 -33.81 9.87
CA ILE B 280 18.23 -32.85 9.64
C ILE B 280 18.73 -32.41 11.01
N ARG B 281 19.90 -32.88 11.40
CA ARG B 281 20.39 -32.69 12.76
C ARG B 281 21.52 -31.68 12.89
N SER B 282 22.07 -31.20 11.78
CA SER B 282 23.15 -30.22 11.84
C SER B 282 23.00 -29.24 10.68
N ASP B 283 23.72 -28.13 10.77
CA ASP B 283 23.66 -27.13 9.71
C ASP B 283 24.12 -27.70 8.36
N ASP B 284 25.13 -28.57 8.37
CA ASP B 284 25.63 -29.09 7.11
C ASP B 284 24.63 -30.02 6.44
N GLU B 285 23.68 -30.58 7.19
CA GLU B 285 22.66 -31.47 6.62
C GLU B 285 21.47 -30.71 6.06
N MET B 286 21.50 -29.39 6.08
CA MET B 286 20.41 -28.62 5.50
C MET B 286 20.39 -28.68 3.99
N ASP B 287 21.47 -29.11 3.34
CA ASP B 287 21.38 -29.34 1.90
C ASP B 287 20.43 -30.49 1.57
N ARG B 288 19.92 -31.22 2.57
CA ARG B 288 18.90 -32.23 2.31
C ARG B 288 17.48 -31.70 2.29
N ILE B 289 17.29 -30.40 2.54
CA ILE B 289 15.96 -29.83 2.51
C ILE B 289 15.44 -29.84 1.07
N VAL B 290 14.21 -30.29 0.92
CA VAL B 290 13.48 -30.15 -0.32
C VAL B 290 12.61 -28.90 -0.29
N ASN B 291 11.79 -28.77 0.75
CA ASN B 291 11.17 -27.49 1.05
C ASN B 291 10.78 -27.42 2.51
N VAL B 292 10.53 -26.21 2.97
CA VAL B 292 9.98 -25.93 4.28
C VAL B 292 8.62 -25.28 4.02
N LEU B 293 7.61 -25.69 4.76
CA LEU B 293 6.23 -25.23 4.54
C LEU B 293 5.65 -24.77 5.86
N ALA B 294 5.15 -23.54 5.92
CA ALA B 294 4.74 -23.00 7.21
C ALA B 294 3.58 -22.03 7.11
N LYS B 295 2.89 -21.89 8.22
CA LYS B 295 1.81 -20.91 8.40
C LYS B 295 2.24 -19.77 9.32
N ALA B 296 1.79 -18.57 8.99
CA ALA B 296 2.18 -17.35 9.67
C ALA B 296 0.94 -16.52 9.94
N GLU B 297 0.94 -15.78 11.05
CA GLU B 297 -0.16 -14.84 11.22
C GLU B 297 0.14 -13.80 12.28
N ALA B 298 -0.67 -12.74 12.26
CA ALA B 298 -0.65 -11.73 13.30
C ALA B 298 -1.42 -12.22 14.52
N ALA B 299 -0.80 -12.17 15.68
CA ALA B 299 -1.48 -12.58 16.91
C ALA B 299 -2.61 -11.61 17.26
N SER B 300 -3.72 -12.15 17.74
CA SER B 300 -4.87 -11.31 18.02
C SER B 300 -4.55 -10.28 19.09
N SER B 301 -3.54 -10.53 19.92
CA SER B 301 -3.25 -9.62 21.01
C SER B 301 -2.58 -8.34 20.55
N GLY B 302 -2.13 -8.29 19.29
CA GLY B 302 -1.38 -7.16 18.82
C GLY B 302 0.06 -7.12 19.29
N THR B 303 0.56 -8.22 19.85
CA THR B 303 1.92 -8.22 20.38
C THR B 303 2.61 -9.53 20.01
N VAL B 304 3.94 -9.50 20.16
CA VAL B 304 4.79 -10.69 20.11
C VAL B 304 5.69 -10.62 21.33
N ARG B 305 5.68 -11.69 22.14
CA ARG B 305 6.41 -11.71 23.41
C ARG B 305 6.32 -10.39 24.16
N GLY B 306 5.10 -9.89 24.27
CA GLY B 306 4.81 -8.70 25.05
C GLY B 306 5.22 -7.40 24.41
N ARG B 307 5.70 -7.43 23.18
CA ARG B 307 6.12 -6.24 22.46
C ARG B 307 5.05 -5.91 21.42
N ARG B 308 4.58 -4.66 21.44
CA ARG B 308 3.55 -4.21 20.51
C ARG B 308 4.07 -4.22 19.08
N ASN B 309 3.19 -4.55 18.12
CA ASN B 309 3.47 -4.24 16.73
C ASN B 309 2.22 -3.68 16.08
N THR B 310 2.40 -3.12 14.89
CA THR B 310 1.32 -2.38 14.26
C THR B 310 0.55 -3.20 13.24
N MET B 311 0.79 -4.50 13.14
CA MET B 311 0.17 -5.25 12.03
C MET B 311 -1.35 -5.11 11.98
N LEU B 312 -2.02 -5.21 13.12
CA LEU B 312 -3.48 -5.16 13.09
C LEU B 312 -4.05 -3.75 12.99
N ASP B 313 -3.20 -2.73 13.13
CA ASP B 313 -3.58 -1.33 13.05
C ASP B 313 -3.15 -0.67 11.73
N ASP B 314 -2.36 -1.36 10.93
CA ASP B 314 -1.74 -0.73 9.77
C ASP B 314 -2.73 -0.77 8.61
N SER B 315 -3.33 0.37 8.30
CA SER B 315 -4.29 0.42 7.22
C SER B 315 -3.63 0.48 5.84
N ASP B 316 -2.31 0.57 5.75
CA ASP B 316 -1.70 0.60 4.42
C ASP B 316 -1.32 -0.78 3.93
N ILE B 317 -1.01 -1.68 4.83
CA ILE B 317 -0.45 -2.98 4.50
C ILE B 317 -1.22 -4.02 5.29
N ASN B 318 -1.93 -4.88 4.61
CA ASN B 318 -2.71 -5.86 5.34
C ASN B 318 -1.81 -6.77 6.18
N HIS B 319 -2.33 -7.18 7.34
CA HIS B 319 -1.51 -7.93 8.29
C HIS B 319 -1.09 -9.31 7.80
N THR B 320 -1.84 -9.97 6.91
CA THR B 320 -1.36 -11.27 6.44
C THR B 320 -0.13 -11.10 5.56
N ARG B 321 0.00 -9.98 4.84
CA ARG B 321 1.23 -9.69 4.10
C ARG B 321 2.42 -9.57 5.06
N SER B 322 2.23 -8.80 6.15
CA SER B 322 3.33 -8.62 7.10
C SER B 322 3.73 -9.94 7.77
N ALA B 323 2.74 -10.75 8.13
CA ALA B 323 3.06 -12.00 8.81
C ALA B 323 3.86 -12.93 7.91
N ARG B 324 3.54 -12.92 6.60
CA ARG B 324 4.25 -13.76 5.67
C ARG B 324 5.70 -13.30 5.53
N ALA B 325 5.92 -11.98 5.43
CA ALA B 325 7.30 -11.47 5.32
C ALA B 325 8.12 -11.90 6.54
N VAL B 326 7.54 -11.77 7.73
CA VAL B 326 8.26 -12.04 8.97
C VAL B 326 8.66 -13.51 9.06
N VAL B 327 7.68 -14.41 8.95
CA VAL B 327 7.98 -15.83 9.16
C VAL B 327 8.90 -16.35 8.07
N ASN B 328 8.74 -15.86 6.84
CA ASN B 328 9.66 -16.29 5.79
C ASN B 328 11.06 -15.84 6.14
N ALA B 329 11.21 -14.62 6.67
CA ALA B 329 12.54 -14.13 7.01
C ALA B 329 13.16 -14.96 8.13
N VAL B 330 12.36 -15.33 9.11
CA VAL B 330 12.87 -16.14 10.21
C VAL B 330 13.34 -17.50 9.70
N ILE B 331 12.50 -18.17 8.91
CA ILE B 331 12.86 -19.47 8.39
C ILE B 331 14.10 -19.36 7.51
N ALA B 332 14.11 -18.35 6.64
CA ALA B 332 15.22 -18.16 5.72
C ALA B 332 16.52 -17.94 6.46
N SER B 333 16.46 -17.23 7.60
CA SER B 333 17.65 -17.00 8.39
C SER B 333 18.16 -18.27 9.06
N VAL B 334 17.29 -19.28 9.27
CA VAL B 334 17.72 -20.55 9.87
C VAL B 334 18.30 -21.46 8.81
N VAL B 335 17.63 -21.56 7.66
CA VAL B 335 18.03 -22.53 6.63
C VAL B 335 18.87 -21.92 5.54
N GLY B 336 19.04 -20.59 5.52
CA GLY B 336 19.92 -19.94 4.56
C GLY B 336 19.35 -19.83 3.16
N ASP B 337 18.03 -19.86 3.03
CA ASP B 337 17.33 -19.96 1.75
C ASP B 337 15.93 -19.35 1.88
N PRO B 338 15.65 -18.23 1.19
CA PRO B 338 14.30 -17.66 1.30
C PRO B 338 13.27 -18.28 0.38
N MET B 339 13.63 -19.31 -0.38
CA MET B 339 12.68 -19.97 -1.28
C MET B 339 12.03 -21.12 -0.54
N VAL B 340 11.17 -20.75 0.39
CA VAL B 340 10.37 -21.65 1.20
C VAL B 340 8.93 -21.17 1.17
N TYR B 341 8.01 -22.09 1.49
CA TYR B 341 6.58 -21.82 1.42
C TYR B 341 6.07 -21.26 2.76
N VAL B 342 5.61 -20.00 2.76
CA VAL B 342 4.97 -19.43 3.93
C VAL B 342 3.62 -18.87 3.51
N SER B 343 2.58 -19.29 4.21
CA SER B 343 1.21 -18.88 3.89
C SER B 343 0.67 -18.16 5.11
N GLY B 344 -0.11 -17.10 4.90
CA GLY B 344 -0.60 -16.29 5.98
C GLY B 344 -2.05 -16.55 6.37
N GLY B 345 -2.37 -16.24 7.62
CA GLY B 345 -3.70 -16.42 8.18
C GLY B 345 -3.81 -17.83 8.74
N ALA B 346 -3.59 -17.98 10.03
CA ALA B 346 -3.38 -19.29 10.65
C ALA B 346 -4.47 -19.59 11.67
N GLU B 347 -5.71 -19.28 11.31
CA GLU B 347 -6.85 -19.54 12.17
C GLU B 347 -7.01 -21.04 12.45
N HIS B 348 -6.98 -21.42 13.71
CA HIS B 348 -7.08 -22.82 14.13
C HIS B 348 -5.97 -23.70 13.53
N GLN B 349 -4.90 -23.07 13.13
CA GLN B 349 -3.68 -23.74 12.65
C GLN B 349 -2.56 -23.28 13.59
N GLY B 350 -2.17 -24.15 14.52
CA GLY B 350 -1.32 -23.74 15.61
C GLY B 350 -2.02 -22.72 16.49
N PRO B 351 -1.37 -22.33 17.57
CA PRO B 351 -1.97 -21.37 18.50
C PRO B 351 -2.14 -19.98 17.87
N ASP B 352 -2.89 -19.13 18.56
CA ASP B 352 -3.08 -17.73 18.18
C ASP B 352 -1.73 -17.02 18.05
N GLY B 353 -1.37 -16.63 16.83
CA GLY B 353 -0.11 -16.00 16.52
C GLY B 353 0.99 -16.92 16.03
N GLY B 354 0.72 -18.22 15.96
CA GLY B 354 1.68 -19.19 15.46
C GLY B 354 1.06 -20.09 14.42
N GLY B 355 1.77 -21.14 14.00
CA GLY B 355 1.29 -22.00 12.94
C GLY B 355 2.17 -23.21 12.76
N PRO B 356 1.66 -24.24 12.08
CA PRO B 356 2.51 -25.43 11.84
C PRO B 356 3.66 -25.10 10.91
N ILE B 357 4.75 -25.88 11.01
CA ILE B 357 5.87 -25.76 10.10
C ILE B 357 6.35 -27.18 9.81
N ALA B 358 6.41 -27.53 8.52
CA ALA B 358 6.84 -28.87 8.11
C ALA B 358 8.09 -28.77 7.25
N VAL B 359 8.87 -29.83 7.24
CA VAL B 359 10.09 -29.93 6.44
C VAL B 359 10.05 -31.23 5.64
N ILE B 360 10.19 -31.14 4.32
CA ILE B 360 10.38 -32.31 3.47
C ILE B 360 11.87 -32.42 3.18
N ALA B 361 12.45 -33.57 3.50
CA ALA B 361 13.89 -33.74 3.42
C ALA B 361 14.24 -35.05 2.73
N ARG B 362 15.38 -35.03 2.04
CA ARG B 362 16.00 -36.25 1.54
C ARG B 362 16.52 -37.06 2.72
N VAL B 363 16.44 -38.38 2.61
CA VAL B 363 16.80 -39.24 3.73
C VAL B 363 18.32 -39.37 3.89
N HIS C 1 -30.14 39.23 20.42
CA HIS C 1 -28.75 38.73 20.55
C HIS C 1 -28.18 38.27 19.22
N MET C 2 -27.11 38.91 18.77
CA MET C 2 -26.55 38.65 17.46
C MET C 2 -25.20 37.99 17.58
N GLN C 3 -25.03 36.88 16.89
CA GLN C 3 -23.74 36.23 16.71
C GLN C 3 -23.28 36.48 15.29
N LYS C 4 -22.01 36.81 15.12
CA LYS C 4 -21.38 36.93 13.82
C LYS C 4 -20.37 35.80 13.68
N VAL C 5 -20.48 35.05 12.59
CA VAL C 5 -19.57 33.95 12.27
C VAL C 5 -18.75 34.35 11.05
N GLU C 6 -17.45 34.11 11.11
CA GLU C 6 -16.55 34.23 9.98
C GLU C 6 -15.82 32.92 9.82
N VAL C 7 -15.51 32.57 8.58
CA VAL C 7 -14.94 31.27 8.26
C VAL C 7 -13.78 31.52 7.30
N PHE C 8 -12.63 30.93 7.60
CA PHE C 8 -11.43 31.15 6.79
C PHE C 8 -10.90 29.80 6.34
N ARG C 9 -10.83 29.60 5.03
CA ARG C 9 -10.26 28.39 4.45
C ARG C 9 -8.80 28.69 4.13
N ILE C 10 -7.91 27.96 4.77
CA ILE C 10 -6.49 28.29 4.82
C ILE C 10 -5.69 27.13 4.24
N PRO C 11 -4.94 27.32 3.16
CA PRO C 11 -4.05 26.25 2.70
C PRO C 11 -2.95 25.95 3.72
N THR C 12 -2.57 24.67 3.79
CA THR C 12 -1.49 24.19 4.64
C THR C 12 -0.42 23.47 3.81
N ALA C 13 0.82 23.60 4.29
CA ALA C 13 2.00 22.99 3.68
C ALA C 13 2.37 21.64 4.29
N SER C 14 1.79 21.31 5.44
CA SER C 14 2.06 20.11 6.23
C SER C 14 1.05 20.07 7.39
N PRO C 15 0.92 18.92 8.04
CA PRO C 15 -0.06 18.83 9.13
C PRO C 15 0.19 19.83 10.22
N ASP C 16 1.45 20.19 10.47
CA ASP C 16 1.83 21.06 11.56
C ASP C 16 1.95 22.52 11.14
N ASP C 17 1.48 22.87 9.95
CA ASP C 17 1.69 24.23 9.42
C ASP C 17 0.63 25.16 10.01
N ILE C 18 1.05 26.11 10.85
CA ILE C 18 0.15 27.12 11.39
C ILE C 18 0.38 28.48 10.75
N SER C 19 1.24 28.56 9.71
CA SER C 19 1.68 29.87 9.24
C SER C 19 0.53 30.67 8.63
N GLY C 20 -0.36 30.01 7.87
CA GLY C 20 -1.48 30.72 7.28
C GLY C 20 -2.40 31.30 8.32
N LEU C 21 -2.70 30.52 9.38
CA LEU C 21 -3.48 31.03 10.49
C LEU C 21 -2.76 32.19 11.19
N ALA C 22 -1.45 32.05 11.43
CA ALA C 22 -0.74 33.11 12.15
C ALA C 22 -0.77 34.40 11.35
N THR C 23 -0.67 34.32 10.03
CA THR C 23 -0.73 35.53 9.22
C THR C 23 -2.03 36.28 9.47
N LEU C 24 -3.16 35.55 9.47
CA LEU C 24 -4.47 36.16 9.71
C LEU C 24 -4.60 36.70 11.12
N ILE C 25 -4.01 36.03 12.11
CA ILE C 25 -4.01 36.60 13.47
C ILE C 25 -3.16 37.86 13.50
N ASP C 26 -1.94 37.78 12.94
CA ASP C 26 -1.03 38.91 13.06
C ASP C 26 -1.49 40.12 12.27
N SER C 27 -2.30 39.94 11.22
CA SER C 27 -2.87 41.05 10.48
C SER C 27 -4.12 41.61 11.12
N GLY C 28 -4.55 41.06 12.24
CA GLY C 28 -5.77 41.49 12.88
C GLY C 28 -7.05 40.96 12.28
N LYS C 29 -6.98 40.13 11.24
CA LYS C 29 -8.23 39.67 10.66
C LYS C 29 -8.91 38.63 11.54
N ILE C 30 -8.16 37.91 12.38
CA ILE C 30 -8.73 36.94 13.31
C ILE C 30 -8.26 37.24 14.72
N ASN C 31 -9.22 37.36 15.64
CA ASN C 31 -8.94 37.44 17.06
C ASN C 31 -8.89 36.01 17.59
N PRO C 32 -7.73 35.51 18.04
CA PRO C 32 -7.65 34.08 18.36
C PRO C 32 -8.62 33.65 19.45
N ALA C 33 -8.97 34.55 20.38
CA ALA C 33 -9.94 34.23 21.43
C ALA C 33 -11.34 33.93 20.89
N GLU C 34 -11.63 34.29 19.64
CA GLU C 34 -12.93 34.06 19.03
C GLU C 34 -13.01 32.80 18.18
N ILE C 35 -11.90 32.10 17.97
CA ILE C 35 -11.95 30.80 17.29
C ILE C 35 -12.76 29.82 18.13
N VAL C 36 -13.74 29.18 17.52
CA VAL C 36 -14.53 28.16 18.21
C VAL C 36 -14.29 26.78 17.64
N ALA C 37 -13.81 26.67 16.40
CA ALA C 37 -13.61 25.34 15.82
C ALA C 37 -12.65 25.45 14.65
N ILE C 38 -11.89 24.37 14.44
CA ILE C 38 -11.05 24.22 13.25
C ILE C 38 -11.32 22.83 12.68
N LEU C 39 -11.64 22.80 11.38
CA LEU C 39 -11.97 21.59 10.64
C LEU C 39 -10.88 21.44 9.61
N GLY C 40 -10.10 20.37 9.69
CA GLY C 40 -8.94 20.19 8.84
C GLY C 40 -9.03 18.99 7.90
N LYS C 41 -8.34 19.09 6.78
CA LYS C 41 -7.96 17.95 5.94
C LYS C 41 -6.45 17.81 6.10
N THR C 42 -6.02 16.72 6.72
CA THR C 42 -4.61 16.42 6.94
C THR C 42 -4.17 15.23 6.09
N GLU C 43 -2.90 15.25 5.68
CA GLU C 43 -2.42 14.43 4.57
C GLU C 43 -1.90 13.06 4.98
N GLY C 44 -2.32 12.52 6.12
CA GLY C 44 -2.09 11.12 6.43
C GLY C 44 -3.08 10.24 5.67
N ASN C 45 -3.16 8.94 6.05
CA ASN C 45 -3.96 8.04 5.21
C ASN C 45 -5.44 8.03 5.55
N GLY C 46 -5.87 8.79 6.56
CA GLY C 46 -7.28 8.88 6.84
C GLY C 46 -7.91 7.66 7.45
N CYS C 47 -7.11 6.67 7.79
CA CYS C 47 -7.61 5.42 8.33
C CYS C 47 -7.19 5.27 9.80
N VAL C 48 -6.82 4.07 10.23
CA VAL C 48 -6.54 3.84 11.64
C VAL C 48 -5.25 4.51 12.04
N ASN C 49 -4.15 4.15 11.37
CA ASN C 49 -2.81 4.61 11.72
C ASN C 49 -2.50 5.89 10.94
N ASP C 50 -3.33 6.91 11.19
CA ASP C 50 -3.10 8.25 10.67
C ASP C 50 -2.81 9.12 11.88
N PHE C 51 -1.53 9.50 12.02
CA PHE C 51 -1.09 10.37 13.10
C PHE C 51 -0.99 11.82 12.65
N THR C 52 -1.30 12.11 11.39
CA THR C 52 -1.32 13.51 10.97
C THR C 52 -2.45 14.29 11.63
N ARG C 53 -3.54 13.59 11.99
CA ARG C 53 -4.66 14.25 12.65
C ARG C 53 -4.22 14.80 14.01
N GLY C 54 -3.66 13.93 14.85
CA GLY C 54 -3.17 14.39 16.15
C GLY C 54 -2.00 15.35 16.05
N PHE C 55 -1.16 15.20 15.04
CA PHE C 55 -0.05 16.13 14.84
C PHE C 55 -0.59 17.53 14.55
N ALA C 56 -1.61 17.62 13.68
CA ALA C 56 -2.20 18.91 13.37
C ALA C 56 -2.85 19.52 14.61
N THR C 57 -3.59 18.73 15.38
CA THR C 57 -4.25 19.28 16.57
C THR C 57 -3.25 19.73 17.60
N GLN C 58 -2.20 18.94 17.81
CA GLN C 58 -1.21 19.34 18.80
C GLN C 58 -0.55 20.63 18.39
N SER C 59 -0.21 20.75 17.12
CA SER C 59 0.45 21.94 16.60
C SER C 59 -0.45 23.16 16.75
N LEU C 60 -1.73 23.02 16.36
CA LEU C 60 -2.66 24.13 16.48
C LEU C 60 -2.92 24.49 17.93
N ALA C 61 -3.02 23.49 18.82
CA ALA C 61 -3.31 23.79 20.22
C ALA C 61 -2.13 24.47 20.90
N MET C 62 -0.92 24.05 20.56
CA MET C 62 0.28 24.68 21.09
C MET C 62 0.40 26.12 20.61
N TYR C 63 0.13 26.37 19.32
CA TYR C 63 0.19 27.74 18.82
C TYR C 63 -0.85 28.63 19.51
N LEU C 64 -2.11 28.21 19.52
CA LEU C 64 -3.15 29.05 20.12
C LEU C 64 -2.95 29.25 21.61
N ALA C 65 -2.46 28.24 22.32
CA ALA C 65 -2.23 28.40 23.75
C ALA C 65 -1.22 29.51 24.03
N GLU C 66 -0.11 29.51 23.29
CA GLU C 66 0.91 30.55 23.49
C GLU C 66 0.40 31.90 23.07
N LYS C 67 -0.48 31.94 22.07
CA LYS C 67 -1.06 33.21 21.64
C LYS C 67 -2.06 33.76 22.67
N LEU C 68 -2.83 32.88 23.29
CA LEU C 68 -3.86 33.29 24.24
C LEU C 68 -3.35 33.31 25.68
N GLY C 69 -2.10 32.91 25.91
CA GLY C 69 -1.58 32.88 27.26
C GLY C 69 -2.24 31.88 28.18
N ILE C 70 -2.74 30.77 27.65
CA ILE C 70 -3.37 29.74 28.47
C ILE C 70 -2.71 28.41 28.14
N SER C 71 -3.14 27.37 28.83
CA SER C 71 -2.55 26.05 28.66
C SER C 71 -3.12 25.39 27.42
N ARG C 72 -2.34 24.47 26.84
CA ARG C 72 -2.85 23.61 25.77
C ARG C 72 -4.11 22.88 26.21
N GLU C 73 -4.09 22.35 27.43
CA GLU C 73 -5.24 21.59 27.92
C GLU C 73 -6.51 22.43 27.86
N GLU C 74 -6.41 23.71 28.19
CA GLU C 74 -7.57 24.59 28.16
C GLU C 74 -7.98 24.96 26.75
N VAL C 75 -7.03 25.03 25.81
CA VAL C 75 -7.40 25.29 24.42
C VAL C 75 -8.26 24.16 23.88
N VAL C 76 -7.88 22.91 24.14
CA VAL C 76 -8.67 21.79 23.63
C VAL C 76 -10.04 21.69 24.31
N LYS C 77 -10.18 22.20 25.53
CA LYS C 77 -11.49 22.21 26.17
C LYS C 77 -12.41 23.28 25.58
N LYS C 78 -11.86 24.27 24.92
CA LYS C 78 -12.60 25.44 24.47
C LYS C 78 -12.84 25.47 22.97
N VAL C 79 -11.95 24.86 22.19
CA VAL C 79 -11.99 24.91 20.74
C VAL C 79 -12.13 23.49 20.21
N ALA C 80 -13.09 23.29 19.31
CA ALA C 80 -13.23 22.00 18.64
C ALA C 80 -12.14 21.86 17.60
N PHE C 81 -11.42 20.74 17.65
CA PHE C 81 -10.39 20.41 16.68
C PHE C 81 -10.84 19.13 15.98
N ILE C 82 -11.21 19.22 14.71
CA ILE C 82 -11.72 18.06 13.97
C ILE C 82 -10.81 17.91 12.78
N MET C 83 -9.92 16.94 12.83
CA MET C 83 -8.94 16.72 11.77
C MET C 83 -9.35 15.46 11.05
N SER C 84 -9.74 15.62 9.78
CA SER C 84 -10.09 14.52 8.88
C SER C 84 -8.88 14.21 8.01
N GLY C 85 -8.33 13.01 8.17
CA GLY C 85 -7.19 12.59 7.38
C GLY C 85 -7.61 12.12 6.01
N GLY C 86 -6.62 11.86 5.16
CA GLY C 86 -6.88 11.40 3.80
C GLY C 86 -6.99 12.57 2.85
N THR C 87 -5.93 12.89 2.12
CA THR C 87 -5.98 13.90 1.07
C THR C 87 -5.54 13.21 -0.22
N GLU C 88 -6.39 12.32 -0.71
CA GLU C 88 -6.10 11.50 -1.87
C GLU C 88 -6.46 12.23 -3.16
N GLY C 89 -6.00 11.70 -4.27
CA GLY C 89 -6.23 12.33 -5.54
C GLY C 89 -5.59 13.70 -5.55
N VAL C 90 -6.37 14.69 -5.99
CA VAL C 90 -5.93 16.09 -6.05
C VAL C 90 -6.41 16.89 -4.85
N MET C 91 -6.97 16.25 -3.83
CA MET C 91 -7.52 16.96 -2.69
C MET C 91 -6.41 17.69 -1.95
N THR C 92 -6.62 18.98 -1.68
CA THR C 92 -5.56 19.86 -1.17
C THR C 92 -5.67 19.99 0.33
N PRO C 93 -4.59 19.72 1.09
CA PRO C 93 -4.66 19.89 2.55
C PRO C 93 -4.93 21.35 2.92
N HIS C 94 -5.75 21.52 3.95
CA HIS C 94 -6.16 22.85 4.34
C HIS C 94 -6.83 22.74 5.70
N ILE C 95 -7.05 23.90 6.32
CA ILE C 95 -7.91 23.98 7.49
C ILE C 95 -8.96 25.06 7.25
N THR C 96 -10.12 24.85 7.88
CA THR C 96 -11.22 25.79 7.88
C THR C 96 -11.42 26.27 9.32
N VAL C 97 -11.21 27.55 9.54
CA VAL C 97 -11.27 28.12 10.89
C VAL C 97 -12.58 28.86 11.05
N PHE C 98 -13.33 28.52 12.10
CA PHE C 98 -14.61 29.13 12.41
C PHE C 98 -14.43 30.11 13.56
N VAL C 99 -14.72 31.37 13.30
CA VAL C 99 -14.62 32.44 14.27
C VAL C 99 -16.05 32.86 14.58
N ARG C 100 -16.37 32.98 15.86
CA ARG C 100 -17.71 33.35 16.29
C ARG C 100 -17.57 34.35 17.42
N LYS C 101 -18.36 35.42 17.36
CA LYS C 101 -18.37 36.43 18.42
C LYS C 101 -19.75 37.04 18.54
N ASP C 102 -20.12 37.44 19.76
CA ASP C 102 -21.31 38.23 19.97
C ASP C 102 -21.04 39.64 19.47
N VAL C 103 -22.06 40.26 18.86
CA VAL C 103 -21.93 41.60 18.33
C VAL C 103 -23.20 42.37 18.66
N ALA C 104 -23.04 43.67 18.88
CA ALA C 104 -24.17 44.59 19.00
C ALA C 104 -24.46 45.11 17.61
N ALA C 105 -25.42 44.50 16.92
CA ALA C 105 -25.67 44.80 15.52
C ALA C 105 -27.16 44.68 15.25
N PRO C 106 -27.62 45.16 14.08
CA PRO C 106 -29.05 45.09 13.77
C PRO C 106 -29.46 43.81 13.07
N ALA C 107 -30.74 43.70 12.69
CA ALA C 107 -31.28 42.49 12.08
C ALA C 107 -30.47 42.06 10.86
N ALA C 108 -30.78 40.88 10.31
CA ALA C 108 -29.96 40.29 9.26
C ALA C 108 -30.32 40.82 7.88
N PRO C 109 -31.61 40.79 7.46
CA PRO C 109 -32.83 40.32 8.11
C PRO C 109 -33.12 38.84 7.84
N GLY C 110 -32.61 38.34 6.71
CA GLY C 110 -32.71 36.93 6.41
C GLY C 110 -32.04 36.08 7.46
N LYS C 111 -31.89 34.79 7.20
CA LYS C 111 -31.09 33.92 8.05
C LYS C 111 -29.66 33.91 7.53
N ARG C 112 -28.71 33.95 8.45
CA ARG C 112 -27.29 33.99 8.10
C ARG C 112 -26.57 32.91 8.90
N LEU C 113 -25.33 32.63 8.49
CA LEU C 113 -24.56 31.52 9.04
C LEU C 113 -24.54 31.56 10.56
N ALA C 114 -24.72 30.37 11.17
CA ALA C 114 -24.71 30.17 12.60
C ALA C 114 -23.93 28.90 12.89
N VAL C 115 -23.15 28.91 13.97
CA VAL C 115 -22.35 27.74 14.34
C VAL C 115 -22.46 27.48 15.83
N GLY C 116 -22.49 26.20 16.20
CA GLY C 116 -22.48 25.82 17.59
C GLY C 116 -21.58 24.61 17.80
N VAL C 117 -21.09 24.46 19.02
CA VAL C 117 -20.12 23.42 19.34
C VAL C 117 -20.52 22.73 20.63
N ALA C 118 -20.30 21.41 20.70
CA ALA C 118 -20.53 20.63 21.91
C ALA C 118 -19.62 19.41 21.89
N PHE C 119 -19.26 18.92 23.08
CA PHE C 119 -18.42 17.74 23.21
C PHE C 119 -19.16 16.70 24.03
N THR C 120 -19.02 15.42 23.69
CA THR C 120 -19.57 14.36 24.54
C THR C 120 -18.55 13.92 25.59
N ARG C 121 -19.02 13.08 26.51
CA ARG C 121 -18.11 12.38 27.41
C ARG C 121 -17.27 11.39 26.61
N ASP C 122 -16.14 10.98 27.20
CA ASP C 122 -15.35 9.91 26.63
C ASP C 122 -16.15 8.61 26.63
N PHE C 123 -15.93 7.77 25.62
CA PHE C 123 -16.58 6.48 25.49
C PHE C 123 -15.60 5.36 25.82
N LEU C 124 -16.11 4.33 26.48
CA LEU C 124 -15.36 3.10 26.59
C LEU C 124 -15.30 2.45 25.21
N PRO C 125 -14.27 1.66 24.93
CA PRO C 125 -14.23 0.96 23.63
C PRO C 125 -15.51 0.19 23.32
N GLU C 126 -16.10 -0.44 24.35
CA GLU C 126 -17.29 -1.27 24.14
C GLU C 126 -18.56 -0.46 23.93
N GLU C 127 -18.50 0.87 24.04
CA GLU C 127 -19.65 1.71 23.76
C GLU C 127 -19.68 2.18 22.31
N LEU C 128 -18.56 2.07 21.60
CA LEU C 128 -18.52 2.57 20.24
C LEU C 128 -19.40 1.72 19.34
N GLY C 129 -20.06 2.39 18.40
CA GLY C 129 -20.95 1.73 17.47
C GLY C 129 -22.23 1.20 18.07
N ARG C 130 -22.56 1.63 19.29
CA ARG C 130 -23.72 1.15 20.00
C ARG C 130 -24.53 2.34 20.50
N MET C 131 -25.66 2.02 21.13
CA MET C 131 -26.65 3.04 21.46
C MET C 131 -26.11 4.04 22.46
N GLU C 132 -25.15 3.63 23.31
CA GLU C 132 -24.56 4.59 24.23
C GLU C 132 -23.96 5.77 23.46
N GLN C 133 -23.29 5.47 22.32
CA GLN C 133 -22.73 6.55 21.49
C GLN C 133 -23.81 7.31 20.75
N VAL C 134 -24.76 6.60 20.14
CA VAL C 134 -25.91 7.24 19.51
C VAL C 134 -26.52 8.27 20.45
N ASN C 135 -26.87 7.83 21.66
CA ASN C 135 -27.70 8.68 22.51
C ASN C 135 -26.92 9.88 23.06
N GLU C 136 -25.66 9.67 23.43
CA GLU C 136 -24.84 10.77 23.93
C GLU C 136 -24.53 11.79 22.82
N VAL C 137 -24.29 11.30 21.59
CA VAL C 137 -24.09 12.21 20.47
C VAL C 137 -25.34 13.06 20.24
N ALA C 138 -26.51 12.40 20.28
CA ALA C 138 -27.78 13.11 20.09
C ALA C 138 -27.95 14.23 21.11
N ARG C 139 -27.66 13.95 22.38
CA ARG C 139 -27.72 14.98 23.41
C ARG C 139 -26.79 16.14 23.06
N ALA C 140 -25.55 15.83 22.64
CA ALA C 140 -24.57 16.87 22.31
C ALA C 140 -25.00 17.69 21.10
N VAL C 141 -25.59 17.05 20.10
CA VAL C 141 -26.08 17.79 18.93
C VAL C 141 -27.14 18.80 19.34
N LYS C 142 -28.04 18.41 20.26
CA LYS C 142 -29.03 19.36 20.74
C LYS C 142 -28.37 20.53 21.47
N GLU C 143 -27.36 20.24 22.30
CA GLU C 143 -26.63 21.31 22.98
C GLU C 143 -26.00 22.25 21.96
N ALA C 144 -25.38 21.68 20.90
CA ALA C 144 -24.70 22.49 19.89
C ALA C 144 -25.68 23.36 19.10
N MET C 145 -26.86 22.82 18.75
CA MET C 145 -27.86 23.66 18.10
C MET C 145 -28.22 24.88 18.96
N LYS C 146 -28.41 24.65 20.26
CA LYS C 146 -28.72 25.74 21.17
C LYS C 146 -27.59 26.78 21.19
N ASP C 147 -26.34 26.31 21.26
CA ASP C 147 -25.21 27.22 21.17
C ASP C 147 -25.27 28.04 19.87
N ALA C 148 -25.79 27.47 18.80
CA ALA C 148 -25.87 28.13 17.51
C ALA C 148 -27.09 29.05 17.37
N GLN C 149 -28.00 29.03 18.34
CA GLN C 149 -29.25 29.81 18.25
C GLN C 149 -30.11 29.35 17.07
N ILE C 150 -30.13 28.05 16.82
CA ILE C 150 -31.00 27.42 15.85
C ILE C 150 -31.98 26.56 16.64
N ASP C 151 -33.28 26.86 16.52
CA ASP C 151 -34.31 25.99 17.10
C ASP C 151 -35.07 25.17 16.07
N ASP C 152 -34.88 25.43 14.78
CA ASP C 152 -35.59 24.72 13.74
C ASP C 152 -34.61 23.77 13.06
N PRO C 153 -34.70 22.46 13.26
CA PRO C 153 -33.72 21.55 12.65
C PRO C 153 -33.63 21.69 11.13
N ARG C 154 -34.65 22.26 10.47
CA ARG C 154 -34.54 22.47 9.03
C ARG C 154 -33.56 23.58 8.67
N ASP C 155 -33.15 24.39 9.64
CA ASP C 155 -32.12 25.38 9.43
C ASP C 155 -30.72 24.84 9.73
N VAL C 156 -30.61 23.55 10.05
CA VAL C 156 -29.32 22.88 10.16
C VAL C 156 -28.96 22.30 8.81
N HIS C 157 -27.75 22.62 8.32
CA HIS C 157 -27.32 22.18 7.00
C HIS C 157 -26.10 21.29 7.03
N PHE C 158 -25.37 21.24 8.14
CA PHE C 158 -24.21 20.37 8.22
C PHE C 158 -23.88 20.17 9.68
N VAL C 159 -23.69 18.91 10.08
CA VAL C 159 -23.32 18.56 11.45
C VAL C 159 -22.06 17.73 11.36
N GLN C 160 -20.93 18.35 11.68
CA GLN C 160 -19.63 17.73 11.52
C GLN C 160 -19.17 17.15 12.84
N ILE C 161 -18.72 15.91 12.82
CA ILE C 161 -18.36 15.20 14.04
C ILE C 161 -17.03 14.50 13.86
N LYS C 162 -16.21 14.56 14.92
CA LYS C 162 -15.03 13.72 15.08
C LYS C 162 -15.36 12.70 16.15
N CYS C 163 -15.06 11.42 15.88
CA CYS C 163 -15.42 10.35 16.81
C CYS C 163 -14.29 9.34 16.94
N PRO C 164 -14.35 8.43 17.91
CA PRO C 164 -13.21 7.57 18.17
C PRO C 164 -13.17 6.32 17.28
N LEU C 165 -12.15 5.50 17.49
CA LEU C 165 -12.05 4.23 16.79
C LEU C 165 -11.45 3.22 17.76
N LEU C 166 -11.38 1.98 17.29
CA LEU C 166 -10.74 0.91 18.05
C LEU C 166 -9.38 0.55 17.44
N THR C 167 -8.38 0.40 18.31
CA THR C 167 -7.10 -0.18 17.94
C THR C 167 -7.00 -1.59 18.50
N ALA C 168 -5.97 -2.32 18.05
CA ALA C 168 -5.76 -3.67 18.55
C ALA C 168 -5.55 -3.69 20.06
N GLU C 169 -4.79 -2.73 20.59
CA GLU C 169 -4.55 -2.68 22.03
C GLU C 169 -5.85 -2.40 22.79
N ARG C 170 -6.70 -1.51 22.28
CA ARG C 170 -7.97 -1.23 22.95
C ARG C 170 -8.90 -2.43 22.86
N ILE C 171 -8.89 -3.13 21.73
CA ILE C 171 -9.72 -4.34 21.61
C ILE C 171 -9.23 -5.39 22.58
N GLU C 172 -7.91 -5.59 22.66
CA GLU C 172 -7.37 -6.59 23.56
C GLU C 172 -7.62 -6.23 25.02
N ASP C 173 -7.46 -4.95 25.36
CA ASP C 173 -7.77 -4.51 26.72
C ASP C 173 -9.23 -4.81 27.06
N ALA C 174 -10.14 -4.49 26.12
CA ALA C 174 -11.54 -4.80 26.33
C ALA C 174 -11.74 -6.28 26.60
N LYS C 175 -11.05 -7.14 25.84
CA LYS C 175 -11.16 -8.58 26.05
C LYS C 175 -10.68 -8.96 27.44
N ARG C 176 -9.60 -8.35 27.92
CA ARG C 176 -9.08 -8.64 29.25
C ARG C 176 -10.05 -8.20 30.33
N ARG C 177 -10.81 -7.14 30.09
CA ARG C 177 -11.84 -6.70 31.02
C ARG C 177 -13.14 -7.50 30.89
N GLY C 178 -13.16 -8.54 30.08
CA GLY C 178 -14.36 -9.34 29.92
C GLY C 178 -15.44 -8.71 29.05
N LYS C 179 -15.09 -7.73 28.21
CA LYS C 179 -16.06 -6.99 27.42
C LYS C 179 -15.86 -7.24 25.92
N ASP C 180 -16.96 -7.38 25.21
CA ASP C 180 -16.96 -7.55 23.76
C ASP C 180 -17.21 -6.20 23.09
N VAL C 181 -16.42 -5.91 22.06
CA VAL C 181 -16.51 -4.67 21.28
C VAL C 181 -17.44 -4.95 20.12
N VAL C 182 -17.88 -3.88 19.42
CA VAL C 182 -18.90 -4.03 18.39
C VAL C 182 -18.35 -4.80 17.19
N VAL C 183 -17.06 -4.66 16.89
CA VAL C 183 -16.43 -5.36 15.79
C VAL C 183 -14.95 -5.55 16.13
N ASN C 184 -14.42 -6.72 15.79
CA ASN C 184 -13.04 -7.07 16.11
C ASN C 184 -12.10 -6.69 14.98
N ASP C 185 -12.20 -5.47 14.50
CA ASP C 185 -11.43 -5.08 13.34
C ASP C 185 -11.23 -3.58 13.43
N THR C 186 -9.97 -3.13 13.35
CA THR C 186 -9.73 -1.73 13.65
C THR C 186 -10.33 -0.84 12.56
N TYR C 187 -10.14 -1.22 11.30
CA TYR C 187 -10.67 -0.38 10.22
C TYR C 187 -12.19 -0.36 10.24
N LYS C 188 -12.82 -1.52 10.45
CA LYS C 188 -14.28 -1.53 10.48
C LYS C 188 -14.82 -0.80 11.69
N SER C 189 -14.05 -0.70 12.78
CA SER C 189 -14.58 0.02 13.92
C SER C 189 -14.85 1.47 13.57
N MET C 190 -14.10 2.01 12.61
CA MET C 190 -14.32 3.39 12.20
C MET C 190 -15.73 3.56 11.62
N ALA C 191 -16.19 2.58 10.83
CA ALA C 191 -17.53 2.65 10.26
C ALA C 191 -18.60 2.63 11.34
N TYR C 192 -18.40 1.81 12.36
CA TYR C 192 -19.40 1.73 13.40
C TYR C 192 -19.42 2.99 14.23
N SER C 193 -18.26 3.59 14.46
CA SER C 193 -18.22 4.84 15.20
C SER C 193 -18.81 5.98 14.38
N ARG C 194 -18.43 6.09 13.09
CA ARG C 194 -19.07 7.07 12.23
C ARG C 194 -20.58 6.85 12.14
N GLY C 195 -21.01 5.60 12.01
CA GLY C 195 -22.41 5.34 11.77
C GLY C 195 -23.30 5.60 12.97
N ALA C 196 -22.86 5.16 14.15
CA ALA C 196 -23.59 5.48 15.38
C ALA C 196 -23.67 6.99 15.59
N SER C 197 -22.55 7.68 15.40
CA SER C 197 -22.55 9.13 15.54
C SER C 197 -23.53 9.78 14.58
N ALA C 198 -23.63 9.27 13.35
CA ALA C 198 -24.52 9.87 12.38
C ALA C 198 -25.99 9.63 12.74
N LEU C 199 -26.31 8.43 13.24
CA LEU C 199 -27.66 8.19 13.71
C LEU C 199 -27.97 9.05 14.93
N GLY C 200 -26.97 9.35 15.76
CA GLY C 200 -27.17 10.32 16.82
C GLY C 200 -27.67 11.65 16.29
N VAL C 201 -27.09 12.10 15.16
CA VAL C 201 -27.53 13.36 14.53
C VAL C 201 -28.98 13.24 14.07
N ALA C 202 -29.29 12.18 13.33
CA ALA C 202 -30.65 11.99 12.81
C ALA C 202 -31.67 11.95 13.94
N LEU C 203 -31.31 11.29 15.05
CA LEU C 203 -32.21 11.24 16.19
C LEU C 203 -32.42 12.63 16.78
N ALA C 204 -31.33 13.40 16.90
CA ALA C 204 -31.42 14.73 17.51
C ALA C 204 -32.26 15.67 16.66
N LEU C 205 -32.09 15.62 15.34
CA LEU C 205 -32.77 16.53 14.43
C LEU C 205 -34.16 16.04 14.06
N GLY C 206 -34.59 14.89 14.56
CA GLY C 206 -35.90 14.39 14.21
C GLY C 206 -35.99 13.83 12.81
N GLU C 207 -34.85 13.55 12.16
CA GLU C 207 -34.87 12.93 10.84
C GLU C 207 -35.28 11.46 10.90
N ILE C 208 -35.06 10.83 12.06
CA ILE C 208 -35.37 9.43 12.31
C ILE C 208 -35.95 9.33 13.70
N SER C 209 -37.01 8.55 13.87
CA SER C 209 -37.60 8.37 15.19
C SER C 209 -36.81 7.33 15.98
N ALA C 210 -36.78 7.52 17.31
CA ALA C 210 -35.97 6.67 18.18
C ALA C 210 -36.36 5.21 18.06
N ASP C 211 -37.63 4.93 17.86
CA ASP C 211 -38.10 3.56 17.84
C ASP C 211 -37.52 2.76 16.68
N LYS C 212 -36.89 3.43 15.70
CA LYS C 212 -36.28 2.74 14.58
C LYS C 212 -34.81 2.42 14.78
N ILE C 213 -34.21 2.94 15.83
CA ILE C 213 -32.76 2.82 16.05
C ILE C 213 -32.52 1.82 17.17
N SER C 214 -31.65 0.84 16.91
CA SER C 214 -31.19 -0.13 17.89
C SER C 214 -29.77 -0.54 17.50
N ASN C 215 -29.10 -1.27 18.38
CA ASN C 215 -27.76 -1.75 18.03
C ASN C 215 -27.79 -2.55 16.73
N GLU C 216 -28.81 -3.38 16.54
CA GLU C 216 -28.86 -4.23 15.36
C GLU C 216 -28.99 -3.43 14.06
N ALA C 217 -29.55 -2.21 14.12
CA ALA C 217 -29.69 -1.41 12.91
C ALA C 217 -28.38 -0.75 12.49
N ILE C 218 -27.47 -0.53 13.43
CA ILE C 218 -26.31 0.30 13.15
C ILE C 218 -25.40 -0.40 12.15
N CYS C 219 -25.07 0.33 11.08
CA CYS C 219 -24.30 -0.21 9.96
C CYS C 219 -24.94 -1.46 9.38
N HIS C 220 -26.26 -1.53 9.47
CA HIS C 220 -27.00 -2.59 8.79
C HIS C 220 -28.21 -2.08 8.02
N ASP C 221 -29.01 -1.17 8.59
CA ASP C 221 -30.23 -0.68 7.90
C ASP C 221 -29.89 0.65 7.22
N TRP C 222 -29.52 0.58 5.95
CA TRP C 222 -29.09 1.77 5.22
C TRP C 222 -30.26 2.67 4.83
N ASN C 223 -31.49 2.21 5.00
CA ASN C 223 -32.62 3.12 4.82
C ASN C 223 -32.64 4.21 5.87
N LEU C 224 -31.89 4.04 6.95
CA LEU C 224 -31.83 5.01 8.04
C LEU C 224 -30.63 5.91 7.80
N TYR C 225 -30.88 7.20 7.61
CA TYR C 225 -29.75 8.10 7.49
C TYR C 225 -30.14 9.54 7.76
N SER C 226 -29.13 10.32 8.14
CA SER C 226 -29.21 11.76 8.20
C SER C 226 -28.79 12.38 6.88
N SER C 227 -29.42 13.49 6.55
CA SER C 227 -29.06 14.22 5.34
C SER C 227 -28.07 15.38 5.58
N VAL C 228 -27.59 15.58 6.81
CA VAL C 228 -26.66 16.67 7.10
C VAL C 228 -25.46 16.20 7.94
N ALA C 229 -25.54 14.98 8.46
CA ALA C 229 -24.45 14.44 9.27
C ALA C 229 -23.20 14.14 8.45
N SER C 230 -22.05 14.56 9.00
CA SER C 230 -20.73 14.28 8.46
C SER C 230 -19.83 13.86 9.60
N THR C 231 -19.48 12.57 9.66
CA THR C 231 -18.70 12.03 10.78
C THR C 231 -17.38 11.40 10.32
N SER C 232 -16.39 11.47 11.22
CA SER C 232 -14.99 11.27 10.87
C SER C 232 -14.34 10.69 12.12
N ALA C 233 -13.68 9.55 11.99
CA ALA C 233 -13.13 8.83 13.13
C ALA C 233 -11.62 8.99 13.20
N GLY C 234 -11.09 8.91 14.40
CA GLY C 234 -9.67 9.10 14.56
C GLY C 234 -9.17 8.47 15.83
N VAL C 235 -7.89 8.10 15.82
CA VAL C 235 -7.23 7.51 16.97
C VAL C 235 -6.98 8.52 18.07
N GLU C 236 -7.06 9.81 17.76
CA GLU C 236 -6.50 10.84 18.62
C GLU C 236 -7.46 11.38 19.68
N LEU C 237 -8.63 10.77 19.87
CA LEU C 237 -9.61 11.26 20.83
C LEU C 237 -10.46 10.09 21.29
N LEU C 238 -11.04 10.23 22.48
CA LEU C 238 -11.90 9.19 23.01
C LEU C 238 -13.36 9.59 23.11
N ASN C 239 -13.71 10.82 22.78
CA ASN C 239 -15.10 11.28 22.81
C ASN C 239 -15.53 11.65 21.40
N ASP C 240 -16.70 12.28 21.27
CA ASP C 240 -17.17 12.89 20.02
C ASP C 240 -17.15 14.41 20.19
N GLU C 241 -16.68 15.12 19.17
CA GLU C 241 -16.73 16.58 19.09
C GLU C 241 -17.69 16.96 17.98
N ILE C 242 -18.58 17.90 18.24
CA ILE C 242 -19.70 18.19 17.36
C ILE C 242 -19.66 19.66 16.97
N ILE C 243 -19.72 19.93 15.66
CA ILE C 243 -19.92 21.28 15.14
C ILE C 243 -21.25 21.29 14.37
N VAL C 244 -22.22 22.05 14.87
CA VAL C 244 -23.47 22.29 14.14
C VAL C 244 -23.34 23.58 13.33
N VAL C 245 -23.70 23.50 12.05
CA VAL C 245 -23.62 24.62 11.12
C VAL C 245 -24.99 24.78 10.44
N GLY C 246 -25.56 25.95 10.57
CA GLY C 246 -26.81 26.26 9.88
C GLY C 246 -26.96 27.76 9.73
N ASN C 247 -28.20 28.20 9.59
CA ASN C 247 -28.50 29.63 9.50
C ASN C 247 -29.53 30.01 10.56
N SER C 248 -29.41 31.23 11.05
CA SER C 248 -30.23 31.68 12.16
C SER C 248 -30.73 33.08 11.86
N THR C 249 -31.94 33.39 12.34
CA THR C 249 -32.39 34.78 12.29
C THR C 249 -31.55 35.68 13.18
N ASN C 250 -30.85 35.09 14.16
CA ASN C 250 -30.07 35.88 15.12
C ASN C 250 -28.60 35.99 14.74
N SER C 251 -28.30 36.01 13.43
CA SER C 251 -26.94 36.02 12.95
C SER C 251 -26.65 37.33 12.23
N ALA C 252 -25.49 37.91 12.51
CA ALA C 252 -24.99 39.05 11.78
C ALA C 252 -23.92 38.67 10.76
N SER C 253 -23.87 37.41 10.35
CA SER C 253 -22.81 36.98 9.45
C SER C 253 -23.08 37.46 8.03
N ASP C 254 -22.00 37.65 7.27
CA ASP C 254 -22.08 37.91 5.85
C ASP C 254 -22.00 36.65 5.01
N LEU C 255 -22.23 35.49 5.63
CA LEU C 255 -22.13 34.18 4.99
C LEU C 255 -23.45 33.45 5.20
N VAL C 256 -23.67 32.41 4.38
CA VAL C 256 -24.81 31.51 4.51
C VAL C 256 -24.29 30.11 4.23
N ILE C 257 -25.08 29.11 4.63
CA ILE C 257 -24.78 27.73 4.27
C ILE C 257 -25.99 27.12 3.58
N GLY C 258 -25.73 26.26 2.59
CA GLY C 258 -26.75 25.50 1.93
C GLY C 258 -26.27 24.08 1.79
N HIS C 259 -27.19 23.17 1.48
CA HIS C 259 -26.75 21.79 1.28
C HIS C 259 -27.65 21.05 0.30
N SER C 260 -27.15 19.88 -0.10
CA SER C 260 -27.92 18.89 -0.82
C SER C 260 -27.38 17.54 -0.38
N VAL C 261 -27.71 16.49 -1.11
CA VAL C 261 -27.26 15.14 -0.80
C VAL C 261 -26.82 14.50 -2.11
N MET C 262 -25.57 14.08 -2.19
CA MET C 262 -25.11 13.29 -3.33
C MET C 262 -25.76 11.91 -3.27
N LYS C 263 -26.42 11.52 -4.35
CA LYS C 263 -27.05 10.21 -4.42
C LYS C 263 -26.03 9.11 -4.64
N ASP C 264 -24.90 9.43 -5.26
CA ASP C 264 -23.80 8.51 -5.46
C ASP C 264 -22.56 9.36 -5.68
N ALA C 265 -21.41 8.69 -5.88
CA ALA C 265 -20.11 9.34 -5.84
C ALA C 265 -19.84 10.24 -7.04
N ILE C 266 -20.65 10.14 -8.09
CA ILE C 266 -20.45 10.94 -9.29
C ILE C 266 -21.60 11.93 -9.53
N ASP C 267 -22.39 12.22 -8.49
CA ASP C 267 -23.58 13.07 -8.60
C ASP C 267 -23.17 14.54 -8.58
N ALA C 268 -22.62 14.99 -9.71
CA ALA C 268 -22.31 16.39 -9.86
C ALA C 268 -23.55 17.28 -9.78
N ASP C 269 -24.73 16.73 -10.14
CA ASP C 269 -25.95 17.53 -10.03
C ASP C 269 -26.17 17.99 -8.60
N ALA C 270 -25.91 17.12 -7.62
CA ALA C 270 -26.10 17.50 -6.23
C ALA C 270 -25.09 18.56 -5.79
N VAL C 271 -23.88 18.53 -6.33
CA VAL C 271 -22.92 19.61 -6.09
C VAL C 271 -23.52 20.94 -6.54
N ARG C 272 -24.07 20.98 -7.77
CA ARG C 272 -24.68 22.21 -8.26
C ARG C 272 -25.92 22.59 -7.45
N ALA C 273 -26.67 21.60 -6.96
CA ALA C 273 -27.81 21.90 -6.12
C ALA C 273 -27.37 22.54 -4.80
N ALA C 274 -26.28 22.04 -4.22
CA ALA C 274 -25.81 22.60 -2.97
C ALA C 274 -25.32 24.03 -3.16
N LEU C 275 -24.60 24.29 -4.26
CA LEU C 275 -24.20 25.66 -4.60
C LEU C 275 -25.42 26.55 -4.70
N LYS C 276 -26.45 26.10 -5.41
CA LYS C 276 -27.65 26.92 -5.55
C LYS C 276 -28.31 27.18 -4.21
N ASP C 277 -28.29 26.19 -3.32
CA ASP C 277 -28.92 26.36 -2.02
C ASP C 277 -28.18 27.37 -1.18
N ALA C 278 -26.89 27.58 -1.47
CA ALA C 278 -26.05 28.56 -0.80
C ALA C 278 -26.05 29.91 -1.52
N GLY C 279 -26.88 30.08 -2.54
CA GLY C 279 -27.01 31.36 -3.23
C GLY C 279 -26.10 31.53 -4.42
N ILE C 280 -25.38 30.49 -4.82
CA ILE C 280 -24.45 30.52 -5.94
C ILE C 280 -25.16 29.93 -7.15
N ARG C 281 -25.66 30.81 -8.01
CA ARG C 281 -26.56 30.45 -9.10
C ARG C 281 -25.88 30.25 -10.44
N SER C 282 -24.61 30.61 -10.58
CA SER C 282 -23.90 30.47 -11.84
C SER C 282 -22.41 30.35 -11.58
N ASP C 283 -21.67 29.97 -12.61
CA ASP C 283 -20.22 29.85 -12.50
C ASP C 283 -19.59 31.19 -12.14
N ASP C 284 -20.14 32.28 -12.66
CA ASP C 284 -19.63 33.60 -12.30
C ASP C 284 -19.56 33.79 -10.79
N GLU C 285 -20.53 33.24 -10.06
CA GLU C 285 -20.65 33.51 -8.63
C GLU C 285 -19.87 32.53 -7.77
N MET C 286 -19.13 31.60 -8.37
CA MET C 286 -18.39 30.65 -7.58
C MET C 286 -17.26 31.28 -6.80
N ASP C 287 -16.89 32.54 -7.08
CA ASP C 287 -15.90 33.26 -6.28
C ASP C 287 -16.40 33.54 -4.87
N ARG C 288 -17.69 33.34 -4.61
CA ARG C 288 -18.25 33.50 -3.26
C ARG C 288 -18.12 32.25 -2.40
N ILE C 289 -17.66 31.13 -2.96
CA ILE C 289 -17.46 29.95 -2.13
C ILE C 289 -16.43 30.22 -1.06
N VAL C 290 -16.75 29.85 0.18
CA VAL C 290 -15.75 29.80 1.24
C VAL C 290 -15.20 28.38 1.38
N ASN C 291 -16.08 27.39 1.47
CA ASN C 291 -15.64 26.01 1.30
C ASN C 291 -16.84 25.16 0.94
N VAL C 292 -16.53 23.97 0.42
CA VAL C 292 -17.50 22.91 0.14
C VAL C 292 -17.15 21.75 1.05
N LEU C 293 -18.16 21.16 1.70
CA LEU C 293 -17.92 20.07 2.66
C LEU C 293 -18.78 18.87 2.27
N ALA C 294 -18.16 17.69 2.12
CA ALA C 294 -18.95 16.59 1.60
C ALA C 294 -18.47 15.26 2.18
N LYS C 295 -19.39 14.30 2.23
CA LYS C 295 -19.14 12.92 2.63
C LYS C 295 -19.16 12.05 1.37
N ALA C 296 -18.27 11.08 1.33
CA ALA C 296 -18.08 10.16 0.21
C ALA C 296 -17.99 8.73 0.71
N GLU C 297 -18.47 7.77 -0.11
CA GLU C 297 -18.24 6.38 0.30
C GLU C 297 -18.44 5.43 -0.88
N ALA C 298 -17.85 4.23 -0.71
CA ALA C 298 -18.20 3.07 -1.53
C ALA C 298 -19.59 2.55 -1.18
N ALA C 299 -20.39 2.27 -2.22
CA ALA C 299 -21.70 1.69 -2.01
C ALA C 299 -21.58 0.22 -1.62
N SER C 300 -22.44 -0.23 -0.70
CA SER C 300 -22.34 -1.61 -0.26
C SER C 300 -22.53 -2.59 -1.41
N SER C 301 -23.21 -2.18 -2.47
CA SER C 301 -23.44 -3.03 -3.63
C SER C 301 -22.18 -3.26 -4.45
N GLY C 302 -21.14 -2.50 -4.24
CA GLY C 302 -19.98 -2.59 -5.09
C GLY C 302 -20.18 -2.07 -6.48
N THR C 303 -21.07 -1.09 -6.66
CA THR C 303 -21.36 -0.54 -7.99
C THR C 303 -21.63 0.95 -7.88
N VAL C 304 -21.56 1.60 -9.03
CA VAL C 304 -22.10 2.93 -9.23
C VAL C 304 -22.95 2.88 -10.50
N ARG C 305 -24.25 3.20 -10.39
CA ARG C 305 -25.16 3.17 -11.55
C ARG C 305 -25.04 1.85 -12.30
N GLY C 306 -24.99 0.77 -11.56
CA GLY C 306 -24.97 -0.55 -12.18
C GLY C 306 -23.61 -1.01 -12.65
N ARG C 307 -22.58 -0.16 -12.53
CA ARG C 307 -21.25 -0.47 -13.02
C ARG C 307 -20.39 -0.92 -11.85
N ARG C 308 -19.77 -2.10 -11.99
CA ARG C 308 -18.89 -2.62 -10.95
C ARG C 308 -17.66 -1.75 -10.71
N ASN C 309 -17.27 -1.60 -9.45
CA ASN C 309 -15.92 -1.15 -9.16
C ASN C 309 -15.32 -2.03 -8.05
N THR C 310 -14.02 -1.84 -7.83
CA THR C 310 -13.26 -2.77 -6.99
C THR C 310 -13.02 -2.23 -5.59
N MET C 311 -13.69 -1.13 -5.21
CA MET C 311 -13.33 -0.49 -3.94
C MET C 311 -13.45 -1.44 -2.77
N LEU C 312 -14.47 -2.28 -2.77
CA LEU C 312 -14.68 -3.16 -1.63
C LEU C 312 -13.81 -4.40 -1.70
N ASP C 313 -13.20 -4.67 -2.85
CA ASP C 313 -12.36 -5.85 -3.05
C ASP C 313 -10.87 -5.57 -2.95
N ASP C 314 -10.45 -4.31 -2.95
CA ASP C 314 -9.04 -3.96 -3.11
C ASP C 314 -8.31 -4.07 -1.77
N SER C 315 -7.53 -5.13 -1.60
CA SER C 315 -6.81 -5.30 -0.35
C SER C 315 -5.61 -4.35 -0.23
N ASP C 316 -5.24 -3.61 -1.30
CA ASP C 316 -4.08 -2.72 -1.23
C ASP C 316 -4.43 -1.31 -0.78
N ILE C 317 -5.64 -0.88 -1.10
CA ILE C 317 -6.09 0.49 -0.86
C ILE C 317 -7.46 0.43 -0.23
N ASN C 318 -7.60 0.95 0.98
CA ASN C 318 -8.90 0.90 1.66
C ASN C 318 -9.94 1.78 0.95
N HIS C 319 -11.18 1.30 0.95
CA HIS C 319 -12.21 1.95 0.16
C HIS C 319 -12.46 3.40 0.57
N THR C 320 -12.24 3.78 1.84
CA THR C 320 -12.52 5.20 2.12
C THR C 320 -11.49 6.10 1.45
N ARG C 321 -10.27 5.61 1.23
CA ARG C 321 -9.26 6.40 0.50
C ARG C 321 -9.70 6.65 -0.93
N SER C 322 -10.23 5.61 -1.58
CA SER C 322 -10.73 5.69 -2.93
C SER C 322 -11.91 6.64 -3.04
N ALA C 323 -12.86 6.52 -2.10
CA ALA C 323 -14.07 7.31 -2.17
C ALA C 323 -13.76 8.80 -2.05
N ARG C 324 -12.85 9.15 -1.13
CA ARG C 324 -12.43 10.55 -0.97
C ARG C 324 -11.81 11.07 -2.26
N ALA C 325 -10.95 10.29 -2.90
CA ALA C 325 -10.33 10.76 -4.14
C ALA C 325 -11.41 11.02 -5.18
N VAL C 326 -12.38 10.11 -5.30
CA VAL C 326 -13.42 10.24 -6.33
C VAL C 326 -14.26 11.49 -6.08
N VAL C 327 -14.80 11.63 -4.88
CA VAL C 327 -15.76 12.71 -4.67
C VAL C 327 -15.06 14.06 -4.66
N ASN C 328 -13.84 14.13 -4.17
CA ASN C 328 -13.12 15.39 -4.28
C ASN C 328 -12.90 15.76 -5.73
N ALA C 329 -12.60 14.77 -6.57
CA ALA C 329 -12.38 15.07 -7.98
C ALA C 329 -13.66 15.57 -8.65
N VAL C 330 -14.79 14.97 -8.33
CA VAL C 330 -16.04 15.42 -8.91
C VAL C 330 -16.34 16.86 -8.50
N ILE C 331 -16.20 17.15 -7.21
CA ILE C 331 -16.49 18.50 -6.72
C ILE C 331 -15.52 19.50 -7.35
N ALA C 332 -14.22 19.17 -7.37
CA ALA C 332 -13.23 20.06 -7.95
C ALA C 332 -13.55 20.38 -9.39
N SER C 333 -14.08 19.42 -10.14
CA SER C 333 -14.38 19.63 -11.54
C SER C 333 -15.57 20.53 -11.74
N VAL C 334 -16.45 20.62 -10.72
CA VAL C 334 -17.58 21.54 -10.82
C VAL C 334 -17.19 22.95 -10.40
N VAL C 335 -16.42 23.08 -9.30
CA VAL C 335 -16.09 24.37 -8.74
C VAL C 335 -14.73 24.88 -9.16
N GLY C 336 -13.94 24.06 -9.87
CA GLY C 336 -12.66 24.50 -10.37
C GLY C 336 -11.57 24.61 -9.33
N ASP C 337 -11.71 23.92 -8.20
CA ASP C 337 -10.82 24.08 -7.05
C ASP C 337 -10.80 22.79 -6.23
N PRO C 338 -9.68 22.08 -6.11
CA PRO C 338 -9.67 20.83 -5.32
C PRO C 338 -9.42 21.03 -3.83
N MET C 339 -9.27 22.27 -3.39
CA MET C 339 -9.08 22.55 -1.97
C MET C 339 -10.46 22.67 -1.33
N VAL C 340 -11.13 21.51 -1.24
CA VAL C 340 -12.41 21.36 -0.56
C VAL C 340 -12.37 20.18 0.39
N TYR C 341 -13.29 20.19 1.34
CA TYR C 341 -13.31 19.19 2.40
C TYR C 341 -14.14 17.99 1.98
N VAL C 342 -13.48 16.82 1.82
CA VAL C 342 -14.18 15.57 1.54
C VAL C 342 -13.72 14.54 2.55
N SER C 343 -14.69 13.93 3.24
CA SER C 343 -14.47 12.91 4.26
C SER C 343 -15.06 11.61 3.77
N GLY C 344 -14.39 10.50 4.06
CA GLY C 344 -14.81 9.22 3.53
C GLY C 344 -15.51 8.37 4.58
N GLY C 345 -16.41 7.50 4.15
CA GLY C 345 -17.17 6.69 5.07
C GLY C 345 -18.45 7.38 5.48
N ALA C 346 -19.54 7.04 4.83
CA ALA C 346 -20.78 7.80 4.96
C ALA C 346 -21.93 6.94 5.46
N GLU C 347 -21.62 6.06 6.42
CA GLU C 347 -22.60 5.21 7.09
C GLU C 347 -23.70 6.05 7.74
N HIS C 348 -24.94 5.86 7.28
CA HIS C 348 -26.12 6.59 7.76
C HIS C 348 -26.00 8.10 7.55
N GLN C 349 -25.16 8.49 6.60
CA GLN C 349 -24.97 9.87 6.18
C GLN C 349 -25.33 9.85 4.69
N GLY C 350 -26.53 10.30 4.36
CA GLY C 350 -27.04 10.11 3.02
C GLY C 350 -27.28 8.65 2.74
N PRO C 351 -27.85 8.34 1.57
CA PRO C 351 -28.11 6.94 1.21
C PRO C 351 -26.82 6.16 1.00
N ASP C 352 -27.00 4.86 0.87
CA ASP C 352 -25.90 3.91 0.66
C ASP C 352 -25.20 4.26 -0.62
N GLY C 353 -23.94 4.70 -0.53
CA GLY C 353 -23.21 5.12 -1.70
C GLY C 353 -23.16 6.62 -1.92
N GLY C 354 -23.91 7.38 -1.13
CA GLY C 354 -23.91 8.83 -1.24
C GLY C 354 -23.69 9.45 0.12
N GLY C 355 -23.79 10.77 0.14
CA GLY C 355 -23.51 11.51 1.35
C GLY C 355 -23.88 12.97 1.24
N PRO C 356 -23.99 13.63 2.38
CA PRO C 356 -24.37 15.05 2.36
C PRO C 356 -23.26 15.91 1.79
N ILE C 357 -23.67 17.03 1.21
CA ILE C 357 -22.69 18.02 0.71
C ILE C 357 -23.24 19.41 1.01
N ALA C 358 -22.42 20.25 1.65
CA ALA C 358 -22.79 21.59 2.04
C ALA C 358 -21.81 22.61 1.47
N VAL C 359 -22.32 23.82 1.26
CA VAL C 359 -21.54 24.92 0.73
C VAL C 359 -21.71 26.10 1.68
N ILE C 360 -20.59 26.66 2.14
CA ILE C 360 -20.57 27.93 2.87
C ILE C 360 -20.13 29.00 1.88
N ALA C 361 -20.93 30.07 1.76
CA ALA C 361 -20.73 31.09 0.75
C ALA C 361 -20.92 32.47 1.32
N ARG C 362 -20.18 33.42 0.75
CA ARG C 362 -20.44 34.83 1.00
C ARG C 362 -21.80 35.18 0.44
N VAL C 363 -22.53 36.05 1.13
CA VAL C 363 -23.85 36.43 0.61
C VAL C 363 -23.68 37.31 -0.64
N MET D 2 34.77 11.84 35.62
CA MET D 2 34.81 10.49 34.98
C MET D 2 33.57 10.25 34.11
N GLN D 3 33.80 10.02 32.82
CA GLN D 3 32.73 9.85 31.84
C GLN D 3 31.90 8.60 32.12
N LYS D 4 30.57 8.74 32.03
CA LYS D 4 29.68 7.59 32.20
C LYS D 4 28.50 7.75 31.26
N VAL D 5 28.17 6.71 30.52
CA VAL D 5 27.05 6.75 29.58
C VAL D 5 26.00 5.74 30.02
N GLU D 6 24.74 6.18 30.03
CA GLU D 6 23.59 5.33 30.33
C GLU D 6 22.64 5.38 29.14
N VAL D 7 21.95 4.26 28.92
CA VAL D 7 21.12 4.06 27.74
C VAL D 7 19.84 3.36 28.17
N PHE D 8 18.71 3.93 27.78
CA PHE D 8 17.40 3.43 28.17
C PHE D 8 16.57 3.20 26.92
N ARG D 9 16.20 1.95 26.68
CA ARG D 9 15.31 1.59 25.60
C ARG D 9 13.89 1.57 26.16
N ILE D 10 13.00 2.38 25.60
CA ILE D 10 11.71 2.67 26.21
C ILE D 10 10.61 2.35 25.19
N PRO D 11 9.73 1.39 25.48
CA PRO D 11 8.60 1.15 24.58
C PRO D 11 7.68 2.36 24.52
N THR D 12 7.10 2.63 23.35
CA THR D 12 6.14 3.73 23.18
C THR D 12 4.80 3.21 22.65
N ALA D 13 3.70 3.85 23.08
CA ALA D 13 2.35 3.47 22.66
C ALA D 13 1.90 4.20 21.40
N SER D 14 2.65 5.20 20.95
CA SER D 14 2.22 6.06 19.85
C SER D 14 3.40 7.01 19.59
N PRO D 15 3.42 7.70 18.46
CA PRO D 15 4.54 8.60 18.18
C PRO D 15 4.73 9.67 19.22
N ASP D 16 3.64 10.16 19.82
CA ASP D 16 3.68 11.26 20.76
C ASP D 16 3.78 10.80 22.21
N ASP D 17 4.04 9.52 22.46
CA ASP D 17 4.03 8.97 23.82
C ASP D 17 5.36 9.28 24.51
N ILE D 18 5.30 10.09 25.58
CA ILE D 18 6.46 10.40 26.39
C ILE D 18 6.33 9.82 27.79
N SER D 19 5.30 9.02 28.07
CA SER D 19 5.06 8.54 29.43
C SER D 19 6.24 7.71 29.94
N GLY D 20 6.79 6.83 29.09
CA GLY D 20 7.91 6.01 29.54
C GLY D 20 9.09 6.85 29.98
N LEU D 21 9.42 7.87 29.19
CA LEU D 21 10.54 8.74 29.54
C LEU D 21 10.21 9.55 30.77
N ALA D 22 8.97 10.04 30.84
CA ALA D 22 8.57 10.81 32.03
C ALA D 22 8.70 9.98 33.29
N THR D 23 8.37 8.69 33.22
CA THR D 23 8.48 7.83 34.40
C THR D 23 9.91 7.79 34.91
N LEU D 24 10.87 7.60 34.00
CA LEU D 24 12.27 7.52 34.40
C LEU D 24 12.81 8.86 34.88
N ILE D 25 12.30 9.97 34.35
CA ILE D 25 12.72 11.26 34.88
C ILE D 25 12.13 11.49 36.28
N ASP D 26 10.83 11.19 36.43
CA ASP D 26 10.14 11.43 37.69
C ASP D 26 10.67 10.56 38.82
N SER D 27 11.31 9.44 38.50
CA SER D 27 11.86 8.55 39.51
C SER D 27 13.32 8.85 39.83
N GLY D 28 13.91 9.83 39.17
CA GLY D 28 15.29 10.17 39.39
C GLY D 28 16.27 9.34 38.58
N LYS D 29 15.82 8.28 37.91
CA LYS D 29 16.75 7.43 37.17
C LYS D 29 17.34 8.15 35.98
N ILE D 30 16.67 9.16 35.45
CA ILE D 30 17.21 9.99 34.38
C ILE D 30 17.08 11.46 34.76
N ASN D 31 18.17 12.21 34.60
CA ASN D 31 18.15 13.65 34.75
C ASN D 31 18.08 14.28 33.37
N PRO D 32 17.01 14.99 33.02
CA PRO D 32 16.87 15.44 31.62
C PRO D 32 18.04 16.27 31.11
N ALA D 33 18.81 16.89 32.00
CA ALA D 33 19.91 17.75 31.58
C ALA D 33 21.06 16.97 30.96
N GLU D 34 21.21 15.69 31.30
CA GLU D 34 22.29 14.86 30.81
C GLU D 34 21.96 14.11 29.54
N ILE D 35 20.76 14.29 28.99
CA ILE D 35 20.38 13.61 27.77
C ILE D 35 21.13 14.24 26.60
N VAL D 36 21.82 13.42 25.81
CA VAL D 36 22.52 13.94 24.64
C VAL D 36 21.87 13.54 23.33
N ALA D 37 21.09 12.46 23.29
CA ALA D 37 20.48 12.02 22.04
C ALA D 37 19.30 11.09 22.32
N ILE D 38 18.34 11.08 21.40
CA ILE D 38 17.20 10.16 21.48
C ILE D 38 17.03 9.54 20.10
N LEU D 39 17.14 8.22 20.03
CA LEU D 39 17.07 7.46 18.79
C LEU D 39 15.75 6.72 18.77
N GLY D 40 14.88 7.04 17.81
CA GLY D 40 13.50 6.58 17.84
C GLY D 40 13.13 5.73 16.64
N LYS D 41 12.31 4.72 16.89
CA LYS D 41 11.56 4.00 15.86
C LYS D 41 10.11 4.46 15.98
N THR D 42 9.62 5.18 14.97
CA THR D 42 8.27 5.73 14.97
C THR D 42 7.45 5.05 13.88
N GLU D 43 6.14 4.92 14.14
CA GLU D 43 5.35 3.91 13.45
C GLU D 43 4.69 4.40 12.17
N GLY D 44 5.14 5.51 11.60
CA GLY D 44 4.77 5.89 10.25
C GLY D 44 5.42 4.98 9.22
N ASN D 45 5.28 5.36 7.93
CA ASN D 45 5.71 4.43 6.87
C ASN D 45 7.21 4.48 6.61
N GLY D 46 7.96 5.35 7.28
CA GLY D 46 9.40 5.39 7.12
C GLY D 46 9.91 5.82 5.76
N CYS D 47 9.06 6.41 4.93
CA CYS D 47 9.42 6.77 3.57
C CYS D 47 9.28 8.29 3.47
N VAL D 48 8.73 8.78 2.37
CA VAL D 48 8.71 10.22 2.12
C VAL D 48 7.67 10.90 3.01
N ASN D 49 6.42 10.45 2.92
CA ASN D 49 5.36 11.11 3.67
C ASN D 49 5.11 10.42 5.01
N ASP D 50 6.15 10.43 5.86
CA ASP D 50 6.04 9.90 7.22
C ASP D 50 6.11 11.10 8.17
N PHE D 51 4.97 11.49 8.73
CA PHE D 51 4.92 12.62 9.65
C PHE D 51 5.07 12.20 11.09
N THR D 52 5.23 10.90 11.36
CA THR D 52 5.39 10.47 12.74
C THR D 52 6.76 10.86 13.26
N ARG D 53 7.74 11.05 12.39
CA ARG D 53 9.06 11.48 12.81
C ARG D 53 8.99 12.88 13.41
N GLY D 54 8.35 13.81 12.71
CA GLY D 54 8.21 15.16 13.23
C GLY D 54 7.29 15.23 14.43
N PHE D 55 6.23 14.41 14.43
CA PHE D 55 5.29 14.36 15.55
C PHE D 55 6.02 13.90 16.81
N ALA D 56 6.87 12.88 16.69
CA ALA D 56 7.59 12.37 17.85
C ALA D 56 8.61 13.39 18.34
N THR D 57 9.35 14.01 17.41
CA THR D 57 10.31 15.02 17.81
C THR D 57 9.62 16.19 18.48
N GLN D 58 8.50 16.65 17.90
CA GLN D 58 7.79 17.76 18.52
C GLN D 58 7.34 17.42 19.93
N SER D 59 6.78 16.20 20.11
CA SER D 59 6.23 15.81 21.40
C SER D 59 7.31 15.74 22.47
N LEU D 60 8.47 15.19 22.11
CA LEU D 60 9.59 15.06 23.03
C LEU D 60 10.20 16.42 23.34
N ALA D 61 10.33 17.29 22.33
CA ALA D 61 10.91 18.61 22.53
C ALA D 61 10.03 19.50 23.38
N MET D 62 8.71 19.36 23.23
CA MET D 62 7.74 20.06 24.07
C MET D 62 7.89 19.62 25.51
N TYR D 63 7.97 18.31 25.75
CA TYR D 63 8.05 17.80 27.12
C TYR D 63 9.38 18.15 27.77
N LEU D 64 10.48 17.99 27.04
CA LEU D 64 11.78 18.27 27.62
C LEU D 64 12.04 19.75 27.78
N ALA D 65 11.45 20.60 26.93
CA ALA D 65 11.61 22.03 27.14
C ALA D 65 10.89 22.49 28.39
N GLU D 66 9.76 21.87 28.72
CA GLU D 66 9.08 22.21 29.96
C GLU D 66 9.89 21.75 31.17
N LYS D 67 10.56 20.60 31.07
CA LYS D 67 11.30 20.08 32.20
C LYS D 67 12.66 20.77 32.38
N LEU D 68 13.26 21.30 31.30
CA LEU D 68 14.51 22.03 31.41
C LEU D 68 14.31 23.54 31.49
N GLY D 69 13.07 24.01 31.35
CA GLY D 69 12.82 25.44 31.39
C GLY D 69 13.35 26.23 30.23
N ILE D 70 13.69 25.59 29.12
CA ILE D 70 14.19 26.28 27.92
C ILE D 70 13.12 26.17 26.85
N SER D 71 13.40 26.70 25.65
CA SER D 71 12.44 26.61 24.56
C SER D 71 12.67 25.34 23.75
N ARG D 72 11.63 24.90 23.04
CA ARG D 72 11.79 23.68 22.26
C ARG D 72 12.78 23.87 21.11
N GLU D 73 12.92 25.11 20.61
CA GLU D 73 13.99 25.40 19.67
C GLU D 73 15.36 25.09 20.28
N GLU D 74 15.55 25.43 21.56
CA GLU D 74 16.82 25.17 22.23
C GLU D 74 17.01 23.68 22.51
N VAL D 75 15.91 23.00 22.87
CA VAL D 75 15.99 21.56 23.12
C VAL D 75 16.51 20.83 21.90
N VAL D 76 15.99 21.17 20.73
CA VAL D 76 16.42 20.50 19.51
C VAL D 76 17.88 20.78 19.23
N LYS D 77 18.39 21.93 19.68
CA LYS D 77 19.81 22.22 19.53
C LYS D 77 20.64 21.47 20.56
N LYS D 78 20.11 21.29 21.78
CA LYS D 78 20.87 20.62 22.83
C LYS D 78 20.90 19.11 22.63
N VAL D 79 19.79 18.52 22.20
CA VAL D 79 19.64 17.07 22.12
C VAL D 79 19.51 16.67 20.67
N ALA D 80 20.25 15.63 20.27
CA ALA D 80 20.12 15.06 18.93
C ALA D 80 18.90 14.16 18.89
N PHE D 81 17.85 14.58 18.18
CA PHE D 81 16.68 13.74 17.93
C PHE D 81 16.85 13.05 16.59
N ILE D 82 16.95 11.73 16.60
CA ILE D 82 17.08 10.94 15.39
C ILE D 82 15.88 10.03 15.34
N MET D 83 14.91 10.35 14.49
CA MET D 83 13.69 9.55 14.41
C MET D 83 13.68 8.77 13.10
N SER D 84 13.69 7.45 13.20
CA SER D 84 13.67 6.57 12.04
C SER D 84 12.26 6.01 11.94
N GLY D 85 11.48 6.45 10.97
CA GLY D 85 10.15 5.89 10.80
C GLY D 85 10.19 4.50 10.20
N GLY D 86 9.05 3.84 10.24
CA GLY D 86 8.95 2.52 9.66
C GLY D 86 9.07 1.44 10.72
N THR D 87 7.95 0.93 11.22
CA THR D 87 7.97 -0.17 12.16
C THR D 87 7.16 -1.31 11.56
N GLU D 88 7.72 -1.90 10.51
CA GLU D 88 7.07 -2.94 9.72
C GLU D 88 7.27 -4.30 10.38
N GLY D 89 6.50 -5.27 9.89
CA GLY D 89 6.56 -6.61 10.46
C GLY D 89 6.24 -6.54 11.94
N VAL D 90 7.07 -7.18 12.76
CA VAL D 90 6.84 -7.21 14.20
C VAL D 90 7.65 -6.14 14.91
N MET D 91 8.30 -5.24 14.17
CA MET D 91 9.17 -4.27 14.82
C MET D 91 8.34 -3.38 15.75
N THR D 92 8.82 -3.21 16.95
CA THR D 92 8.09 -2.54 18.02
C THR D 92 8.51 -1.08 18.11
N PRO D 93 7.58 -0.13 18.06
CA PRO D 93 7.93 1.28 18.29
C PRO D 93 8.55 1.50 19.66
N HIS D 94 9.60 2.32 19.70
CA HIS D 94 10.30 2.60 20.94
C HIS D 94 11.23 3.78 20.74
N ILE D 95 11.75 4.30 21.84
CA ILE D 95 12.84 5.25 21.79
C ILE D 95 13.99 4.73 22.66
N THR D 96 15.20 5.14 22.30
CA THR D 96 16.43 4.83 23.01
C THR D 96 17.06 6.17 23.40
N VAL D 97 17.17 6.42 24.70
CA VAL D 97 17.66 7.69 25.24
C VAL D 97 19.09 7.48 25.72
N PHE D 98 20.00 8.32 25.21
CA PHE D 98 21.41 8.32 25.58
C PHE D 98 21.67 9.44 26.57
N VAL D 99 22.25 9.11 27.72
CA VAL D 99 22.55 10.05 28.79
C VAL D 99 24.05 10.04 29.01
N ARG D 100 24.68 11.21 28.96
CA ARG D 100 26.12 11.32 29.19
C ARG D 100 26.35 12.22 30.38
N LYS D 101 27.06 11.71 31.40
CA LYS D 101 27.34 12.47 32.60
C LYS D 101 28.76 12.19 33.04
N ASP D 102 29.32 13.14 33.78
CA ASP D 102 30.63 13.02 34.38
C ASP D 102 30.42 12.79 35.87
N VAL D 103 30.91 11.65 36.37
CA VAL D 103 30.77 11.28 37.77
C VAL D 103 32.17 11.21 38.39
N ALA D 104 32.23 10.92 39.68
CA ALA D 104 33.50 10.80 40.39
C ALA D 104 33.68 9.35 40.83
N ALA D 105 33.87 8.49 39.85
CA ALA D 105 34.16 7.09 40.06
C ALA D 105 35.54 6.78 39.49
N PRO D 106 36.17 5.69 39.94
CA PRO D 106 37.54 5.41 39.48
C PRO D 106 37.63 4.88 38.06
N ALA D 107 38.81 4.40 37.69
CA ALA D 107 39.08 3.96 36.32
C ALA D 107 38.17 2.80 35.94
N ALA D 108 38.13 2.53 34.62
CA ALA D 108 37.37 1.41 34.08
C ALA D 108 38.15 0.10 34.25
N PRO D 109 37.49 -0.98 34.68
CA PRO D 109 38.13 -2.31 34.63
C PRO D 109 38.20 -2.78 33.19
N GLY D 110 38.92 -2.05 32.34
CA GLY D 110 38.89 -2.30 30.91
C GLY D 110 38.24 -1.17 30.13
N LYS D 111 37.54 -1.49 29.05
CA LYS D 111 36.93 -0.47 28.21
C LYS D 111 35.42 -0.51 28.35
N ARG D 112 34.82 0.67 28.51
CA ARG D 112 33.40 0.77 28.76
C ARG D 112 32.78 1.82 27.84
N LEU D 113 31.46 1.71 27.67
CA LEU D 113 30.73 2.54 26.72
C LEU D 113 31.08 4.02 26.87
N ALA D 114 31.25 4.68 25.75
CA ALA D 114 31.59 6.10 25.70
C ALA D 114 30.97 6.70 24.46
N VAL D 115 30.64 7.98 24.54
CA VAL D 115 30.07 8.71 23.41
C VAL D 115 30.84 10.00 23.23
N GLY D 116 31.07 10.36 21.97
CA GLY D 116 31.61 11.65 21.61
C GLY D 116 30.78 12.24 20.49
N VAL D 117 30.85 13.56 20.38
CA VAL D 117 30.05 14.29 19.40
C VAL D 117 30.93 15.35 18.74
N ALA D 118 30.67 15.59 17.45
CA ALA D 118 31.36 16.63 16.72
C ALA D 118 30.46 17.08 15.57
N PHE D 119 30.73 18.27 15.07
CA PHE D 119 29.95 18.87 13.99
C PHE D 119 30.90 19.30 12.88
N THR D 120 30.40 19.25 11.65
CA THR D 120 31.16 19.74 10.51
C THR D 120 30.77 21.19 10.24
N ARG D 121 31.46 21.80 9.28
CA ARG D 121 31.00 23.08 8.75
C ARG D 121 29.73 22.86 7.94
N ASP D 122 28.98 23.93 7.74
CA ASP D 122 27.84 23.87 6.83
C ASP D 122 28.34 23.66 5.40
N PHE D 123 27.54 22.95 4.60
CA PHE D 123 27.95 22.52 3.27
C PHE D 123 27.18 23.30 2.22
N LEU D 124 27.92 24.06 1.40
CA LEU D 124 27.33 24.64 0.21
C LEU D 124 26.64 23.53 -0.59
N PRO D 125 25.46 23.79 -1.17
CA PRO D 125 24.73 22.71 -1.84
C PRO D 125 25.58 21.89 -2.80
N GLU D 126 26.43 22.55 -3.59
CA GLU D 126 27.26 21.85 -4.56
C GLU D 126 28.31 20.95 -3.93
N GLU D 127 28.52 21.04 -2.61
CA GLU D 127 29.52 20.23 -1.93
C GLU D 127 28.98 18.89 -1.47
N LEU D 128 27.67 18.73 -1.39
CA LEU D 128 27.09 17.50 -0.88
C LEU D 128 27.28 16.36 -1.88
N GLY D 129 27.60 15.19 -1.37
CA GLY D 129 27.79 14.04 -2.21
C GLY D 129 29.16 13.93 -2.84
N ARG D 130 30.11 14.76 -2.41
CA ARG D 130 31.43 14.83 -3.03
C ARG D 130 32.50 14.86 -1.93
N MET D 131 33.77 14.85 -2.35
CA MET D 131 34.86 14.70 -1.40
C MET D 131 34.84 15.77 -0.30
N GLU D 132 34.34 16.98 -0.63
CA GLU D 132 34.20 18.02 0.38
C GLU D 132 33.49 17.48 1.61
N GLN D 133 32.33 16.85 1.41
CA GLN D 133 31.58 16.31 2.54
C GLN D 133 32.31 15.13 3.17
N VAL D 134 32.83 14.22 2.33
CA VAL D 134 33.58 13.06 2.83
C VAL D 134 34.71 13.51 3.74
N ASN D 135 35.57 14.39 3.23
CA ASN D 135 36.77 14.77 3.98
C ASN D 135 36.41 15.50 5.26
N GLU D 136 35.37 16.35 5.22
CA GLU D 136 34.97 17.09 6.41
C GLU D 136 34.36 16.17 7.45
N VAL D 137 33.54 15.22 7.01
CA VAL D 137 32.99 14.25 7.95
C VAL D 137 34.12 13.47 8.63
N ALA D 138 35.16 13.10 7.88
CA ALA D 138 36.24 12.33 8.45
C ALA D 138 36.92 13.07 9.60
N ARG D 139 37.24 14.36 9.39
CA ARG D 139 37.77 15.16 10.48
C ARG D 139 36.84 15.11 11.68
N ALA D 140 35.55 15.36 11.46
CA ALA D 140 34.60 15.43 12.57
C ALA D 140 34.60 14.14 13.39
N VAL D 141 34.68 12.99 12.71
CA VAL D 141 34.75 11.71 13.42
C VAL D 141 35.99 11.65 14.31
N LYS D 142 37.13 12.13 13.80
CA LYS D 142 38.33 12.19 14.62
C LYS D 142 38.08 13.01 15.88
N GLU D 143 37.42 14.16 15.73
CA GLU D 143 37.10 14.98 16.88
C GLU D 143 36.21 14.22 17.85
N ALA D 144 35.13 13.63 17.35
CA ALA D 144 34.21 12.90 18.22
C ALA D 144 34.92 11.75 18.92
N MET D 145 35.79 11.03 18.20
CA MET D 145 36.59 9.98 18.85
C MET D 145 37.38 10.55 20.02
N LYS D 146 38.05 11.68 19.81
CA LYS D 146 38.76 12.33 20.91
C LYS D 146 37.79 12.71 22.03
N ASP D 147 36.71 13.42 21.69
CA ASP D 147 35.69 13.76 22.68
C ASP D 147 35.27 12.54 23.49
N ALA D 148 35.10 11.38 22.84
CA ALA D 148 34.75 10.16 23.55
C ALA D 148 35.91 9.58 24.33
N GLN D 149 37.12 10.12 24.14
CA GLN D 149 38.34 9.58 24.72
C GLN D 149 38.65 8.20 24.16
N ILE D 150 38.29 7.99 22.90
CA ILE D 150 38.62 6.79 22.15
C ILE D 150 39.76 7.14 21.22
N ASP D 151 40.85 6.38 21.28
CA ASP D 151 42.00 6.64 20.44
C ASP D 151 42.33 5.47 19.52
N ASP D 152 41.63 4.35 19.66
CA ASP D 152 41.80 3.21 18.77
C ASP D 152 40.56 3.14 17.88
N PRO D 153 40.69 3.22 16.54
CA PRO D 153 39.48 3.19 15.71
C PRO D 153 38.70 1.91 15.90
N ARG D 154 39.38 0.81 16.26
CA ARG D 154 38.75 -0.49 16.43
C ARG D 154 37.82 -0.51 17.63
N ASP D 155 37.84 0.58 18.41
CA ASP D 155 36.93 0.77 19.53
C ASP D 155 35.73 1.62 19.18
N VAL D 156 35.56 2.01 17.93
CA VAL D 156 34.34 2.66 17.45
C VAL D 156 33.45 1.57 16.89
N HIS D 157 32.21 1.51 17.35
CA HIS D 157 31.30 0.43 17.00
C HIS D 157 29.99 0.90 16.37
N PHE D 158 29.68 2.18 16.44
CA PHE D 158 28.43 2.74 15.90
C PHE D 158 28.63 4.23 15.79
N VAL D 159 28.51 4.76 14.59
CA VAL D 159 28.67 6.19 14.34
C VAL D 159 27.38 6.68 13.73
N GLN D 160 26.55 7.32 14.55
CA GLN D 160 25.34 7.96 14.06
C GLN D 160 25.71 9.28 13.39
N ILE D 161 25.13 9.53 12.22
CA ILE D 161 25.33 10.77 11.49
C ILE D 161 23.98 11.30 11.07
N LYS D 162 23.74 12.60 11.28
CA LYS D 162 22.66 13.33 10.65
C LYS D 162 23.28 14.24 9.60
N CYS D 163 22.88 14.07 8.34
CA CYS D 163 23.50 14.75 7.22
C CYS D 163 22.45 15.48 6.40
N PRO D 164 22.85 16.53 5.69
CA PRO D 164 21.87 17.38 5.00
C PRO D 164 21.45 16.75 3.66
N LEU D 165 20.58 17.46 2.95
CA LEU D 165 20.18 17.08 1.61
C LEU D 165 20.11 18.35 0.77
N LEU D 166 19.63 18.22 -0.47
CA LEU D 166 19.54 19.34 -1.40
C LEU D 166 18.09 19.65 -1.67
N THR D 167 17.72 20.92 -1.57
CA THR D 167 16.38 21.39 -1.87
C THR D 167 16.41 22.34 -3.05
N ALA D 168 15.22 22.70 -3.53
CA ALA D 168 15.11 23.55 -4.72
C ALA D 168 15.77 24.90 -4.49
N GLU D 169 15.41 25.58 -3.40
CA GLU D 169 16.05 26.87 -3.09
C GLU D 169 17.56 26.74 -3.01
N ARG D 170 18.06 25.59 -2.53
CA ARG D 170 19.50 25.34 -2.55
C ARG D 170 19.99 24.99 -3.94
N ILE D 171 19.15 24.35 -4.76
CA ILE D 171 19.50 24.10 -6.14
C ILE D 171 19.71 25.40 -6.89
N GLU D 172 18.81 26.38 -6.68
CA GLU D 172 18.95 27.66 -7.36
C GLU D 172 20.14 28.43 -6.82
N ASP D 173 20.42 28.30 -5.52
CA ASP D 173 21.61 28.96 -4.97
C ASP D 173 22.87 28.42 -5.61
N ALA D 174 22.85 27.17 -6.09
CA ALA D 174 24.03 26.59 -6.73
C ALA D 174 24.23 27.16 -8.13
N LYS D 175 23.15 27.35 -8.88
CA LYS D 175 23.25 28.00 -10.18
C LYS D 175 23.32 29.51 -10.07
N ARG D 176 22.78 30.09 -8.98
CA ARG D 176 23.01 31.50 -8.69
C ARG D 176 24.51 31.81 -8.57
N ARG D 177 25.32 30.80 -8.27
CA ARG D 177 26.77 30.92 -8.25
C ARG D 177 27.46 30.30 -9.46
N GLY D 178 26.71 29.54 -10.28
CA GLY D 178 27.27 29.00 -11.50
C GLY D 178 27.93 27.64 -11.37
N LYS D 179 27.50 26.81 -10.42
CA LYS D 179 28.08 25.49 -10.23
C LYS D 179 26.96 24.50 -10.03
N ASP D 180 27.04 23.35 -10.71
CA ASP D 180 25.98 22.36 -10.60
C ASP D 180 26.15 21.54 -9.32
N VAL D 181 25.13 20.72 -9.02
CA VAL D 181 25.17 19.88 -7.84
C VAL D 181 25.46 18.44 -8.24
N VAL D 182 25.57 17.56 -7.24
CA VAL D 182 25.91 16.17 -7.51
C VAL D 182 24.78 15.48 -8.26
N VAL D 183 23.54 15.87 -8.00
CA VAL D 183 22.38 15.24 -8.65
C VAL D 183 21.23 16.23 -8.68
N ASN D 184 20.47 16.21 -9.77
CA ASN D 184 19.33 17.11 -9.94
C ASN D 184 18.06 16.41 -9.45
N ASP D 185 18.04 16.20 -8.14
CA ASP D 185 16.94 15.50 -7.47
C ASP D 185 17.13 15.59 -5.96
N THR D 186 16.08 15.97 -5.22
CA THR D 186 16.18 16.07 -3.76
C THR D 186 16.15 14.71 -3.09
N TYR D 187 15.51 13.72 -3.71
CA TYR D 187 15.43 12.39 -3.15
C TYR D 187 16.77 11.67 -3.26
N LYS D 188 17.43 11.76 -4.42
CA LYS D 188 18.72 11.10 -4.57
C LYS D 188 19.82 11.84 -3.82
N SER D 189 19.70 13.16 -3.68
CA SER D 189 20.70 13.90 -2.90
C SER D 189 20.81 13.32 -1.49
N MET D 190 19.71 12.78 -0.96
CA MET D 190 19.77 12.13 0.35
C MET D 190 20.68 10.91 0.30
N ALA D 191 20.55 10.10 -0.76
CA ALA D 191 21.36 8.89 -0.88
C ALA D 191 22.82 9.25 -1.14
N TYR D 192 23.07 10.32 -1.90
CA TYR D 192 24.43 10.80 -2.08
C TYR D 192 24.99 11.39 -0.79
N SER D 193 24.16 12.06 0.00
CA SER D 193 24.65 12.62 1.25
C SER D 193 24.93 11.52 2.28
N ARG D 194 24.03 10.54 2.39
CA ARG D 194 24.26 9.40 3.29
C ARG D 194 25.53 8.65 2.92
N GLY D 195 25.72 8.37 1.63
CA GLY D 195 26.88 7.60 1.22
C GLY D 195 28.19 8.34 1.46
N ALA D 196 28.24 9.62 1.11
CA ALA D 196 29.43 10.42 1.34
C ALA D 196 29.78 10.46 2.82
N SER D 197 28.80 10.73 3.68
CA SER D 197 29.10 10.79 5.10
C SER D 197 29.56 9.42 5.60
N ALA D 198 28.96 8.34 5.11
CA ALA D 198 29.39 7.01 5.54
C ALA D 198 30.82 6.71 5.08
N LEU D 199 31.19 7.14 3.87
CA LEU D 199 32.57 6.95 3.42
C LEU D 199 33.54 7.81 4.21
N GLY D 200 33.09 8.99 4.66
CA GLY D 200 33.91 9.80 5.54
C GLY D 200 34.19 9.10 6.85
N VAL D 201 33.21 8.36 7.36
CA VAL D 201 33.45 7.52 8.54
C VAL D 201 34.53 6.49 8.23
N ALA D 202 34.32 5.70 7.17
CA ALA D 202 35.28 4.66 6.81
C ALA D 202 36.68 5.24 6.65
N LEU D 203 36.78 6.41 6.01
CA LEU D 203 38.08 7.07 5.86
C LEU D 203 38.68 7.39 7.21
N ALA D 204 37.89 7.97 8.11
CA ALA D 204 38.40 8.41 9.40
C ALA D 204 38.91 7.24 10.23
N LEU D 205 38.30 6.08 10.09
CA LEU D 205 38.59 4.93 10.93
C LEU D 205 39.55 3.94 10.27
N GLY D 206 40.01 4.20 9.06
CA GLY D 206 40.86 3.24 8.36
C GLY D 206 40.14 2.04 7.81
N GLU D 207 38.82 2.10 7.67
CA GLU D 207 38.08 1.00 7.06
C GLU D 207 38.38 0.88 5.57
N ILE D 208 38.73 1.98 4.92
CA ILE D 208 39.08 1.98 3.51
C ILE D 208 40.26 2.93 3.34
N SER D 209 41.06 2.71 2.30
CA SER D 209 42.17 3.61 2.00
C SER D 209 41.66 4.86 1.28
N ALA D 210 42.23 6.01 1.65
CA ALA D 210 41.85 7.25 1.00
C ALA D 210 42.02 7.17 -0.51
N ASP D 211 42.99 6.36 -0.98
CA ASP D 211 43.27 6.22 -2.40
C ASP D 211 42.10 5.68 -3.19
N LYS D 212 41.09 5.13 -2.54
CA LYS D 212 39.96 4.50 -3.23
C LYS D 212 38.74 5.40 -3.34
N ILE D 213 38.73 6.53 -2.65
CA ILE D 213 37.56 7.40 -2.56
C ILE D 213 37.72 8.54 -3.56
N SER D 214 36.72 8.70 -4.43
CA SER D 214 36.63 9.89 -5.28
C SER D 214 35.15 10.18 -5.49
N ASN D 215 34.88 11.36 -6.06
CA ASN D 215 33.50 11.72 -6.39
C ASN D 215 32.85 10.67 -7.29
N GLU D 216 33.63 10.08 -8.20
CA GLU D 216 33.11 9.08 -9.13
C GLU D 216 32.76 7.77 -8.43
N ALA D 217 33.43 7.44 -7.32
CA ALA D 217 33.12 6.20 -6.61
C ALA D 217 31.91 6.34 -5.69
N ILE D 218 31.51 7.57 -5.37
CA ILE D 218 30.42 7.76 -4.41
C ILE D 218 29.13 7.25 -5.01
N CYS D 219 28.45 6.35 -4.28
CA CYS D 219 27.18 5.76 -4.73
C CYS D 219 27.32 5.01 -6.05
N HIS D 220 28.53 4.53 -6.33
CA HIS D 220 28.77 3.62 -7.43
C HIS D 220 29.66 2.45 -7.01
N ASP D 221 30.65 2.68 -6.14
CA ASP D 221 31.66 1.68 -5.79
C ASP D 221 31.24 0.99 -4.48
N TRP D 222 30.20 0.17 -4.59
CA TRP D 222 29.60 -0.41 -3.40
C TRP D 222 30.53 -1.36 -2.65
N ASN D 223 31.63 -1.81 -3.25
CA ASN D 223 32.59 -2.54 -2.42
C ASN D 223 33.23 -1.64 -1.36
N LEU D 224 33.12 -0.32 -1.48
CA LEU D 224 33.60 0.60 -0.44
C LEU D 224 32.47 0.82 0.56
N TYR D 225 32.69 0.47 1.83
CA TYR D 225 31.67 0.82 2.81
C TYR D 225 32.28 0.87 4.21
N SER D 226 31.55 1.57 5.08
CA SER D 226 31.80 1.56 6.52
C SER D 226 31.07 0.39 7.16
N SER D 227 31.66 -0.13 8.24
CA SER D 227 31.07 -1.20 9.02
C SER D 227 30.42 -0.72 10.31
N VAL D 228 30.39 0.60 10.55
CA VAL D 228 29.79 1.12 11.78
C VAL D 228 28.92 2.36 11.55
N ALA D 229 29.03 2.97 10.38
CA ALA D 229 28.24 4.18 10.13
C ALA D 229 26.76 3.87 9.97
N SER D 230 25.93 4.78 10.47
CA SER D 230 24.47 4.68 10.36
C SER D 230 23.95 6.10 10.10
N THR D 231 23.70 6.41 8.83
CA THR D 231 23.44 7.78 8.39
C THR D 231 21.97 7.99 8.06
N SER D 232 21.49 9.21 8.32
CA SER D 232 20.13 9.61 8.00
C SER D 232 20.13 11.04 7.49
N ALA D 233 19.45 11.26 6.37
CA ALA D 233 19.45 12.58 5.72
C ALA D 233 18.35 13.45 6.33
N GLY D 234 18.70 14.70 6.64
CA GLY D 234 17.75 15.62 7.24
C GLY D 234 17.54 16.92 6.48
N VAL D 235 16.39 17.54 6.72
CA VAL D 235 16.04 18.76 5.99
C VAL D 235 16.45 20.03 6.71
N GLU D 236 16.69 19.96 8.01
CA GLU D 236 16.83 21.15 8.84
C GLU D 236 18.26 21.61 9.01
N LEU D 237 19.23 20.70 9.01
CA LEU D 237 20.62 21.07 9.20
C LEU D 237 21.31 21.21 7.84
N LEU D 238 22.40 21.99 7.84
CA LEU D 238 23.26 22.12 6.67
C LEU D 238 24.65 21.54 6.89
N ASN D 239 24.99 21.14 8.12
CA ASN D 239 26.24 20.48 8.45
C ASN D 239 25.97 19.00 8.69
N ASP D 240 26.97 18.29 9.21
CA ASP D 240 26.85 16.87 9.58
C ASP D 240 26.96 16.72 11.09
N GLU D 241 26.06 15.93 11.67
CA GLU D 241 26.00 15.71 13.11
C GLU D 241 26.56 14.33 13.40
N ILE D 242 27.77 14.27 13.94
CA ILE D 242 28.47 13.02 14.17
C ILE D 242 28.34 12.64 15.64
N ILE D 243 27.89 11.42 15.90
CA ILE D 243 27.87 10.87 17.26
C ILE D 243 28.61 9.53 17.23
N VAL D 244 29.81 9.52 17.78
CA VAL D 244 30.60 8.30 17.87
C VAL D 244 30.17 7.54 19.12
N VAL D 245 29.92 6.24 18.97
CA VAL D 245 29.64 5.38 20.11
C VAL D 245 30.66 4.25 20.13
N GLY D 246 31.30 4.06 21.26
CA GLY D 246 32.33 3.04 21.38
C GLY D 246 32.69 2.73 22.80
N ASN D 247 33.91 2.27 22.99
CA ASN D 247 34.40 1.86 24.30
C ASN D 247 35.73 2.55 24.56
N SER D 248 35.85 3.18 25.71
CA SER D 248 37.02 3.95 26.09
C SER D 248 37.62 3.34 27.35
N THR D 249 38.95 3.32 27.44
CA THR D 249 39.58 2.82 28.66
C THR D 249 39.25 3.69 29.87
N ASN D 250 38.85 4.94 29.64
CA ASN D 250 38.54 5.88 30.71
C ASN D 250 37.04 6.20 30.66
N SER D 251 36.25 5.29 31.25
CA SER D 251 34.80 5.46 31.31
C SER D 251 34.28 4.64 32.48
N ALA D 252 33.24 5.14 33.14
CA ALA D 252 32.65 4.43 34.26
C ALA D 252 31.39 3.66 33.87
N SER D 253 31.08 3.57 32.59
CA SER D 253 29.83 2.96 32.16
C SER D 253 29.76 1.49 32.58
N ASP D 254 28.57 1.06 32.94
CA ASP D 254 28.26 -0.34 33.15
C ASP D 254 27.79 -1.02 31.87
N LEU D 255 28.17 -0.48 30.71
CA LEU D 255 27.71 -0.97 29.42
C LEU D 255 28.88 -0.99 28.46
N VAL D 256 28.77 -1.84 27.44
CA VAL D 256 29.73 -1.89 26.34
C VAL D 256 28.94 -1.93 25.04
N ILE D 257 29.66 -1.71 23.93
CA ILE D 257 29.09 -1.86 22.60
C ILE D 257 29.99 -2.75 21.76
N GLY D 258 29.38 -3.58 20.92
CA GLY D 258 30.10 -4.39 19.96
C GLY D 258 29.37 -4.30 18.63
N HIS D 259 29.96 -4.91 17.61
CA HIS D 259 29.26 -4.86 16.34
C HIS D 259 29.71 -5.96 15.41
N SER D 260 28.94 -6.11 14.32
CA SER D 260 29.32 -6.90 13.18
C SER D 260 28.68 -6.25 11.95
N VAL D 261 28.69 -6.99 10.84
CA VAL D 261 28.11 -6.51 9.60
C VAL D 261 27.26 -7.62 8.99
N MET D 262 25.98 -7.36 8.80
CA MET D 262 25.13 -8.28 8.08
C MET D 262 25.57 -8.28 6.63
N LYS D 263 25.96 -9.44 6.13
CA LYS D 263 26.36 -9.56 4.73
C LYS D 263 25.15 -9.53 3.80
N ASP D 264 23.97 -9.86 4.34
CA ASP D 264 22.71 -9.73 3.63
C ASP D 264 21.58 -9.67 4.66
N ALA D 265 20.34 -9.62 4.16
CA ALA D 265 19.19 -9.33 5.02
C ALA D 265 18.84 -10.49 5.95
N ILE D 266 19.37 -11.70 5.69
CA ILE D 266 19.01 -12.85 6.51
C ILE D 266 20.22 -13.41 7.26
N ASP D 267 21.25 -12.58 7.44
CA ASP D 267 22.51 -13.02 8.03
C ASP D 267 22.42 -13.02 9.57
N ALA D 268 21.83 -14.10 10.08
CA ALA D 268 21.74 -14.29 11.52
C ALA D 268 23.11 -14.54 12.13
N ASP D 269 24.04 -15.09 11.35
CA ASP D 269 25.40 -15.29 11.85
C ASP D 269 26.02 -13.96 12.31
N ALA D 270 25.80 -12.89 11.56
CA ALA D 270 26.31 -11.58 11.92
C ALA D 270 25.65 -11.05 13.18
N VAL D 271 24.37 -11.35 13.35
CA VAL D 271 23.68 -10.93 14.56
C VAL D 271 24.33 -11.59 15.78
N ARG D 272 24.56 -12.89 15.71
CA ARG D 272 25.25 -13.57 16.81
C ARG D 272 26.66 -13.05 17.01
N ALA D 273 27.38 -12.75 15.93
CA ALA D 273 28.73 -12.20 16.08
C ALA D 273 28.69 -10.86 16.80
N ALA D 274 27.75 -9.99 16.42
CA ALA D 274 27.63 -8.70 17.10
C ALA D 274 27.36 -8.89 18.59
N LEU D 275 26.51 -9.86 18.92
CA LEU D 275 26.20 -10.15 20.32
C LEU D 275 27.46 -10.59 21.07
N LYS D 276 28.23 -11.48 20.47
CA LYS D 276 29.45 -11.96 21.11
C LYS D 276 30.47 -10.84 21.25
N ASP D 277 30.62 -10.01 20.22
CA ASP D 277 31.51 -8.86 20.31
C ASP D 277 31.11 -7.92 21.44
N ALA D 278 29.83 -7.94 21.85
CA ALA D 278 29.34 -7.12 22.95
C ALA D 278 29.30 -7.90 24.27
N GLY D 279 29.83 -9.12 24.30
CA GLY D 279 29.93 -9.86 25.54
C GLY D 279 28.77 -10.77 25.85
N ILE D 280 27.87 -10.97 24.91
CA ILE D 280 26.74 -11.87 25.07
C ILE D 280 27.14 -13.15 24.33
N ARG D 281 27.52 -14.17 25.08
CA ARG D 281 28.10 -15.38 24.48
C ARG D 281 27.17 -16.58 24.52
N SER D 282 25.95 -16.43 25.04
CA SER D 282 25.01 -17.54 25.12
C SER D 282 23.58 -17.01 25.12
N ASP D 283 22.66 -17.88 24.71
CA ASP D 283 21.24 -17.51 24.71
C ASP D 283 20.77 -17.07 26.08
N ASP D 284 21.40 -17.56 27.14
CA ASP D 284 20.96 -17.22 28.49
C ASP D 284 21.26 -15.77 28.85
N GLU D 285 22.30 -15.18 28.25
CA GLU D 285 22.72 -13.82 28.56
C GLU D 285 21.99 -12.76 27.72
N MET D 286 20.91 -13.14 27.04
CA MET D 286 20.29 -12.21 26.10
C MET D 286 19.61 -11.06 26.82
N ASP D 287 19.20 -11.26 28.07
CA ASP D 287 18.58 -10.23 28.89
C ASP D 287 19.51 -9.06 29.19
N ARG D 288 20.80 -9.18 28.85
CA ARG D 288 21.71 -8.05 29.03
C ARG D 288 21.65 -7.08 27.87
N ILE D 289 20.93 -7.40 26.80
CA ILE D 289 20.83 -6.46 25.70
C ILE D 289 20.14 -5.19 26.17
N VAL D 290 20.73 -4.05 25.83
CA VAL D 290 20.03 -2.76 25.93
C VAL D 290 19.30 -2.42 24.63
N ASN D 291 20.00 -2.46 23.51
CA ASN D 291 19.35 -2.41 22.22
C ASN D 291 20.28 -2.97 21.17
N VAL D 292 19.69 -3.31 20.04
CA VAL D 292 20.38 -3.70 18.82
C VAL D 292 20.08 -2.62 17.79
N LEU D 293 21.09 -2.20 17.04
CA LEU D 293 20.98 -1.08 16.10
C LEU D 293 21.54 -1.54 14.77
N ALA D 294 20.69 -1.58 13.75
CA ALA D 294 21.05 -2.22 12.49
C ALA D 294 20.51 -1.44 11.31
N LYS D 295 21.09 -1.68 10.15
CA LYS D 295 20.71 -1.09 8.88
C LYS D 295 20.20 -2.20 7.96
N ALA D 296 19.14 -1.91 7.21
CA ALA D 296 18.50 -2.87 6.30
C ALA D 296 18.42 -2.24 4.93
N GLU D 297 18.59 -3.03 3.86
CA GLU D 297 18.33 -2.49 2.54
C GLU D 297 18.09 -3.62 1.54
N ALA D 298 17.31 -3.33 0.53
CA ALA D 298 17.08 -4.28 -0.56
C ALA D 298 18.33 -4.34 -1.43
N ALA D 299 18.79 -5.55 -1.70
CA ALA D 299 19.95 -5.72 -2.57
C ALA D 299 19.64 -5.27 -3.99
N SER D 300 20.60 -4.56 -4.61
CA SER D 300 20.38 -4.03 -5.96
C SER D 300 20.18 -5.12 -7.01
N SER D 301 20.66 -6.36 -6.78
CA SER D 301 20.52 -7.45 -7.73
C SER D 301 19.11 -8.01 -7.82
N GLY D 302 18.28 -7.70 -6.84
CA GLY D 302 16.95 -8.28 -6.81
C GLY D 302 16.91 -9.69 -6.25
N THR D 303 18.00 -10.15 -5.63
CA THR D 303 18.14 -11.52 -5.17
C THR D 303 18.79 -11.50 -3.80
N VAL D 304 18.53 -12.55 -3.02
CA VAL D 304 19.22 -12.86 -1.78
C VAL D 304 19.65 -14.32 -1.86
N ARG D 305 20.94 -14.58 -1.68
CA ARG D 305 21.51 -15.94 -1.77
C ARG D 305 21.01 -16.70 -3.00
N GLY D 306 21.06 -16.02 -4.14
CA GLY D 306 20.70 -16.60 -5.41
C GLY D 306 19.22 -16.77 -5.63
N ARG D 307 18.38 -16.23 -4.75
CA ARG D 307 16.94 -16.39 -4.83
C ARG D 307 16.26 -15.05 -5.09
N ARG D 308 15.46 -15.01 -6.13
CA ARG D 308 14.77 -13.78 -6.48
C ARG D 308 13.80 -13.35 -5.39
N ASN D 309 13.64 -12.04 -5.22
CA ASN D 309 12.47 -11.56 -4.49
C ASN D 309 11.91 -10.35 -5.22
N THR D 310 10.74 -9.91 -4.80
CA THR D 310 9.97 -8.90 -5.51
C THR D 310 10.15 -7.49 -4.93
N MET D 311 11.05 -7.29 -3.97
CA MET D 311 11.09 -6.00 -3.27
C MET D 311 11.21 -4.83 -4.26
N LEU D 312 12.08 -4.96 -5.22
CA LEU D 312 12.36 -3.87 -6.13
C LEU D 312 11.32 -3.74 -7.23
N ASP D 313 10.45 -4.75 -7.37
CA ASP D 313 9.40 -4.75 -8.38
C ASP D 313 8.00 -4.49 -7.80
N ASP D 314 7.87 -4.43 -6.49
CA ASP D 314 6.58 -4.41 -5.83
C ASP D 314 6.08 -2.98 -5.79
N SER D 315 5.11 -2.66 -6.66
CA SER D 315 4.63 -1.29 -6.73
C SER D 315 3.68 -0.93 -5.58
N ASP D 316 3.26 -1.90 -4.76
CA ASP D 316 2.33 -1.59 -3.67
C ASP D 316 3.04 -1.31 -2.36
N ILE D 317 4.23 -1.86 -2.19
CA ILE D 317 4.97 -1.77 -0.93
C ILE D 317 6.40 -1.30 -1.21
N ASN D 318 6.77 -0.15 -0.68
CA ASN D 318 8.10 0.36 -0.96
C ASN D 318 9.18 -0.57 -0.41
N HIS D 319 10.26 -0.74 -1.19
CA HIS D 319 11.23 -1.78 -0.87
C HIS D 319 11.94 -1.51 0.45
N THR D 320 12.08 -0.26 0.88
CA THR D 320 12.72 -0.01 2.18
C THR D 320 11.87 -0.53 3.34
N ARG D 321 10.54 -0.52 3.17
CA ARG D 321 9.66 -1.05 4.20
C ARG D 321 9.85 -2.54 4.35
N SER D 322 9.97 -3.24 3.22
CA SER D 322 10.14 -4.68 3.26
C SER D 322 11.49 -5.05 3.86
N ALA D 323 12.54 -4.31 3.49
CA ALA D 323 13.86 -4.62 4.02
C ALA D 323 13.89 -4.48 5.54
N ARG D 324 13.24 -3.43 6.06
CA ARG D 324 13.16 -3.24 7.50
C ARG D 324 12.40 -4.38 8.19
N ALA D 325 11.26 -4.78 7.62
CA ALA D 325 10.52 -5.93 8.18
C ALA D 325 11.39 -7.18 8.24
N VAL D 326 12.13 -7.47 7.18
CA VAL D 326 12.90 -8.71 7.12
C VAL D 326 14.02 -8.68 8.17
N VAL D 327 14.83 -7.61 8.16
CA VAL D 327 15.98 -7.58 9.06
C VAL D 327 15.52 -7.54 10.51
N ASN D 328 14.44 -6.82 10.81
CA ASN D 328 13.92 -6.84 12.17
C ASN D 328 13.55 -8.25 12.56
N ALA D 329 12.91 -8.98 11.65
CA ALA D 329 12.43 -10.31 11.98
C ALA D 329 13.59 -11.24 12.27
N VAL D 330 14.66 -11.12 11.48
CA VAL D 330 15.83 -11.96 11.67
C VAL D 330 16.46 -11.68 13.02
N ILE D 331 16.67 -10.40 13.35
CA ILE D 331 17.30 -10.05 14.63
C ILE D 331 16.42 -10.51 15.79
N ALA D 332 15.11 -10.22 15.71
CA ALA D 332 14.19 -10.62 16.74
C ALA D 332 14.22 -12.13 16.97
N SER D 333 14.43 -12.91 15.91
CA SER D 333 14.43 -14.36 16.07
C SER D 333 15.68 -14.85 16.74
N VAL D 334 16.75 -14.06 16.69
CA VAL D 334 17.96 -14.42 17.41
C VAL D 334 17.87 -14.00 18.87
N VAL D 335 17.41 -12.77 19.13
CA VAL D 335 17.41 -12.25 20.50
C VAL D 335 16.09 -12.43 21.23
N GLY D 336 15.04 -12.86 20.54
CA GLY D 336 13.79 -13.11 21.21
C GLY D 336 13.00 -11.86 21.55
N ASP D 337 13.19 -10.79 20.79
CA ASP D 337 12.66 -9.47 21.13
C ASP D 337 12.65 -8.60 19.89
N PRO D 338 11.46 -8.24 19.37
CA PRO D 338 11.40 -7.41 18.17
C PRO D 338 11.55 -5.91 18.43
N MET D 339 11.76 -5.50 19.68
CA MET D 339 11.92 -4.09 20.00
C MET D 339 13.40 -3.72 19.86
N VAL D 340 13.84 -3.67 18.61
CA VAL D 340 15.20 -3.28 18.27
C VAL D 340 15.13 -2.25 17.15
N TYR D 341 16.21 -1.47 17.00
CA TYR D 341 16.23 -0.35 16.06
C TYR D 341 16.76 -0.83 14.70
N VAL D 342 15.89 -0.83 13.68
CA VAL D 342 16.29 -1.15 12.32
C VAL D 342 15.89 0.00 11.41
N SER D 343 16.89 0.64 10.78
CA SER D 343 16.64 1.74 9.86
C SER D 343 17.09 1.38 8.46
N GLY D 344 16.56 2.14 7.48
CA GLY D 344 16.87 1.99 6.08
C GLY D 344 17.81 3.07 5.55
N GLY D 345 18.16 2.91 4.27
CA GLY D 345 19.11 3.81 3.65
C GLY D 345 20.56 3.51 4.01
N ALA D 346 21.14 2.47 3.39
CA ALA D 346 22.41 1.92 3.84
C ALA D 346 23.52 2.05 2.80
N GLU D 347 23.55 3.17 2.08
CA GLU D 347 24.59 3.41 1.09
C GLU D 347 25.98 3.46 1.73
N HIS D 348 26.87 2.58 1.27
CA HIS D 348 28.23 2.49 1.80
C HIS D 348 28.24 2.22 3.30
N GLN D 349 27.15 1.61 3.77
CA GLN D 349 27.02 1.12 5.14
C GLN D 349 26.79 -0.38 5.03
N GLY D 350 27.83 -1.16 5.26
CA GLY D 350 27.77 -2.57 4.95
C GLY D 350 27.75 -2.75 3.46
N PRO D 351 27.83 -3.98 2.99
CA PRO D 351 27.79 -4.23 1.54
C PRO D 351 26.39 -3.98 0.98
N ASP D 352 26.31 -3.99 -0.34
CA ASP D 352 25.05 -3.86 -1.05
C ASP D 352 24.12 -4.97 -0.61
N GLY D 353 22.97 -4.60 -0.07
CA GLY D 353 22.05 -5.56 0.46
C GLY D 353 22.29 -5.94 1.92
N GLY D 354 23.34 -5.40 2.54
CA GLY D 354 23.58 -5.66 3.95
C GLY D 354 23.64 -4.37 4.74
N GLY D 355 24.12 -4.43 5.97
CA GLY D 355 24.25 -3.25 6.79
C GLY D 355 24.96 -3.55 8.10
N PRO D 356 25.49 -2.50 8.73
CA PRO D 356 26.09 -2.68 10.06
C PRO D 356 25.06 -3.11 11.08
N ILE D 357 25.54 -3.80 12.12
CA ILE D 357 24.67 -4.15 13.24
C ILE D 357 25.49 -4.03 14.52
N ALA D 358 25.00 -3.19 15.44
CA ALA D 358 25.67 -2.95 16.70
C ALA D 358 24.76 -3.41 17.83
N VAL D 359 25.38 -3.78 18.95
CA VAL D 359 24.71 -4.25 20.15
C VAL D 359 25.28 -3.47 21.34
N ILE D 360 24.40 -2.84 22.11
CA ILE D 360 24.75 -2.25 23.39
C ILE D 360 24.25 -3.18 24.48
N ALA D 361 25.14 -3.54 25.42
CA ALA D 361 24.81 -4.55 26.41
C ALA D 361 25.29 -4.16 27.79
N ARG D 362 24.56 -4.61 28.80
CA ARG D 362 25.00 -4.50 30.18
C ARG D 362 26.22 -5.39 30.39
N VAL D 363 27.09 -4.97 31.30
CA VAL D 363 28.25 -5.79 31.65
C VAL D 363 27.83 -6.92 32.58
#